data_6NM6
#
_entry.id   6NM6
#
_cell.length_a   128.240
_cell.length_b   128.240
_cell.length_c   315.770
_cell.angle_alpha   90.000
_cell.angle_beta   90.000
_cell.angle_gamma   120.000
#
_symmetry.space_group_name_H-M   'P 63'
#
loop_
_entity.id
_entity.type
_entity.pdbx_description
1 polymer 'Envelope glycoprotein gp41'
2 polymer '35O22 scFv heavy chain'
3 polymer '35O22 scFv light chain'
4 polymer 'Envelope glycoprotein gp120'
5 polymer '3H109L Fab heavy chain'
6 polymer '3H109L Fab light chain'
7 polymer 'N6 FR3-03 heavy chain'
8 polymer 'N6 FR3-03 light chain'
9 branched alpha-D-mannopyranose-(1-3)-alpha-D-mannopyranose-(1-6)-[alpha-D-mannopyranose-(1-3)]beta-D-mannopyranose-(1-4)-2-acetamido-2-deoxy-beta-D-glucopyranose-(1-4)-2-acetamido-2-deoxy-beta-D-glucopyranose
10 branched 2-acetamido-2-deoxy-beta-D-glucopyranose-(1-4)-2-acetamido-2-deoxy-beta-D-glucopyranose
11 branched alpha-D-mannopyranose-(1-3)-[alpha-D-mannopyranose-(1-6)]beta-D-mannopyranose-(1-4)-2-acetamido-2-deoxy-beta-D-glucopyranose-(1-4)-2-acetamido-2-deoxy-beta-D-glucopyranose
12 branched alpha-D-mannopyranose-(1-6)-beta-D-mannopyranose-(1-4)-2-acetamido-2-deoxy-beta-D-glucopyranose-(1-4)-2-acetamido-2-deoxy-beta-D-glucopyranose
13 branched alpha-D-mannopyranose-(1-2)-alpha-D-mannopyranose-(1-2)-alpha-D-mannopyranose-(1-3)-[alpha-D-mannopyranose-(1-2)-alpha-D-mannopyranose-(1-6)-[alpha-D-mannopyranose-(1-3)]alpha-D-mannopyranose-(1-6)]beta-D-mannopyranose-(1-4)-2-acetamido-2-deoxy-beta-D-glucopyranose-(1-4)-2-acetamido-2-deoxy-beta-D-glucopyranose
14 non-polymer 2-acetamido-2-deoxy-beta-D-glucopyranose
15 water water
#
loop_
_entity_poly.entity_id
_entity_poly.type
_entity_poly.pdbx_seq_one_letter_code
_entity_poly.pdbx_strand_id
1 'polypeptide(L)'
;AVGIGAVFLGFLGAAGSTMGAASMTLTVQARNLLSGIVQQQSNLLRAPEAQQHLLKLTVWGIKQLQARVLAVERYLRDQQ
LLGIWGCSGKLICCTNVPWNSSWSNRNLSEIWDNMTWLQWDKEISNYTQIIYGLLEESQNQQEKNEQDLLALD
;
B
2 'polypeptide(L)'
;QGQLVQSGATTTKPGSSVKISCKTSGYRFNFYHINWIRQTAGRGPEWMGWISPYSGDKNLAPAFQDRVNMTTDTEVPVTS
FTSTGAAYMEIRNLTSDDTGTYFCAKGLLRDGSSTWLPYLWGQGTLLTVSSASTGGGGSGGGGSGGGGSGGGG
;
D
3 'polypeptide(L)'
;SQSVLTQSASVSGSLGQSVTISCTGPNSVCCSHKSISWYQWPPGRAPTLIIYEDNERAPGISPRFSGYKSYWSAYLTISD
LRPEDETTYYCCSYTHNSGCVFGTGTKVSVLGQSGGLVPRGSHHHHHHHH
;
E
4 'polypeptide(L)'
;AENLWVTVYYGVPVWKDAETTLFCASDAKAYETEKHNVWATHACVPTDPNPQEIHLENVTEEFNMWKNNMVEQMHTDIIS
LWDQSLKPCVKLTPLCVTLQCTNVTNAITDDMRGELKNCSFNMTTELRDKKQKVYSLFYRLDVVQINENQGNRSNNSNKE
YRLINCNTSAITQACPKVSFEPIPIHYCAPAGFAILKCKDKKFNGTGPCPSVSTVQCTHGIKPVVSTQLLLNGSLAEEEV
MIRSENITNNAKNILVQFNTPVQINCTRPNNNTRKSIRIGPGQAFYATGDIIGDIRQAHCNVSKATWNETLGKVVKQLRK
HFGNNTIIRFANSSGGDLEVTTHSFNCGGEFFYCNTSGLFNSTWISNTSVQGSNSTGSNDSITLPCRIKQIINMWQRIGQ
AMYAPPIQGVIRCVSNITGLILTRDGGSTNSTTETFRPGGGDMRDNWRSELYKYKVVKIEPLGVAPTRCKRRVVGRRRRR
R
;
G
5 'polypeptide(L)'
;QVQLQESGPGLVKPSETLSLTCTVSGGSISNYYWSWIRQSPGKGLEWIGYISDSESTNYNPSLKSRVIISVDTSKNQLSL
KLNSVTAADSAIYYCARAQQGKRIYGMVSFGEFFYYYYMDVWGKGTTVTVSSASTKGPSVFPLAPSSKSTSGGTAALGCL
VKDYFPEPVTVSWNSGALTSGVHTFPAVLQSSGLYSLSSVVTVPSSSLGTQTYICNVNHKPSNTKVDKKVEPKSCDKGLE
VLFQ
;
H
6 'polypeptide(L)'
;SVTSYVRPLSVALGETASISCGRQALGSRAVQWYQHRPGQAPILLIYNNQDRPSGIPERFSGTPDINFGTRATLTISGVE
AGDEADYYCHMWDSRSGFSWSFGGATRLTVLGQPKAAPSVTLFPPSSEELQANKATLVCLISDFYPGAVTVAWKADSSPV
KAGVETTTPSKQSNNKYAASSYLSLTPMQWKMHKSYSCQVTHEGSTVEKTVAPTECS
;
L
7 'polypeptide(L)'
;RAHLVQSGTAMKKPGASVRVSCQTSGYTFTAHILFWFRQAPGRGLEWVGWIKPQYGAVNFGGGFRDRVTLTRQLSQDPDD
PDWGIAYMDIRGLKPDDTAVYYCARDRSYGDSSWALDAWGQGTTVVVSAGGLVPRGSHHHHHHHH
;
U
8 'polypeptide(L)'
;YIHVTQSPSSLSVSIGDRVTINCQTSQGVGSDLHWYQHKPGRAPKLLIHHTSSVEDGVPSRFSGSGFHTSFNLTISDLQA
DDIATYYCQVLQFFGRGSRLHIKGGGGSGGGGSGGGGSGGGG
;
V
#
loop_
_chem_comp.id
_chem_comp.type
_chem_comp.name
_chem_comp.formula
BMA D-saccharide, beta linking beta-D-mannopyranose 'C6 H12 O6'
MAN D-saccharide, alpha linking alpha-D-mannopyranose 'C6 H12 O6'
NAG D-saccharide, beta linking 2-acetamido-2-deoxy-beta-D-glucopyranose 'C8 H15 N O6'
#
# COMPACT_ATOMS: atom_id res chain seq x y z
N VAL A 7 -25.63 -43.15 -3.26
CA VAL A 7 -24.99 -41.85 -3.08
C VAL A 7 -25.01 -41.09 -4.41
N PHE A 8 -24.77 -39.78 -4.34
CA PHE A 8 -24.65 -38.91 -5.52
C PHE A 8 -23.39 -38.07 -5.30
N LEU A 9 -22.27 -38.54 -5.84
CA LEU A 9 -20.99 -37.87 -5.59
C LEU A 9 -20.89 -36.53 -6.31
N GLY A 10 -21.51 -36.40 -7.47
CA GLY A 10 -21.42 -35.18 -8.26
C GLY A 10 -20.47 -35.31 -9.42
N PHE A 11 -20.25 -34.18 -10.08
CA PHE A 11 -19.38 -34.14 -11.26
C PHE A 11 -17.95 -34.53 -10.88
N LEU A 12 -17.43 -35.56 -11.54
CA LEU A 12 -16.11 -36.12 -11.26
C LEU A 12 -16.00 -36.63 -9.82
N GLY A 13 -17.12 -36.96 -9.19
CA GLY A 13 -17.09 -37.36 -7.79
C GLY A 13 -16.24 -38.59 -7.55
N ALA A 14 -16.40 -39.60 -8.40
CA ALA A 14 -15.63 -40.84 -8.30
C ALA A 14 -14.30 -40.75 -9.04
N ALA A 15 -13.66 -39.58 -9.04
CA ALA A 15 -12.37 -39.45 -9.73
C ALA A 15 -11.29 -40.26 -9.05
N GLY A 16 -11.35 -40.40 -7.72
CA GLY A 16 -10.43 -41.23 -6.98
C GLY A 16 -10.94 -42.61 -6.64
N SER A 17 -12.14 -42.96 -7.10
CA SER A 17 -12.71 -44.28 -6.85
C SER A 17 -12.23 -45.26 -7.91
N THR A 18 -12.43 -46.56 -7.62
CA THR A 18 -12.02 -47.61 -8.53
C THR A 18 -12.79 -47.51 -9.84
N MET A 19 -12.23 -48.11 -10.89
CA MET A 19 -12.86 -48.06 -12.21
C MET A 19 -14.22 -48.75 -12.20
N GLY A 20 -14.41 -49.73 -11.33
CA GLY A 20 -15.71 -50.38 -11.25
C GLY A 20 -16.77 -49.51 -10.62
N ALA A 21 -16.38 -48.72 -9.60
CA ALA A 21 -17.33 -47.82 -8.97
C ALA A 21 -17.67 -46.65 -9.88
N ALA A 22 -16.67 -46.10 -10.58
CA ALA A 22 -16.91 -44.93 -11.42
C ALA A 22 -17.70 -45.28 -12.67
N SER A 23 -17.62 -46.53 -13.13
CA SER A 23 -18.34 -46.93 -14.33
C SER A 23 -19.85 -46.92 -14.16
N MET A 24 -20.34 -46.79 -12.93
CA MET A 24 -21.77 -46.65 -12.68
C MET A 24 -22.23 -45.20 -12.63
N THR A 25 -21.29 -44.26 -12.52
CA THR A 25 -21.63 -42.84 -12.47
C THR A 25 -21.17 -42.14 -13.74
N LEU A 26 -21.60 -42.64 -14.89
CA LEU A 26 -21.18 -42.08 -16.17
C LEU A 26 -22.10 -40.95 -16.65
N THR A 27 -23.41 -41.09 -16.45
CA THR A 27 -24.34 -40.05 -16.88
C THR A 27 -24.15 -38.75 -16.10
N VAL A 28 -23.45 -38.79 -14.96
CA VAL A 28 -23.14 -37.57 -14.22
C VAL A 28 -22.19 -36.69 -15.03
N GLN A 29 -21.07 -37.27 -15.49
CA GLN A 29 -20.13 -36.53 -16.32
C GLN A 29 -20.61 -36.36 -17.75
N ALA A 30 -21.62 -37.13 -18.17
CA ALA A 30 -22.15 -36.98 -19.52
C ALA A 30 -23.07 -35.77 -19.64
N ARG A 31 -23.75 -35.39 -18.57
CA ARG A 31 -24.61 -34.21 -18.60
C ARG A 31 -23.78 -32.94 -18.78
N ASN A 32 -22.76 -32.76 -17.96
CA ASN A 32 -22.01 -31.52 -17.88
C ASN A 32 -20.89 -31.43 -18.91
N LEU A 33 -20.92 -32.27 -19.95
CA LEU A 33 -19.94 -32.20 -21.01
C LEU A 33 -20.32 -31.23 -22.12
N LEU A 34 -21.59 -30.79 -22.15
CA LEU A 34 -22.05 -29.88 -23.19
C LEU A 34 -22.78 -28.65 -22.65
N SER A 35 -23.23 -28.66 -21.40
CA SER A 35 -23.91 -27.51 -20.80
C SER A 35 -23.05 -26.88 -19.71
N GLY A 36 -22.84 -27.58 -18.61
CA GLY A 36 -22.01 -27.07 -17.52
C GLY A 36 -22.53 -27.57 -16.18
N ILE A 37 -21.63 -27.59 -15.20
CA ILE A 37 -21.99 -28.03 -13.85
C ILE A 37 -22.65 -26.90 -13.08
N THR A 58 -17.10 -6.14 -25.37
CA THR A 58 -16.94 -7.18 -26.38
C THR A 58 -15.59 -7.87 -26.27
N VAL A 59 -14.97 -7.77 -25.08
CA VAL A 59 -13.76 -8.53 -24.79
C VAL A 59 -14.11 -10.01 -24.81
N TRP A 60 -14.79 -10.46 -23.76
CA TRP A 60 -15.29 -11.84 -23.68
C TRP A 60 -16.66 -11.98 -24.32
N GLY A 61 -16.89 -11.32 -25.45
CA GLY A 61 -18.01 -11.65 -26.30
C GLY A 61 -17.49 -12.47 -27.45
N ILE A 62 -16.31 -12.09 -27.93
CA ILE A 62 -15.57 -12.92 -28.88
C ILE A 62 -14.75 -14.01 -28.19
N LYS A 63 -14.40 -13.82 -26.92
CA LYS A 63 -13.76 -14.90 -26.16
C LYS A 63 -14.77 -15.90 -25.63
N GLN A 64 -16.01 -15.45 -25.38
CA GLN A 64 -17.06 -16.38 -24.98
C GLN A 64 -17.55 -17.21 -26.16
N LEU A 65 -17.78 -16.55 -27.31
CA LEU A 65 -18.17 -17.28 -28.51
C LEU A 65 -17.08 -18.22 -28.96
N GLN A 66 -15.81 -17.87 -28.72
CA GLN A 66 -14.72 -18.77 -29.04
C GLN A 66 -14.77 -20.03 -28.19
N ALA A 67 -15.36 -19.95 -27.00
CA ALA A 67 -15.51 -21.09 -26.12
C ALA A 67 -16.76 -21.90 -26.42
N ARG A 68 -17.85 -21.23 -26.80
CA ARG A 68 -19.09 -21.93 -27.15
C ARG A 68 -18.96 -22.73 -28.44
N VAL A 69 -17.97 -22.41 -29.28
CA VAL A 69 -17.70 -23.21 -30.46
C VAL A 69 -16.76 -24.37 -30.15
N LEU A 70 -15.75 -24.12 -29.31
CA LEU A 70 -14.81 -25.17 -28.95
C LEU A 70 -15.51 -26.30 -28.19
N ALA A 71 -16.47 -25.96 -27.33
CA ALA A 71 -17.16 -26.97 -26.54
C ALA A 71 -17.93 -27.94 -27.43
N VAL A 72 -18.55 -27.43 -28.50
CA VAL A 72 -19.32 -28.29 -29.39
C VAL A 72 -18.39 -29.18 -30.22
N GLU A 73 -17.25 -28.63 -30.66
CA GLU A 73 -16.34 -29.40 -31.49
C GLU A 73 -15.71 -30.55 -30.73
N ARG A 74 -15.32 -30.32 -29.47
CA ARG A 74 -14.80 -31.41 -28.65
C ARG A 74 -15.86 -32.47 -28.41
N TYR A 75 -17.11 -32.04 -28.23
CA TYR A 75 -18.19 -32.99 -27.99
C TYR A 75 -18.50 -33.81 -29.24
N LEU A 76 -18.53 -33.16 -30.41
CA LEU A 76 -18.86 -33.88 -31.63
C LEU A 76 -17.75 -34.83 -32.06
N ARG A 77 -16.50 -34.56 -31.67
CA ARG A 77 -15.43 -35.51 -31.94
C ARG A 77 -15.64 -36.80 -31.13
N ASP A 78 -15.95 -36.66 -29.85
CA ASP A 78 -16.20 -37.84 -29.03
C ASP A 78 -17.44 -38.59 -29.50
N GLN A 79 -18.46 -37.85 -29.95
CA GLN A 79 -19.62 -38.50 -30.55
C GLN A 79 -19.34 -39.03 -31.95
N GLN A 80 -18.31 -38.52 -32.62
CA GLN A 80 -17.93 -39.06 -33.92
C GLN A 80 -17.30 -40.44 -33.77
N LEU A 81 -16.38 -40.60 -32.81
CA LEU A 81 -15.74 -41.88 -32.60
C LEU A 81 -16.75 -42.92 -32.12
N LEU A 82 -17.68 -42.53 -31.25
CA LEU A 82 -18.72 -43.45 -30.81
C LEU A 82 -19.61 -43.90 -31.97
N GLY A 83 -19.76 -43.05 -32.99
CA GLY A 83 -20.61 -43.38 -34.12
C GLY A 83 -19.98 -44.35 -35.10
N ILE A 84 -18.66 -44.25 -35.27
CA ILE A 84 -17.93 -45.14 -36.16
C ILE A 84 -17.41 -46.38 -35.45
N TRP A 85 -17.78 -46.57 -34.17
CA TRP A 85 -17.48 -47.81 -33.45
C TRP A 85 -18.73 -48.64 -33.19
N GLY A 86 -19.90 -48.14 -33.58
CA GLY A 86 -21.17 -48.76 -33.30
C GLY A 86 -21.72 -48.47 -31.93
N CYS A 87 -21.13 -47.53 -31.20
CA CYS A 87 -21.53 -47.23 -29.83
C CYS A 87 -22.34 -45.95 -29.71
N SER A 88 -22.89 -45.46 -30.83
CA SER A 88 -23.69 -44.24 -30.81
C SER A 88 -24.91 -44.43 -29.93
N GLY A 89 -24.99 -43.64 -28.86
CA GLY A 89 -26.05 -43.76 -27.88
C GLY A 89 -25.71 -44.63 -26.69
N LYS A 90 -24.56 -45.30 -26.71
CA LYS A 90 -24.13 -46.17 -25.62
C LYS A 90 -23.20 -45.42 -24.67
N LEU A 91 -23.30 -45.77 -23.38
CA LEU A 91 -22.34 -45.33 -22.37
C LEU A 91 -21.34 -46.43 -22.05
N ILE A 92 -21.82 -47.65 -21.81
CA ILE A 92 -20.99 -48.84 -21.73
C ILE A 92 -21.25 -49.65 -22.99
N CYS A 93 -20.21 -49.85 -23.79
CA CYS A 93 -20.34 -50.44 -25.12
C CYS A 93 -19.33 -51.56 -25.27
N CYS A 94 -19.82 -52.77 -25.53
CA CYS A 94 -18.97 -53.93 -25.74
C CYS A 94 -18.65 -54.07 -27.22
N THR A 95 -17.42 -54.49 -27.52
CA THR A 95 -16.94 -54.51 -28.90
C THR A 95 -16.50 -55.90 -29.33
N ASN A 96 -15.73 -55.97 -30.42
CA ASN A 96 -15.21 -57.23 -30.93
C ASN A 96 -13.69 -57.34 -30.80
N VAL A 97 -12.99 -56.24 -30.54
CA VAL A 97 -11.54 -56.25 -30.44
C VAL A 97 -11.12 -56.94 -29.14
N PRO A 98 -10.43 -58.08 -29.21
CA PRO A 98 -9.96 -58.73 -27.98
C PRO A 98 -8.82 -57.96 -27.36
N TRP A 99 -8.73 -58.05 -26.04
CA TRP A 99 -7.73 -57.28 -25.31
C TRP A 99 -6.35 -57.90 -25.51
N ASN A 100 -5.49 -57.17 -26.22
CA ASN A 100 -4.10 -57.57 -26.37
C ASN A 100 -3.39 -57.44 -25.03
N SER A 101 -2.80 -58.53 -24.55
CA SER A 101 -2.09 -58.50 -23.28
C SER A 101 -0.87 -57.58 -23.33
N SER A 102 -0.38 -57.24 -24.53
CA SER A 102 0.72 -56.30 -24.64
C SER A 102 0.32 -54.89 -24.19
N TRP A 103 -0.96 -54.54 -24.35
CA TRP A 103 -1.43 -53.24 -23.90
C TRP A 103 -1.35 -53.12 -22.38
N SER A 104 -1.85 -54.14 -21.67
CA SER A 104 -1.74 -54.20 -20.22
C SER A 104 -1.98 -55.62 -19.77
N ASN A 105 -0.96 -56.26 -19.21
CA ASN A 105 -1.07 -57.63 -18.73
C ASN A 105 -1.49 -57.65 -17.26
N ARG A 106 -2.65 -57.05 -17.01
CA ARG A 106 -3.24 -56.99 -15.68
C ARG A 106 -4.52 -57.83 -15.65
N ASN A 107 -4.73 -58.51 -14.52
CA ASN A 107 -5.93 -59.32 -14.37
C ASN A 107 -7.16 -58.42 -14.26
N LEU A 108 -8.35 -59.04 -14.39
CA LEU A 108 -9.58 -58.28 -14.40
C LEU A 108 -9.88 -57.68 -13.04
N SER A 109 -9.71 -58.47 -11.97
CA SER A 109 -10.01 -57.99 -10.62
C SER A 109 -8.95 -57.04 -10.08
N GLU A 110 -7.81 -56.91 -10.75
CA GLU A 110 -6.79 -55.93 -10.37
C GLU A 110 -6.89 -54.66 -11.20
N ILE A 111 -7.93 -54.53 -12.02
CA ILE A 111 -8.20 -53.32 -12.78
C ILE A 111 -9.41 -52.57 -12.22
N TRP A 112 -10.57 -53.23 -12.18
CA TRP A 112 -11.81 -52.55 -11.84
C TRP A 112 -12.02 -52.41 -10.34
N ASP A 113 -11.33 -53.21 -9.52
CA ASP A 113 -11.45 -53.13 -8.07
C ASP A 113 -10.17 -52.63 -7.40
N ASN A 114 -9.31 -51.95 -8.15
CA ASN A 114 -8.04 -51.50 -7.60
C ASN A 114 -7.61 -50.15 -8.20
N MET A 115 -7.55 -50.09 -9.52
CA MET A 115 -7.06 -48.89 -10.20
C MET A 115 -8.19 -47.89 -10.42
N THR A 116 -7.81 -46.61 -10.52
CA THR A 116 -8.72 -45.54 -10.85
C THR A 116 -8.64 -45.23 -12.34
N TRP A 117 -9.69 -44.61 -12.86
CA TRP A 117 -9.75 -44.29 -14.28
C TRP A 117 -8.63 -43.33 -14.69
N LEU A 118 -8.12 -42.53 -13.74
CA LEU A 118 -7.00 -41.66 -14.04
C LEU A 118 -5.70 -42.47 -14.18
N GLN A 119 -5.52 -43.49 -13.33
CA GLN A 119 -4.35 -44.36 -13.47
C GLN A 119 -4.41 -45.15 -14.76
N TRP A 120 -5.61 -45.63 -15.13
CA TRP A 120 -5.74 -46.46 -16.32
C TRP A 120 -5.40 -45.69 -17.59
N ASP A 121 -5.86 -44.44 -17.69
CA ASP A 121 -5.60 -43.64 -18.87
C ASP A 121 -4.11 -43.38 -19.07
N LYS A 122 -3.32 -43.45 -17.99
CA LYS A 122 -1.87 -43.29 -18.13
C LYS A 122 -1.21 -44.58 -18.62
N GLU A 123 -1.60 -45.72 -18.05
CA GLU A 123 -1.01 -47.00 -18.43
C GLU A 123 -1.37 -47.41 -19.85
N ILE A 124 -2.46 -46.88 -20.40
CA ILE A 124 -2.87 -47.15 -21.77
C ILE A 124 -2.71 -45.91 -22.65
N SER A 125 -1.81 -45.00 -22.27
CA SER A 125 -1.65 -43.76 -23.02
C SER A 125 -1.12 -44.02 -24.42
N ASN A 126 -0.12 -44.89 -24.55
CA ASN A 126 0.49 -45.14 -25.85
C ASN A 126 -0.47 -45.90 -26.76
N TYR A 127 -0.97 -47.04 -26.29
CA TYR A 127 -1.81 -47.91 -27.11
C TYR A 127 -3.21 -47.37 -27.34
N THR A 128 -3.52 -46.16 -26.84
CA THR A 128 -4.89 -45.66 -26.97
C THR A 128 -5.24 -45.36 -28.43
N GLN A 129 -4.26 -44.99 -29.25
CA GLN A 129 -4.54 -44.70 -30.65
C GLN A 129 -4.70 -45.96 -31.48
N ILE A 130 -4.00 -47.03 -31.11
CA ILE A 130 -4.14 -48.31 -31.81
C ILE A 130 -5.56 -48.84 -31.66
N ILE A 131 -6.11 -48.74 -30.45
CA ILE A 131 -7.42 -49.31 -30.18
C ILE A 131 -8.52 -48.57 -30.94
N TYR A 132 -8.37 -47.25 -31.12
CA TYR A 132 -9.41 -46.46 -31.78
C TYR A 132 -9.58 -46.86 -33.24
N GLY A 133 -8.51 -47.31 -33.89
CA GLY A 133 -8.60 -47.78 -35.26
C GLY A 133 -9.19 -49.17 -35.35
N LEU A 134 -8.81 -50.04 -34.42
CA LEU A 134 -9.37 -51.38 -34.39
C LEU A 134 -10.86 -51.37 -34.12
N LEU A 135 -11.34 -50.40 -33.33
CA LEU A 135 -12.77 -50.27 -33.08
C LEU A 135 -13.54 -49.74 -34.28
N GLU A 136 -12.84 -49.28 -35.33
CA GLU A 136 -13.50 -48.72 -36.51
C GLU A 136 -13.77 -49.78 -37.57
N GLU A 137 -12.72 -50.45 -38.04
CA GLU A 137 -12.89 -51.48 -39.06
C GLU A 137 -13.67 -52.68 -38.54
N SER A 138 -13.65 -52.92 -37.23
CA SER A 138 -14.51 -53.94 -36.65
C SER A 138 -15.98 -53.57 -36.73
N GLN A 139 -16.30 -52.31 -37.03
CA GLN A 139 -17.66 -51.85 -37.25
C GLN A 139 -18.02 -51.80 -38.72
N ASN A 140 -17.10 -51.35 -39.57
CA ASN A 140 -17.39 -51.30 -41.01
C ASN A 140 -17.46 -52.70 -41.62
N GLN A 141 -16.66 -53.64 -41.11
CA GLN A 141 -16.78 -55.02 -41.55
C GLN A 141 -18.03 -55.67 -40.95
N GLN A 142 -18.48 -55.20 -39.79
CA GLN A 142 -19.65 -55.80 -39.15
C GLN A 142 -20.92 -55.50 -39.93
N GLU A 143 -21.13 -54.24 -40.30
CA GLU A 143 -22.32 -53.89 -41.08
C GLU A 143 -22.19 -54.36 -42.52
N LYS A 144 -20.97 -54.46 -43.04
CA LYS A 144 -20.77 -55.09 -44.34
C LYS A 144 -21.17 -56.55 -44.30
N ASN A 145 -20.97 -57.21 -43.16
CA ASN A 145 -21.49 -58.57 -43.00
C ASN A 145 -22.99 -58.57 -42.81
N GLU A 146 -23.55 -57.51 -42.19
CA GLU A 146 -24.99 -57.44 -41.99
C GLU A 146 -25.72 -57.12 -43.29
N GLN A 147 -25.11 -56.32 -44.16
CA GLN A 147 -25.70 -56.09 -45.49
C GLN A 147 -25.79 -57.38 -46.28
N ASP A 148 -24.87 -58.32 -46.04
CA ASP A 148 -24.97 -59.65 -46.64
C ASP A 148 -25.91 -60.55 -45.87
N LEU A 149 -26.06 -60.33 -44.56
CA LEU A 149 -27.00 -61.12 -43.77
C LEU A 149 -28.44 -60.87 -44.18
N LEU A 150 -28.74 -59.67 -44.68
CA LEU A 150 -30.08 -59.31 -45.13
C LEU A 150 -30.20 -59.31 -46.65
N ALA A 151 -29.22 -59.88 -47.35
CA ALA A 151 -29.23 -59.97 -48.81
C ALA A 151 -29.99 -61.20 -49.31
N LEU A 152 -30.97 -61.68 -48.56
CA LEU A 152 -31.73 -62.87 -48.95
C LEU A 152 -33.18 -62.77 -48.46
N GLN B 1 3.10 -52.29 -4.86
CA GLN B 1 4.38 -52.23 -5.56
C GLN B 1 5.34 -51.26 -4.88
N GLY B 2 5.24 -51.19 -3.55
CA GLY B 2 6.14 -50.38 -2.76
C GLY B 2 6.69 -51.18 -1.58
N GLN B 3 7.49 -50.50 -0.77
CA GLN B 3 8.11 -51.11 0.39
C GLN B 3 7.30 -50.82 1.66
N LEU B 4 7.45 -51.71 2.63
CA LEU B 4 6.82 -51.56 3.95
C LEU B 4 7.88 -51.86 5.01
N VAL B 5 8.86 -50.97 5.14
CA VAL B 5 9.93 -51.18 6.10
C VAL B 5 9.37 -51.06 7.52
N GLN B 6 9.95 -51.83 8.43
CA GLN B 6 9.52 -51.89 9.83
C GLN B 6 10.67 -51.49 10.74
N SER B 7 10.42 -51.55 12.04
CA SER B 7 11.42 -51.17 13.04
C SER B 7 12.45 -52.27 13.24
N GLY B 8 13.19 -52.22 14.34
CA GLY B 8 14.22 -53.19 14.63
C GLY B 8 13.78 -54.23 15.65
N ALA B 9 14.73 -55.09 16.01
CA ALA B 9 14.49 -56.16 16.97
C ALA B 9 14.66 -55.60 18.38
N THR B 10 13.55 -55.19 18.97
CA THR B 10 13.53 -54.63 20.32
C THR B 10 13.05 -55.73 21.27
N THR B 11 14.00 -56.37 21.96
CA THR B 11 13.71 -57.48 22.86
C THR B 11 13.59 -56.94 24.28
N THR B 12 12.37 -56.96 24.81
CA THR B 12 12.08 -56.56 26.18
C THR B 12 11.79 -57.81 27.02
N LYS B 13 11.02 -57.66 28.08
CA LYS B 13 10.69 -58.73 29.01
C LYS B 13 9.20 -58.66 29.34
N PRO B 14 8.64 -59.73 29.90
CA PRO B 14 7.19 -59.76 30.15
C PRO B 14 6.71 -58.56 30.96
N GLY B 15 5.46 -58.22 30.77
CA GLY B 15 4.82 -57.15 31.50
C GLY B 15 4.76 -55.85 30.74
N SER B 16 5.78 -55.56 29.95
CA SER B 16 5.90 -54.29 29.26
C SER B 16 5.08 -54.29 27.98
N SER B 17 5.19 -53.20 27.22
CA SER B 17 4.58 -53.08 25.91
C SER B 17 5.66 -52.70 24.90
N VAL B 18 5.44 -53.09 23.64
CA VAL B 18 6.39 -52.86 22.57
C VAL B 18 5.66 -52.20 21.41
N LYS B 19 6.24 -51.13 20.86
CA LYS B 19 5.68 -50.40 19.73
C LYS B 19 6.51 -50.71 18.49
N ILE B 20 5.85 -51.23 17.46
CA ILE B 20 6.50 -51.61 16.21
C ILE B 20 5.97 -50.72 15.10
N SER B 21 6.88 -50.18 14.30
CA SER B 21 6.54 -49.23 13.25
C SER B 21 6.40 -49.93 11.90
N CYS B 22 5.75 -49.22 10.96
CA CYS B 22 5.55 -49.73 9.60
C CYS B 22 5.41 -48.52 8.69
N LYS B 23 6.52 -48.11 8.08
CA LYS B 23 6.55 -46.94 7.21
C LYS B 23 6.42 -47.38 5.76
N THR B 24 5.41 -46.86 5.07
CA THR B 24 5.09 -47.26 3.71
C THR B 24 5.59 -46.22 2.70
N SER B 25 5.63 -46.63 1.44
CA SER B 25 6.01 -45.76 0.33
C SER B 25 5.64 -46.48 -0.96
N GLY B 26 5.76 -45.77 -2.09
CA GLY B 26 5.54 -46.41 -3.37
C GLY B 26 4.09 -46.56 -3.77
N TYR B 27 3.18 -46.50 -2.80
CA TYR B 27 1.77 -46.67 -3.07
C TYR B 27 0.96 -45.72 -2.19
N ARG B 28 -0.24 -45.39 -2.66
CA ARG B 28 -1.16 -44.56 -1.90
C ARG B 28 -1.53 -45.26 -0.59
N PHE B 29 -1.04 -44.72 0.53
CA PHE B 29 -1.15 -45.41 1.80
C PHE B 29 -2.61 -45.54 2.26
N ASN B 30 -3.43 -44.53 1.99
CA ASN B 30 -4.81 -44.54 2.45
C ASN B 30 -5.73 -45.41 1.61
N PHE B 31 -5.22 -46.09 0.58
CA PHE B 31 -6.07 -46.88 -0.29
C PHE B 31 -6.12 -48.36 0.08
N TYR B 32 -5.30 -48.81 1.03
CA TYR B 32 -5.25 -50.22 1.37
C TYR B 32 -5.11 -50.40 2.87
N HIS B 33 -5.75 -51.44 3.39
CA HIS B 33 -5.64 -51.76 4.82
C HIS B 33 -4.21 -52.15 5.16
N ILE B 34 -3.91 -52.16 6.45
CA ILE B 34 -2.62 -52.58 6.98
C ILE B 34 -2.89 -53.73 7.93
N ASN B 35 -2.71 -54.97 7.45
CA ASN B 35 -2.88 -56.14 8.28
C ASN B 35 -1.65 -56.37 9.16
N TRP B 36 -1.88 -56.92 10.34
CA TRP B 36 -0.82 -57.26 11.28
C TRP B 36 -0.86 -58.76 11.53
N ILE B 37 0.26 -59.43 11.30
CA ILE B 37 0.34 -60.89 11.36
C ILE B 37 1.64 -61.27 12.04
N ARG B 38 1.60 -62.36 12.83
CA ARG B 38 2.73 -62.82 13.62
C ARG B 38 2.86 -64.33 13.48
N GLN B 39 4.10 -64.81 13.48
CA GLN B 39 4.40 -66.24 13.47
C GLN B 39 5.30 -66.53 14.67
N THR B 40 4.70 -66.95 15.77
CA THR B 40 5.41 -67.17 17.01
C THR B 40 5.91 -68.62 17.11
N ALA B 41 6.82 -68.84 18.06
CA ALA B 41 7.31 -70.18 18.37
C ALA B 41 6.41 -70.78 19.43
N GLY B 42 5.70 -71.85 19.05
CA GLY B 42 4.71 -72.44 19.93
C GLY B 42 3.40 -72.66 19.18
N ARG B 43 3.18 -71.85 18.16
CA ARG B 43 2.06 -72.00 17.25
C ARG B 43 2.58 -71.78 15.83
N GLY B 44 1.66 -71.65 14.88
CA GLY B 44 2.01 -71.26 13.54
C GLY B 44 1.89 -69.76 13.37
N PRO B 45 1.38 -69.33 12.22
CA PRO B 45 1.05 -67.92 12.03
C PRO B 45 -0.35 -67.60 12.54
N GLU B 46 -0.49 -66.40 13.10
CA GLU B 46 -1.76 -65.94 13.65
C GLU B 46 -2.08 -64.57 13.12
N TRP B 47 -3.33 -64.39 12.68
CA TRP B 47 -3.79 -63.09 12.19
C TRP B 47 -4.24 -62.24 13.37
N MET B 48 -3.68 -61.04 13.48
CA MET B 48 -3.98 -60.14 14.59
C MET B 48 -5.07 -59.14 14.25
N GLY B 49 -4.94 -58.43 13.14
CA GLY B 49 -5.96 -57.49 12.74
C GLY B 49 -5.44 -56.50 11.72
N TRP B 50 -6.38 -55.88 11.02
CA TRP B 50 -6.08 -54.83 10.06
C TRP B 50 -6.82 -53.54 10.44
N ILE B 51 -6.32 -52.42 9.93
CA ILE B 51 -6.90 -51.11 10.18
C ILE B 51 -6.93 -50.35 8.87
N SER B 52 -8.03 -49.62 8.64
CA SER B 52 -8.21 -48.89 7.39
C SER B 52 -7.66 -47.47 7.55
N PRO B 53 -6.60 -47.10 6.84
CA PRO B 53 -6.06 -45.73 6.97
C PRO B 53 -7.03 -44.66 6.50
N TYR B 54 -7.98 -45.00 5.64
CA TYR B 54 -8.96 -44.03 5.14
C TYR B 54 -10.16 -43.92 6.08
N SER B 55 -10.86 -45.02 6.29
CA SER B 55 -12.02 -45.02 7.18
C SER B 55 -11.64 -44.88 8.65
N GLY B 56 -10.38 -45.05 8.99
CA GLY B 56 -9.98 -45.08 10.39
C GLY B 56 -10.53 -46.24 11.18
N ASP B 57 -11.13 -47.23 10.50
CA ASP B 57 -11.80 -48.33 11.17
C ASP B 57 -10.83 -49.46 11.43
N LYS B 58 -11.14 -50.25 12.47
CA LYS B 58 -10.27 -51.31 12.95
C LYS B 58 -11.06 -52.60 13.08
N ASN B 59 -10.44 -53.71 12.70
CA ASN B 59 -11.01 -55.04 12.90
C ASN B 59 -9.88 -55.98 13.28
N LEU B 60 -10.04 -56.69 14.39
CA LEU B 60 -8.98 -57.55 14.89
C LEU B 60 -9.60 -58.75 15.58
N ALA B 61 -8.85 -59.86 15.59
CA ALA B 61 -9.35 -61.12 16.12
C ALA B 61 -9.61 -61.00 17.62
N PRO B 62 -10.60 -61.74 18.14
CA PRO B 62 -10.88 -61.71 19.59
C PRO B 62 -9.73 -62.19 20.44
N ALA B 63 -8.74 -62.88 19.87
CA ALA B 63 -7.57 -63.31 20.62
C ALA B 63 -6.59 -62.18 20.89
N PHE B 64 -6.80 -61.00 20.28
CA PHE B 64 -5.89 -59.88 20.46
C PHE B 64 -6.61 -58.54 20.62
N GLN B 65 -7.93 -58.54 20.81
CA GLN B 65 -8.65 -57.28 20.86
C GLN B 65 -8.32 -56.49 22.12
N ASP B 66 -8.20 -57.17 23.25
CA ASP B 66 -7.90 -56.52 24.51
C ASP B 66 -6.40 -56.36 24.75
N ARG B 67 -5.59 -56.57 23.72
CA ARG B 67 -4.13 -56.43 23.83
C ARG B 67 -3.54 -55.41 22.87
N VAL B 68 -4.12 -55.24 21.68
CA VAL B 68 -3.45 -54.57 20.57
C VAL B 68 -3.86 -53.10 20.50
N ASN B 69 -2.87 -52.22 20.49
CA ASN B 69 -3.05 -50.84 20.08
C ASN B 69 -2.73 -50.74 18.59
N MET B 70 -3.71 -50.35 17.79
CA MET B 70 -3.55 -50.29 16.33
C MET B 70 -3.96 -48.90 15.86
N THR B 71 -2.97 -48.08 15.49
CA THR B 71 -3.20 -46.72 15.05
C THR B 71 -2.40 -46.46 13.77
N THR B 72 -2.76 -45.37 13.09
CA THR B 72 -2.09 -44.97 11.85
C THR B 72 -1.98 -43.45 11.82
N ASP B 73 -0.99 -42.97 11.07
CA ASP B 73 -0.84 -41.54 10.84
C ASP B 73 -1.67 -41.12 9.62
N THR B 74 -1.34 -39.99 9.02
CA THR B 74 -1.95 -39.54 7.78
C THR B 74 -0.86 -39.34 6.74
N GLU B 75 -1.12 -39.81 5.52
CA GLU B 75 -0.09 -39.87 4.50
C GLU B 75 0.43 -38.49 4.13
N VAL B 76 1.73 -38.40 3.86
CA VAL B 76 2.33 -37.22 3.28
C VAL B 76 2.46 -37.46 1.78
N PRO B 77 1.57 -36.92 0.97
CA PRO B 77 1.54 -37.28 -0.46
C PRO B 77 2.83 -36.89 -1.17
N VAL B 78 3.33 -37.82 -1.99
CA VAL B 78 4.55 -37.61 -2.76
C VAL B 78 4.19 -37.18 -4.18
N THR B 79 3.42 -38.03 -4.87
CA THR B 79 2.93 -37.69 -6.20
C THR B 79 1.41 -37.87 -6.21
N SER B 80 0.84 -37.98 -7.41
CA SER B 80 -0.61 -38.09 -7.55
C SER B 80 -1.12 -39.44 -7.03
N PHE B 81 -0.37 -40.52 -7.29
CA PHE B 81 -0.77 -41.86 -6.90
C PHE B 81 0.20 -42.50 -5.91
N THR B 82 1.08 -41.70 -5.31
CA THR B 82 2.06 -42.19 -4.35
C THR B 82 1.95 -41.38 -3.07
N SER B 83 2.40 -41.97 -1.97
CA SER B 83 2.41 -41.31 -0.67
C SER B 83 3.41 -42.02 0.24
N THR B 84 3.49 -41.56 1.48
CA THR B 84 4.29 -42.19 2.52
C THR B 84 3.45 -42.23 3.78
N GLY B 85 3.21 -43.44 4.30
CA GLY B 85 2.38 -43.62 5.47
C GLY B 85 3.15 -44.19 6.65
N ALA B 86 2.41 -44.42 7.74
CA ALA B 86 2.99 -44.96 8.96
C ALA B 86 1.90 -45.64 9.77
N ALA B 87 2.13 -46.90 10.13
CA ALA B 87 1.20 -47.67 10.94
C ALA B 87 1.92 -48.19 12.18
N TYR B 88 1.27 -48.08 13.33
CA TYR B 88 1.84 -48.43 14.61
C TYR B 88 1.14 -49.66 15.20
N MET B 89 1.91 -50.48 15.91
CA MET B 89 1.38 -51.68 16.55
C MET B 89 1.94 -51.79 17.96
N GLU B 90 1.05 -52.05 18.93
CA GLU B 90 1.45 -52.30 20.30
C GLU B 90 0.68 -53.49 20.84
N ILE B 91 1.23 -54.10 21.89
CA ILE B 91 0.60 -55.20 22.59
C ILE B 91 0.66 -54.91 24.09
N ARG B 92 -0.40 -55.28 24.80
CA ARG B 92 -0.52 -54.96 26.23
C ARG B 92 0.18 -56.01 27.09
N ASN B 93 -0.58 -57.00 27.57
CA ASN B 93 -0.04 -58.02 28.46
C ASN B 93 0.96 -58.90 27.74
N LEU B 94 2.21 -58.46 27.69
CA LEU B 94 3.24 -59.18 26.94
C LEU B 94 3.81 -60.32 27.76
N THR B 95 4.07 -61.44 27.10
CA THR B 95 4.64 -62.62 27.74
C THR B 95 5.78 -63.20 26.92
N SER B 96 6.26 -64.38 27.29
CA SER B 96 7.19 -65.12 26.45
C SER B 96 6.45 -65.95 25.40
N ASP B 97 5.14 -66.15 25.57
CA ASP B 97 4.34 -66.85 24.59
C ASP B 97 4.12 -66.02 23.33
N ASP B 98 4.32 -64.70 23.41
CA ASP B 98 4.15 -63.81 22.28
C ASP B 98 5.48 -63.54 21.56
N THR B 99 6.50 -64.34 21.82
CA THR B 99 7.80 -64.17 21.17
C THR B 99 7.73 -64.71 19.75
N GLY B 100 8.03 -63.86 18.77
CA GLY B 100 8.00 -64.27 17.39
C GLY B 100 8.24 -63.08 16.48
N THR B 101 8.16 -63.37 15.18
CA THR B 101 8.37 -62.36 14.15
C THR B 101 7.03 -61.72 13.78
N TYR B 102 7.02 -60.40 13.71
CA TYR B 102 5.81 -59.63 13.43
C TYR B 102 6.00 -58.81 12.17
N PHE B 103 4.96 -58.78 11.33
CA PHE B 103 4.99 -58.05 10.07
C PHE B 103 3.71 -57.26 9.90
N CYS B 104 3.81 -56.20 9.10
CA CYS B 104 2.65 -55.51 8.56
C CYS B 104 2.44 -55.92 7.10
N ALA B 105 1.21 -55.77 6.63
CA ALA B 105 0.86 -56.23 5.29
C ALA B 105 -0.21 -55.33 4.70
N LYS B 106 0.11 -54.71 3.57
CA LYS B 106 -0.86 -53.91 2.84
C LYS B 106 -1.96 -54.80 2.27
N GLY B 107 -3.18 -54.29 2.28
CA GLY B 107 -4.31 -55.02 1.72
C GLY B 107 -4.14 -55.27 0.23
N LEU B 108 -4.97 -56.19 -0.27
CA LEU B 108 -4.84 -56.63 -1.66
C LEU B 108 -5.47 -55.63 -2.63
N LEU B 109 -6.77 -55.37 -2.50
CA LEU B 109 -7.51 -54.56 -3.43
C LEU B 109 -8.18 -53.40 -2.71
N ARG B 110 -8.93 -52.59 -3.48
CA ARG B 110 -9.72 -51.49 -2.94
C ARG B 110 -11.22 -51.77 -3.01
N ASP B 111 -11.62 -52.95 -3.46
CA ASP B 111 -13.01 -53.35 -3.53
C ASP B 111 -13.05 -54.87 -3.64
N GLY B 112 -14.24 -55.41 -3.88
CA GLY B 112 -14.40 -56.85 -4.08
C GLY B 112 -14.52 -57.62 -2.77
N SER B 113 -14.14 -58.88 -2.86
CA SER B 113 -14.25 -59.81 -1.75
C SER B 113 -12.92 -60.13 -1.09
N SER B 114 -11.81 -59.57 -1.58
CA SER B 114 -10.49 -59.75 -0.98
C SER B 114 -9.81 -58.39 -0.83
N THR B 115 -10.48 -57.50 -0.11
CA THR B 115 -10.03 -56.12 0.02
C THR B 115 -8.84 -56.01 0.96
N TRP B 116 -8.97 -56.55 2.16
CA TRP B 116 -7.96 -56.42 3.22
C TRP B 116 -6.89 -57.50 3.17
N LEU B 117 -6.97 -58.44 2.22
CA LEU B 117 -6.13 -59.62 2.25
C LEU B 117 -4.65 -59.25 2.29
N PRO B 118 -3.90 -59.70 3.30
CA PRO B 118 -2.47 -59.35 3.39
C PRO B 118 -1.68 -59.76 2.16
N TYR B 119 -1.43 -58.78 1.28
CA TYR B 119 -0.77 -59.03 0.00
C TYR B 119 0.70 -58.63 0.03
N LEU B 120 0.98 -57.37 0.31
CA LEU B 120 2.33 -56.83 0.28
C LEU B 120 2.84 -56.68 1.71
N TRP B 121 3.87 -57.44 2.07
CA TRP B 121 4.35 -57.55 3.43
C TRP B 121 5.61 -56.70 3.63
N GLY B 122 6.08 -56.65 4.87
CA GLY B 122 7.29 -55.95 5.22
C GLY B 122 8.51 -56.85 5.26
N GLN B 123 9.26 -56.82 6.35
CA GLN B 123 10.42 -57.68 6.52
C GLN B 123 10.45 -58.45 7.83
N GLY B 124 9.74 -58.01 8.86
CA GLY B 124 9.68 -58.74 10.10
C GLY B 124 10.42 -58.04 11.22
N THR B 125 9.95 -58.28 12.45
CA THR B 125 10.56 -57.72 13.66
C THR B 125 10.57 -58.80 14.74
N LEU B 126 11.75 -59.07 15.30
CA LEU B 126 11.89 -60.09 16.32
C LEU B 126 11.56 -59.49 17.69
N LEU B 127 10.55 -60.06 18.35
CA LEU B 127 10.14 -59.57 19.66
C LEU B 127 11.00 -60.19 20.75
N THR B 128 10.48 -60.27 21.98
CA THR B 128 11.21 -60.77 23.13
C THR B 128 11.73 -62.19 22.92
N SER C 3 -4.37 -74.25 13.35
CA SER C 3 -5.37 -74.45 14.39
C SER C 3 -6.46 -75.41 13.92
N VAL C 4 -7.68 -74.89 13.76
CA VAL C 4 -8.78 -75.73 13.31
C VAL C 4 -8.63 -76.08 11.84
N LEU C 5 -7.96 -75.23 11.05
CA LEU C 5 -7.76 -75.47 9.63
C LEU C 5 -6.58 -76.42 9.45
N THR C 6 -6.87 -77.71 9.56
CA THR C 6 -5.84 -78.74 9.43
C THR C 6 -5.40 -78.86 7.97
N GLN C 7 -4.10 -78.75 7.73
CA GLN C 7 -3.59 -78.84 6.37
C GLN C 7 -3.21 -80.28 6.00
N SER C 8 -2.01 -80.47 5.45
CA SER C 8 -1.58 -81.76 4.94
C SER C 8 -0.26 -82.19 5.56
N ALA C 9 0.02 -81.73 6.79
CA ALA C 9 1.24 -82.10 7.52
C ALA C 9 2.50 -81.78 6.72
N SER C 10 2.93 -82.73 5.88
CA SER C 10 4.13 -82.55 5.08
C SER C 10 4.12 -83.54 3.93
N VAL C 11 4.61 -83.10 2.77
CA VAL C 11 4.66 -83.90 1.56
C VAL C 11 5.98 -83.64 0.85
N SER C 12 6.48 -84.66 0.16
CA SER C 12 7.71 -84.58 -0.64
C SER C 12 7.37 -84.54 -2.12
N GLY C 13 8.39 -84.24 -2.93
CA GLY C 13 8.22 -84.17 -4.37
C GLY C 13 9.48 -84.45 -5.14
N SER C 14 9.47 -84.14 -6.44
CA SER C 14 10.61 -84.37 -7.31
C SER C 14 10.55 -83.40 -8.48
N LEU C 15 11.72 -83.09 -9.04
CA LEU C 15 11.81 -82.10 -10.11
C LEU C 15 10.97 -82.53 -11.31
N GLY C 16 10.19 -81.59 -11.84
CA GLY C 16 9.34 -81.83 -12.98
C GLY C 16 7.95 -82.34 -12.65
N GLN C 17 7.72 -82.80 -11.42
CA GLN C 17 6.45 -83.36 -11.02
C GLN C 17 5.58 -82.30 -10.35
N SER C 18 4.38 -82.71 -9.94
CA SER C 18 3.41 -81.82 -9.34
C SER C 18 2.95 -82.37 -7.99
N VAL C 19 2.84 -81.49 -7.00
CA VAL C 19 2.46 -81.86 -5.64
C VAL C 19 1.03 -81.38 -5.39
N THR C 20 0.50 -81.68 -4.21
CA THR C 20 -0.85 -81.24 -3.83
C THR C 20 -0.90 -81.10 -2.31
N ILE C 21 -1.36 -79.96 -1.83
CA ILE C 21 -1.46 -79.66 -0.42
C ILE C 21 -2.93 -79.59 -0.03
N SER C 22 -3.29 -80.27 1.04
CA SER C 22 -4.66 -80.27 1.54
C SER C 22 -4.87 -79.13 2.54
N CYS C 23 -6.14 -78.76 2.71
CA CYS C 23 -6.51 -77.68 3.63
C CYS C 23 -7.99 -77.84 3.94
N THR C 24 -8.29 -78.39 5.11
CA THR C 24 -9.67 -78.66 5.49
C THR C 24 -9.84 -78.47 6.99
N GLY C 25 -11.05 -78.08 7.38
CA GLY C 25 -11.40 -77.95 8.78
C GLY C 25 -12.87 -78.24 9.00
N PRO C 26 -13.38 -77.90 10.18
CA PRO C 26 -14.81 -78.08 10.43
C PRO C 26 -15.67 -77.13 9.61
N ASN C 27 -17.00 -77.25 9.74
CA ASN C 27 -17.89 -76.39 8.98
C ASN C 27 -17.80 -74.93 9.38
N SER C 28 -17.22 -74.63 10.55
CA SER C 28 -17.15 -73.28 11.06
C SER C 28 -16.07 -72.43 10.40
N VAL C 29 -15.25 -73.00 9.51
CA VAL C 29 -14.16 -72.27 8.90
C VAL C 29 -13.91 -72.74 7.47
N CYS C 30 -14.69 -73.71 7.00
CA CYS C 30 -14.40 -74.35 5.72
C CYS C 30 -15.62 -75.14 5.26
N CYS C 31 -15.96 -75.02 3.98
CA CYS C 31 -15.24 -74.17 3.02
C CYS C 31 -16.18 -73.43 2.08
N SER C 32 -17.34 -74.01 1.80
CA SER C 32 -18.23 -73.49 0.76
C SER C 32 -18.72 -72.08 1.06
N HIS C 33 -18.58 -71.59 2.29
CA HIS C 33 -19.01 -70.25 2.66
C HIS C 33 -17.82 -69.37 3.04
N LYS C 34 -16.64 -69.69 2.52
CA LYS C 34 -15.43 -68.94 2.83
C LYS C 34 -14.46 -69.05 1.68
N SER C 35 -13.69 -67.98 1.46
CA SER C 35 -12.62 -68.03 0.48
C SER C 35 -11.36 -68.62 1.10
N ILE C 36 -10.46 -69.09 0.23
CA ILE C 36 -9.23 -69.73 0.65
C ILE C 36 -8.06 -69.01 -0.02
N SER C 37 -7.06 -68.64 0.76
CA SER C 37 -5.84 -68.02 0.25
C SER C 37 -4.64 -68.87 0.62
N TRP C 38 -3.66 -68.91 -0.27
CA TRP C 38 -2.45 -69.72 -0.09
C TRP C 38 -1.23 -68.82 -0.05
N TYR C 39 -0.36 -69.07 0.92
CA TYR C 39 0.82 -68.25 1.15
C TYR C 39 2.08 -69.10 1.14
N GLN C 40 3.03 -68.76 0.27
CA GLN C 40 4.38 -69.31 0.34
C GLN C 40 5.15 -68.55 1.41
N TRP C 41 5.52 -69.23 2.48
CA TRP C 41 6.11 -68.58 3.66
C TRP C 41 7.48 -69.16 3.98
N PRO C 42 8.56 -68.55 3.52
CA PRO C 42 9.90 -68.94 3.98
C PRO C 42 10.00 -68.83 5.49
N PRO C 43 10.91 -69.59 6.11
CA PRO C 43 10.93 -69.67 7.58
C PRO C 43 11.13 -68.33 8.27
N GLY C 44 10.05 -67.76 8.80
CA GLY C 44 10.12 -66.51 9.54
C GLY C 44 10.62 -65.35 8.70
N ARG C 45 10.24 -65.29 7.43
CA ARG C 45 10.72 -64.25 6.53
C ARG C 45 9.53 -63.60 5.83
N ALA C 46 9.80 -63.00 4.68
CA ALA C 46 8.78 -62.32 3.88
C ALA C 46 7.93 -63.34 3.13
N PRO C 47 6.64 -63.43 3.45
CA PRO C 47 5.77 -64.39 2.74
C PRO C 47 5.45 -63.92 1.33
N THR C 48 4.49 -64.59 0.70
CA THR C 48 4.06 -64.22 -0.64
C THR C 48 2.66 -64.75 -0.88
N LEU C 49 1.75 -63.87 -1.29
CA LEU C 49 0.42 -64.30 -1.69
C LEU C 49 0.50 -64.98 -3.04
N ILE C 50 0.16 -66.27 -3.07
CA ILE C 50 0.14 -67.02 -4.33
C ILE C 50 -1.24 -66.97 -4.97
N ILE C 51 -2.27 -67.23 -4.17
CA ILE C 51 -3.57 -67.61 -4.70
C ILE C 51 -4.67 -67.12 -3.74
N TYR C 52 -5.61 -66.33 -4.26
CA TYR C 52 -6.70 -65.79 -3.45
C TYR C 52 -8.04 -66.16 -4.08
N GLU C 53 -9.11 -65.97 -3.30
CA GLU C 53 -10.49 -66.26 -3.71
C GLU C 53 -10.57 -67.62 -4.40
N ASP C 54 -10.23 -68.65 -3.64
CA ASP C 54 -10.07 -70.00 -4.17
C ASP C 54 -9.03 -70.00 -5.28
N ASN C 55 -9.45 -70.05 -6.54
CA ASN C 55 -8.56 -70.41 -7.64
C ASN C 55 -7.85 -69.22 -8.31
N GLU C 56 -7.98 -68.01 -7.78
CA GLU C 56 -7.42 -66.83 -8.46
C GLU C 56 -5.98 -66.61 -8.03
N ARG C 57 -5.10 -66.35 -9.01
CA ARG C 57 -3.68 -66.18 -8.77
C ARG C 57 -3.31 -64.72 -8.62
N ALA C 58 -2.35 -64.45 -7.72
CA ALA C 58 -1.88 -63.10 -7.48
C ALA C 58 -1.00 -62.62 -8.65
N PRO C 59 -0.76 -61.31 -8.75
CA PRO C 59 0.10 -60.82 -9.83
C PRO C 59 1.52 -61.38 -9.73
N GLY C 60 2.06 -61.75 -10.88
CA GLY C 60 3.39 -62.31 -10.95
C GLY C 60 3.49 -63.77 -10.58
N ILE C 61 2.40 -64.40 -10.19
CA ILE C 61 2.41 -65.82 -9.83
C ILE C 61 2.44 -66.65 -11.10
N SER C 62 3.39 -67.59 -11.16
CA SER C 62 3.53 -68.44 -12.34
C SER C 62 2.29 -69.33 -12.49
N PRO C 63 1.89 -69.62 -13.74
CA PRO C 63 0.68 -70.43 -13.96
C PRO C 63 0.82 -71.87 -13.50
N ARG C 64 1.95 -72.21 -12.87
CA ARG C 64 2.11 -73.54 -12.30
C ARG C 64 1.12 -73.77 -11.16
N PHE C 65 1.00 -72.80 -10.26
CA PHE C 65 0.14 -72.94 -9.09
C PHE C 65 -1.32 -72.84 -9.48
N SER C 66 -2.10 -73.85 -9.11
CA SER C 66 -3.53 -73.88 -9.38
C SER C 66 -4.28 -74.20 -8.10
N GLY C 67 -5.50 -73.68 -8.00
CA GLY C 67 -6.32 -73.89 -6.82
C GLY C 67 -7.61 -74.62 -7.10
N TYR C 68 -8.23 -75.15 -6.05
CA TYR C 68 -9.50 -75.86 -6.17
C TYR C 68 -10.10 -76.05 -4.79
N LYS C 69 -11.33 -75.56 -4.59
CA LYS C 69 -12.01 -75.67 -3.31
C LYS C 69 -13.27 -76.50 -3.48
N SER C 70 -13.35 -77.61 -2.74
CA SER C 70 -14.56 -78.41 -2.68
C SER C 70 -15.37 -78.03 -1.45
N TYR C 71 -16.50 -78.71 -1.26
CA TYR C 71 -17.34 -78.46 -0.10
C TYR C 71 -16.63 -78.76 1.21
N TRP C 72 -15.55 -79.53 1.16
CA TRP C 72 -14.92 -80.05 2.37
C TRP C 72 -13.45 -79.71 2.50
N SER C 73 -12.71 -79.54 1.41
CA SER C 73 -11.28 -79.30 1.50
C SER C 73 -10.81 -78.47 0.30
N ALA C 74 -9.82 -77.63 0.56
CA ALA C 74 -9.19 -76.82 -0.49
C ALA C 74 -7.84 -77.40 -0.85
N TYR C 75 -7.50 -77.35 -2.14
CA TYR C 75 -6.31 -77.99 -2.66
C TYR C 75 -5.44 -76.98 -3.39
N LEU C 76 -4.13 -77.08 -3.18
CA LEU C 76 -3.14 -76.26 -3.86
C LEU C 76 -2.19 -77.17 -4.61
N THR C 77 -2.17 -77.06 -5.93
CA THR C 77 -1.26 -77.82 -6.77
C THR C 77 -0.07 -76.97 -7.15
N ILE C 78 1.07 -77.63 -7.37
CA ILE C 78 2.31 -76.98 -7.78
C ILE C 78 2.82 -77.75 -8.99
N SER C 79 2.32 -77.41 -10.18
CA SER C 79 2.71 -78.12 -11.39
C SER C 79 4.15 -77.81 -11.77
N ASP C 80 4.85 -78.83 -12.27
CA ASP C 80 6.23 -78.71 -12.73
C ASP C 80 7.13 -78.13 -11.65
N LEU C 81 7.58 -78.98 -10.73
CA LEU C 81 8.39 -78.51 -9.61
C LEU C 81 9.73 -77.99 -10.08
N ARG C 82 10.00 -76.73 -9.81
CA ARG C 82 11.29 -76.11 -10.01
C ARG C 82 12.11 -76.18 -8.72
N PRO C 83 13.44 -76.06 -8.80
CA PRO C 83 14.25 -76.26 -7.59
C PRO C 83 13.97 -75.25 -6.48
N GLU C 84 13.56 -74.04 -6.81
CA GLU C 84 13.36 -72.99 -5.80
C GLU C 84 12.01 -73.07 -5.10
N ASP C 85 11.53 -74.28 -4.79
CA ASP C 85 10.18 -74.47 -4.27
C ASP C 85 10.13 -74.97 -2.83
N GLU C 86 11.26 -75.36 -2.24
CA GLU C 86 11.24 -75.90 -0.88
C GLU C 86 10.96 -74.79 0.13
N THR C 87 9.77 -74.82 0.72
CA THR C 87 9.36 -73.89 1.77
C THR C 87 8.09 -74.44 2.41
N THR C 88 7.51 -73.67 3.32
CA THR C 88 6.30 -74.06 4.03
C THR C 88 5.12 -73.26 3.48
N TYR C 89 4.05 -73.95 3.11
CA TYR C 89 2.88 -73.36 2.47
C TYR C 89 1.73 -73.33 3.46
N TYR C 90 1.11 -72.17 3.63
CA TYR C 90 0.00 -71.98 4.56
C TYR C 90 -1.25 -71.58 3.80
N CYS C 91 -2.41 -72.06 4.27
CA CYS C 91 -3.70 -71.67 3.74
C CYS C 91 -4.47 -70.85 4.79
N CYS C 92 -5.29 -69.92 4.30
CA CYS C 92 -6.09 -69.07 5.16
C CYS C 92 -7.54 -69.04 4.66
N SER C 93 -8.47 -69.18 5.60
CA SER C 93 -9.89 -69.05 5.31
C SER C 93 -10.37 -67.66 5.70
N TYR C 94 -11.17 -67.04 4.83
CA TYR C 94 -11.60 -65.67 5.08
C TYR C 94 -12.84 -65.37 4.25
N THR C 95 -13.51 -64.28 4.60
CA THR C 95 -14.59 -63.72 3.81
C THR C 95 -14.26 -62.25 3.55
N HIS C 96 -15.26 -61.47 3.16
CA HIS C 96 -15.01 -60.08 2.80
C HIS C 96 -14.80 -59.20 4.02
N ASN C 97 -15.56 -59.45 5.10
CA ASN C 97 -15.48 -58.59 6.29
C ASN C 97 -14.97 -59.37 7.50
N SER C 98 -13.90 -60.13 7.33
CA SER C 98 -13.38 -60.94 8.42
C SER C 98 -11.86 -60.87 8.50
N GLY C 99 -11.23 -61.93 9.01
CA GLY C 99 -9.79 -62.02 9.08
C GLY C 99 -9.28 -63.32 8.49
N CYS C 100 -7.98 -63.57 8.60
CA CYS C 100 -7.39 -64.80 8.07
C CYS C 100 -7.37 -65.87 9.16
N VAL C 101 -7.96 -67.02 8.86
CA VAL C 101 -7.88 -68.19 9.72
C VAL C 101 -6.78 -69.06 9.12
N PHE C 102 -5.55 -68.85 9.57
CA PHE C 102 -4.40 -69.52 8.98
C PHE C 102 -4.44 -71.03 9.24
N GLY C 103 -3.71 -71.76 8.41
CA GLY C 103 -3.65 -73.20 8.51
C GLY C 103 -2.43 -73.69 9.28
N THR C 104 -2.34 -75.01 9.39
CA THR C 104 -1.29 -75.66 10.18
C THR C 104 0.05 -75.73 9.45
N GLY C 105 0.09 -75.50 8.15
CA GLY C 105 1.34 -75.50 7.43
C GLY C 105 1.67 -76.84 6.82
N THR C 106 2.45 -76.79 5.73
CA THR C 106 2.84 -78.00 5.01
C THR C 106 4.20 -77.75 4.35
N LYS C 107 5.23 -78.44 4.83
CA LYS C 107 6.57 -78.31 4.27
C LYS C 107 6.68 -79.20 3.03
N VAL C 108 7.21 -78.64 1.94
CA VAL C 108 7.32 -79.34 0.67
C VAL C 108 8.80 -79.46 0.33
N SER C 109 9.24 -80.70 0.08
CA SER C 109 10.62 -80.98 -0.26
C SER C 109 10.71 -81.35 -1.74
N VAL C 110 11.78 -80.89 -2.39
CA VAL C 110 11.98 -81.09 -3.82
C VAL C 110 13.25 -81.89 -4.11
N LEU C 111 13.91 -82.42 -3.08
CA LEU C 111 15.17 -83.14 -3.19
C LEU C 111 15.14 -84.18 -4.32
N GLY C 112 15.85 -83.90 -5.41
CA GLY C 112 15.91 -84.79 -6.55
C GLY C 112 17.19 -84.66 -7.34
N GLU D 2 -7.62 -64.43 -20.21
CA GLU D 2 -8.72 -65.25 -20.68
C GLU D 2 -9.52 -64.52 -21.75
N ASN D 3 -10.82 -64.77 -21.80
CA ASN D 3 -11.72 -64.09 -22.73
C ASN D 3 -11.85 -62.63 -22.30
N LEU D 4 -11.07 -61.75 -22.94
CA LEU D 4 -11.07 -60.32 -22.61
C LEU D 4 -11.14 -59.53 -23.91
N TRP D 5 -12.25 -58.82 -24.10
CA TRP D 5 -12.41 -57.91 -25.23
C TRP D 5 -12.56 -56.49 -24.72
N VAL D 6 -11.98 -55.54 -25.46
CA VAL D 6 -12.02 -54.14 -25.04
C VAL D 6 -13.45 -53.63 -25.11
N THR D 7 -13.79 -52.73 -24.18
CA THR D 7 -15.11 -52.13 -24.11
C THR D 7 -14.98 -50.63 -23.95
N VAL D 8 -15.84 -49.89 -24.64
CA VAL D 8 -15.78 -48.43 -24.67
C VAL D 8 -16.65 -47.86 -23.58
N TYR D 9 -16.09 -46.97 -22.77
CA TYR D 9 -16.80 -46.27 -21.71
C TYR D 9 -16.77 -44.77 -22.00
N TYR D 10 -17.94 -44.15 -21.99
CA TYR D 10 -18.07 -42.74 -22.31
C TYR D 10 -18.55 -41.98 -21.07
N GLY D 11 -17.70 -41.09 -20.55
CA GLY D 11 -18.05 -40.32 -19.39
C GLY D 11 -17.34 -40.77 -18.13
N VAL D 12 -16.03 -41.05 -18.24
CA VAL D 12 -15.25 -41.55 -17.12
C VAL D 12 -14.53 -40.38 -16.44
N PRO D 13 -14.27 -40.45 -15.14
CA PRO D 13 -13.58 -39.35 -14.46
C PRO D 13 -12.08 -39.33 -14.72
N VAL D 14 -11.66 -38.68 -15.80
CA VAL D 14 -10.24 -38.56 -16.12
C VAL D 14 -10.05 -37.26 -16.91
N TRP D 15 -8.96 -36.55 -16.60
CA TRP D 15 -8.68 -35.26 -17.21
C TRP D 15 -7.21 -35.15 -17.53
N LYS D 16 -6.88 -34.20 -18.40
CA LYS D 16 -5.51 -33.88 -18.77
C LYS D 16 -5.24 -32.40 -18.48
N ASP D 17 -4.00 -32.10 -18.12
CA ASP D 17 -3.59 -30.71 -17.95
C ASP D 17 -3.58 -30.02 -19.32
N ALA D 18 -4.38 -28.97 -19.46
CA ALA D 18 -4.43 -28.21 -20.70
C ALA D 18 -4.66 -26.75 -20.35
N GLU D 19 -4.86 -25.92 -21.38
CA GLU D 19 -5.10 -24.51 -21.19
C GLU D 19 -6.00 -24.00 -22.31
N THR D 20 -7.20 -23.55 -21.95
CA THR D 20 -8.16 -22.99 -22.88
C THR D 20 -8.43 -21.53 -22.51
N THR D 21 -9.25 -20.87 -23.32
CA THR D 21 -9.59 -19.47 -23.11
C THR D 21 -10.76 -19.38 -22.14
N LEU D 22 -10.48 -18.98 -20.90
CA LEU D 22 -11.52 -18.79 -19.91
C LEU D 22 -12.40 -17.60 -20.27
N PHE D 23 -13.60 -17.58 -19.71
CA PHE D 23 -14.51 -16.46 -19.83
C PHE D 23 -14.92 -15.97 -18.44
N CYS D 24 -15.50 -14.78 -18.41
CA CYS D 24 -15.77 -14.08 -17.16
C CYS D 24 -17.24 -14.17 -16.76
N ALA D 25 -17.49 -14.06 -15.46
CA ALA D 25 -18.83 -14.08 -14.90
C ALA D 25 -18.90 -13.09 -13.75
N SER D 26 -19.95 -12.28 -13.72
CA SER D 26 -20.15 -11.29 -12.67
C SER D 26 -21.60 -11.32 -12.22
N ASP D 27 -21.92 -10.47 -11.24
CA ASP D 27 -23.18 -10.55 -10.53
C ASP D 27 -24.18 -9.49 -11.01
N ALA D 28 -24.10 -8.29 -10.45
CA ALA D 28 -25.03 -7.23 -10.79
C ALA D 28 -24.32 -5.88 -10.87
N ASN D 37 -17.90 0.21 -15.13
CA ASN D 37 -16.51 0.05 -14.72
C ASN D 37 -15.64 -0.40 -15.90
N VAL D 38 -14.35 -0.07 -15.82
CA VAL D 38 -13.43 -0.37 -16.92
C VAL D 38 -13.44 -1.86 -17.25
N TRP D 39 -13.55 -2.71 -16.22
CA TRP D 39 -13.51 -4.15 -16.43
C TRP D 39 -14.75 -4.71 -17.11
N ALA D 40 -15.75 -3.87 -17.38
CA ALA D 40 -16.92 -4.26 -18.17
C ALA D 40 -17.58 -5.52 -17.60
N THR D 41 -17.65 -5.59 -16.27
CA THR D 41 -18.25 -6.75 -15.62
C THR D 41 -19.73 -6.89 -15.92
N HIS D 42 -20.37 -5.86 -16.48
CA HIS D 42 -21.75 -5.98 -16.93
C HIS D 42 -21.86 -6.91 -18.12
N ALA D 43 -20.80 -7.04 -18.91
CA ALA D 43 -20.82 -7.87 -20.11
C ALA D 43 -20.53 -9.34 -19.83
N CYS D 44 -20.13 -9.68 -18.61
CA CYS D 44 -19.90 -11.07 -18.27
C CYS D 44 -21.23 -11.79 -18.01
N VAL D 45 -21.20 -13.10 -18.18
CA VAL D 45 -22.41 -13.90 -17.93
C VAL D 45 -22.80 -13.76 -16.47
N PRO D 46 -24.10 -13.63 -16.13
CA PRO D 46 -24.49 -13.49 -14.72
C PRO D 46 -23.97 -14.62 -13.84
N THR D 47 -23.26 -14.27 -12.78
CA THR D 47 -22.75 -15.26 -11.84
C THR D 47 -23.90 -16.07 -11.27
N ASP D 48 -23.79 -17.39 -11.37
CA ASP D 48 -24.88 -18.26 -10.94
C ASP D 48 -25.09 -18.14 -9.44
N PRO D 49 -26.33 -17.98 -8.98
CA PRO D 49 -26.57 -17.90 -7.52
C PRO D 49 -26.30 -19.21 -6.81
N ASN D 50 -26.21 -20.33 -7.53
CA ASN D 50 -25.92 -21.64 -6.95
C ASN D 50 -24.55 -22.09 -7.40
N PRO D 51 -23.48 -21.74 -6.69
CA PRO D 51 -22.14 -22.16 -7.12
C PRO D 51 -21.83 -23.59 -6.70
N GLN D 52 -21.88 -24.51 -7.65
CA GLN D 52 -21.66 -25.93 -7.36
C GLN D 52 -20.18 -26.20 -7.14
N GLU D 53 -19.85 -26.72 -5.96
CA GLU D 53 -18.49 -27.13 -5.63
C GLU D 53 -18.52 -28.62 -5.28
N ILE D 54 -18.05 -29.44 -6.21
CA ILE D 54 -18.03 -30.89 -6.01
C ILE D 54 -16.68 -31.27 -5.44
N HIS D 55 -16.68 -31.91 -4.27
CA HIS D 55 -15.45 -32.36 -3.65
C HIS D 55 -15.00 -33.69 -4.27
N LEU D 56 -13.72 -33.77 -4.61
CA LEU D 56 -13.15 -34.95 -5.25
C LEU D 56 -12.45 -35.77 -4.18
N GLU D 57 -13.18 -36.73 -3.60
CA GLU D 57 -12.62 -37.59 -2.57
C GLU D 57 -11.56 -38.51 -3.17
N ASN D 58 -10.55 -38.84 -2.35
CA ASN D 58 -9.44 -39.73 -2.67
C ASN D 58 -8.50 -39.16 -3.74
N VAL D 59 -8.75 -37.96 -4.24
CA VAL D 59 -8.00 -37.41 -5.36
C VAL D 59 -6.84 -36.59 -4.83
N THR D 60 -5.70 -36.66 -5.53
CA THR D 60 -4.52 -35.86 -5.22
C THR D 60 -3.93 -35.36 -6.53
N GLU D 61 -3.88 -34.04 -6.70
CA GLU D 61 -3.44 -33.41 -7.94
C GLU D 61 -2.20 -32.58 -7.72
N GLU D 62 -1.34 -32.55 -8.75
CA GLU D 62 -0.13 -31.75 -8.73
C GLU D 62 -0.42 -30.34 -9.20
N PHE D 63 -0.07 -29.36 -8.39
CA PHE D 63 -0.23 -27.96 -8.73
C PHE D 63 1.12 -27.29 -8.94
N ASN D 64 1.07 -26.11 -9.57
CA ASN D 64 2.27 -25.30 -9.76
C ASN D 64 1.79 -23.89 -10.12
N MET D 65 1.54 -23.09 -9.07
CA MET D 65 1.01 -21.74 -9.25
C MET D 65 1.93 -20.86 -10.08
N TRP D 66 3.15 -21.29 -10.38
CA TRP D 66 4.10 -20.51 -11.14
C TRP D 66 4.14 -20.89 -12.61
N LYS D 67 3.53 -22.00 -12.99
CA LYS D 67 3.26 -22.32 -14.39
C LYS D 67 1.79 -22.10 -14.75
N ASN D 68 0.98 -21.67 -13.79
CA ASN D 68 -0.45 -21.53 -14.01
C ASN D 68 -0.74 -20.54 -15.13
N ASN D 69 -1.53 -20.97 -16.12
CA ASN D 69 -1.83 -20.14 -17.27
C ASN D 69 -2.97 -19.16 -17.00
N MET D 70 -3.81 -19.42 -16.00
CA MET D 70 -4.86 -18.46 -15.67
C MET D 70 -4.29 -17.10 -15.31
N VAL D 71 -3.09 -17.08 -14.74
CA VAL D 71 -2.44 -15.81 -14.42
C VAL D 71 -1.97 -15.12 -15.69
N GLU D 72 -1.40 -15.88 -16.63
CA GLU D 72 -0.99 -15.29 -17.89
C GLU D 72 -2.18 -14.82 -18.72
N GLN D 73 -3.34 -15.48 -18.56
CA GLN D 73 -4.53 -15.04 -19.26
C GLN D 73 -5.19 -13.85 -18.57
N MET D 74 -5.23 -13.86 -17.24
CA MET D 74 -5.76 -12.71 -16.51
C MET D 74 -4.91 -11.48 -16.74
N HIS D 75 -3.58 -11.64 -16.79
CA HIS D 75 -2.70 -10.50 -16.98
C HIS D 75 -2.97 -9.80 -18.31
N THR D 76 -3.20 -10.57 -19.38
CA THR D 76 -3.48 -9.99 -20.67
C THR D 76 -4.96 -9.60 -20.83
N ASP D 77 -5.85 -10.18 -20.03
CA ASP D 77 -7.25 -9.79 -20.09
C ASP D 77 -7.45 -8.39 -19.50
N ILE D 78 -6.78 -8.10 -18.39
CA ILE D 78 -6.93 -6.78 -17.78
C ILE D 78 -6.33 -5.71 -18.68
N ILE D 79 -5.17 -5.99 -19.29
CA ILE D 79 -4.56 -5.05 -20.20
C ILE D 79 -5.44 -4.86 -21.43
N SER D 80 -6.05 -5.95 -21.93
CA SER D 80 -6.97 -5.82 -23.05
C SER D 80 -8.21 -5.00 -22.67
N LEU D 81 -8.65 -5.11 -21.42
CA LEU D 81 -9.77 -4.30 -20.95
C LEU D 81 -9.38 -2.84 -20.80
N TRP D 82 -8.11 -2.56 -20.48
CA TRP D 82 -7.69 -1.18 -20.30
C TRP D 82 -7.66 -0.44 -21.64
N ASP D 83 -7.03 -1.03 -22.65
CA ASP D 83 -7.01 -0.43 -23.98
C ASP D 83 -8.40 -0.34 -24.59
N GLN D 84 -9.34 -1.16 -24.12
CA GLN D 84 -10.69 -1.15 -24.66
C GLN D 84 -11.49 0.02 -24.10
N SER D 85 -11.30 0.36 -22.83
CA SER D 85 -12.05 1.43 -22.18
C SER D 85 -11.38 2.79 -22.33
N LEU D 86 -10.44 2.93 -23.26
CA LEU D 86 -9.82 4.21 -23.58
C LEU D 86 -9.99 4.59 -25.04
N LYS D 87 -10.69 3.78 -25.83
CA LYS D 87 -10.90 4.13 -27.24
C LYS D 87 -11.86 5.29 -27.41
N PRO D 88 -13.08 5.27 -26.86
CA PRO D 88 -14.02 6.38 -27.14
C PRO D 88 -13.75 7.63 -26.34
N CYS D 89 -12.73 7.64 -25.49
CA CYS D 89 -12.46 8.79 -24.65
C CYS D 89 -11.62 9.82 -25.41
N VAL D 90 -11.59 11.04 -24.87
CA VAL D 90 -10.99 12.17 -25.58
C VAL D 90 -9.47 12.05 -25.53
N LYS D 91 -8.83 12.57 -26.58
CA LYS D 91 -7.38 12.63 -26.68
C LYS D 91 -6.92 14.01 -26.23
N LEU D 92 -6.04 14.06 -25.24
CA LEU D 92 -5.51 15.32 -24.72
C LEU D 92 -4.22 15.75 -25.40
N THR D 93 -4.13 15.57 -26.71
CA THR D 93 -2.95 16.00 -27.45
C THR D 93 -2.87 17.51 -27.65
N PRO D 94 -3.99 18.25 -27.77
CA PRO D 94 -3.88 19.72 -27.77
C PRO D 94 -3.41 20.30 -26.45
N LEU D 95 -3.36 19.50 -25.38
CA LEU D 95 -2.77 19.96 -24.13
C LEU D 95 -1.26 20.04 -24.17
N CYS D 96 -0.62 19.28 -25.06
CA CYS D 96 0.84 19.35 -25.23
C CYS D 96 1.19 20.71 -25.82
N VAL D 97 1.25 21.71 -24.93
CA VAL D 97 1.52 23.09 -25.30
C VAL D 97 2.34 23.71 -24.17
N THR D 98 3.04 24.79 -24.49
CA THR D 98 3.87 25.46 -23.51
C THR D 98 3.01 26.01 -22.37
N LEU D 99 3.29 25.58 -21.15
CA LEU D 99 2.51 25.97 -19.98
C LEU D 99 3.28 27.01 -19.16
N GLN D 100 2.55 27.98 -18.63
CA GLN D 100 3.09 28.99 -17.72
C GLN D 100 2.61 28.64 -16.32
N CYS D 101 3.48 28.04 -15.52
CA CYS D 101 3.12 27.50 -14.22
C CYS D 101 3.70 28.35 -13.09
N THR D 102 2.98 28.37 -11.97
CA THR D 102 3.44 29.01 -10.74
C THR D 102 3.15 28.08 -9.57
N ASN D 103 3.91 28.24 -8.49
CA ASN D 103 3.58 27.54 -7.26
C ASN D 103 2.23 28.01 -6.74
N VAL D 104 1.55 27.12 -6.04
CA VAL D 104 0.29 27.46 -5.38
C VAL D 104 0.60 27.90 -3.96
N THR D 105 0.01 29.02 -3.56
CA THR D 105 0.31 29.66 -2.27
C THR D 105 0.15 28.72 -1.07
N ARG D 113 6.20 20.88 -0.12
CA ARG D 113 6.29 22.32 -0.36
C ARG D 113 6.67 22.59 -1.82
N GLY D 114 5.78 23.26 -2.55
CA GLY D 114 5.98 23.45 -3.96
C GLY D 114 5.67 22.23 -4.80
N GLU D 115 4.71 21.41 -4.38
CA GLU D 115 4.39 20.16 -5.05
C GLU D 115 3.40 20.36 -6.20
N LEU D 116 2.19 20.84 -5.89
CA LEU D 116 1.17 21.01 -6.90
C LEU D 116 1.27 22.41 -7.51
N LYS D 117 1.18 22.48 -8.83
CA LYS D 117 1.41 23.70 -9.58
C LYS D 117 0.10 24.35 -10.02
N ASN D 118 0.24 25.53 -10.61
CA ASN D 118 -0.89 26.29 -11.16
C ASN D 118 -0.45 26.79 -12.53
N CYS D 119 -0.93 26.13 -13.58
CA CYS D 119 -0.45 26.37 -14.94
C CYS D 119 -1.55 26.99 -15.80
N SER D 120 -1.15 27.93 -16.66
CA SER D 120 -2.03 28.53 -17.64
C SER D 120 -1.48 28.29 -19.03
N PHE D 121 -2.36 28.25 -20.03
CA PHE D 121 -1.95 27.93 -21.38
C PHE D 121 -3.01 28.39 -22.37
N ASN D 122 -2.56 28.85 -23.54
CA ASN D 122 -3.46 29.14 -24.64
C ASN D 122 -4.06 27.84 -25.16
N MET D 123 -5.39 27.79 -25.25
CA MET D 123 -6.09 26.56 -25.56
C MET D 123 -7.06 26.79 -26.71
N THR D 124 -7.21 25.77 -27.56
CA THR D 124 -8.19 25.83 -28.64
C THR D 124 -9.60 25.77 -28.08
N THR D 125 -10.50 26.53 -28.69
CA THR D 125 -11.89 26.60 -28.25
C THR D 125 -12.74 25.66 -29.10
N GLU D 126 -14.05 25.91 -29.13
CA GLU D 126 -14.95 25.15 -30.00
C GLU D 126 -14.96 25.68 -31.43
N LEU D 127 -14.43 26.88 -31.65
CA LEU D 127 -14.20 27.42 -32.98
C LEU D 127 -12.73 27.22 -33.33
N ARG D 128 -12.47 26.74 -34.54
CA ARG D 128 -11.11 26.37 -34.92
C ARG D 128 -10.19 27.57 -35.05
N ASP D 129 -10.70 28.79 -35.00
CA ASP D 129 -9.89 29.99 -35.18
C ASP D 129 -9.85 30.87 -33.93
N LYS D 130 -10.29 30.36 -32.79
CA LYS D 130 -10.31 31.13 -31.54
C LYS D 130 -9.47 30.41 -30.50
N LYS D 131 -8.62 31.17 -29.82
CA LYS D 131 -7.85 30.67 -28.69
C LYS D 131 -8.48 31.14 -27.37
N GLN D 132 -8.05 30.55 -26.28
CA GLN D 132 -8.48 30.96 -24.95
C GLN D 132 -7.37 30.68 -23.96
N LYS D 133 -7.19 31.60 -23.00
CA LYS D 133 -6.14 31.47 -21.98
C LYS D 133 -6.80 30.95 -20.71
N VAL D 134 -6.87 29.63 -20.59
CA VAL D 134 -7.42 28.98 -19.42
C VAL D 134 -6.27 28.50 -18.54
N TYR D 135 -6.58 28.27 -17.27
CA TYR D 135 -5.60 27.80 -16.31
C TYR D 135 -6.06 26.48 -15.69
N SER D 136 -5.11 25.76 -15.12
CA SER D 136 -5.40 24.47 -14.49
C SER D 136 -4.27 24.14 -13.53
N LEU D 137 -4.57 23.23 -12.60
CA LEU D 137 -3.62 22.77 -11.61
C LEU D 137 -3.09 21.40 -12.01
N PHE D 138 -1.77 21.23 -11.94
CA PHE D 138 -1.12 19.95 -12.21
C PHE D 138 -0.17 19.62 -11.08
N TYR D 139 -0.10 18.34 -10.73
CA TYR D 139 0.91 17.88 -9.78
C TYR D 139 2.30 18.00 -10.40
N ARG D 140 3.32 17.94 -9.55
CA ARG D 140 4.69 18.11 -10.02
C ARG D 140 5.08 16.96 -10.95
N LEU D 141 4.63 15.75 -10.65
CA LEU D 141 5.04 14.56 -11.40
C LEU D 141 4.50 14.55 -12.83
N ASP D 142 3.66 15.51 -13.21
CA ASP D 142 3.07 15.55 -14.54
C ASP D 142 3.69 16.62 -15.43
N VAL D 143 4.58 17.44 -14.92
CA VAL D 143 5.13 18.56 -15.67
C VAL D 143 6.65 18.59 -15.55
N VAL D 144 7.30 19.12 -16.59
CA VAL D 144 8.73 19.33 -16.63
C VAL D 144 9.00 20.64 -17.34
N GLN D 145 10.09 21.31 -16.95
CA GLN D 145 10.41 22.62 -17.48
C GLN D 145 11.01 22.51 -18.87
N ILE D 146 11.43 23.66 -19.41
CA ILE D 146 12.08 23.71 -20.71
C ILE D 146 13.50 24.25 -20.55
N ASN D 158 7.05 33.75 -13.69
CA ASN D 158 6.56 32.63 -14.50
C ASN D 158 7.72 31.81 -15.07
N LYS D 159 7.59 30.49 -14.97
CA LYS D 159 8.49 29.55 -15.62
C LYS D 159 7.69 28.67 -16.56
N GLU D 160 8.32 28.23 -17.65
CA GLU D 160 7.62 27.49 -18.69
C GLU D 160 7.71 25.99 -18.43
N TYR D 161 6.58 25.30 -18.57
CA TYR D 161 6.52 23.86 -18.34
C TYR D 161 5.91 23.13 -19.52
N ARG D 162 5.54 21.87 -19.31
CA ARG D 162 5.06 20.98 -20.36
C ARG D 162 4.63 19.67 -19.70
N LEU D 163 3.66 19.00 -20.31
CA LEU D 163 3.25 17.69 -19.82
C LEU D 163 4.38 16.68 -19.99
N ILE D 164 4.46 15.75 -19.03
CA ILE D 164 5.60 14.84 -18.97
C ILE D 164 5.63 13.90 -20.17
N ASN D 165 4.47 13.61 -20.77
CA ASN D 165 4.38 12.60 -21.81
C ASN D 165 4.62 13.13 -23.21
N CYS D 166 4.71 14.46 -23.39
CA CYS D 166 4.65 15.02 -24.74
C CYS D 166 5.84 14.61 -25.60
N ASN D 167 7.01 14.38 -25.00
CA ASN D 167 8.18 13.99 -25.77
C ASN D 167 8.27 12.48 -25.98
N THR D 168 7.32 11.71 -25.48
CA THR D 168 7.35 10.26 -25.62
C THR D 168 6.11 9.71 -26.31
N SER D 169 4.92 10.14 -25.89
CA SER D 169 3.71 9.45 -26.29
C SER D 169 2.53 10.40 -26.33
N ALA D 170 1.50 10.00 -27.07
CA ALA D 170 0.20 10.66 -26.98
C ALA D 170 -0.48 10.28 -25.68
N ILE D 171 -1.53 11.02 -25.34
CA ILE D 171 -2.19 10.90 -24.05
C ILE D 171 -3.70 10.86 -24.25
N THR D 172 -4.36 9.95 -23.53
CA THR D 172 -5.80 9.76 -23.62
C THR D 172 -6.40 9.95 -22.24
N GLN D 173 -7.32 10.91 -22.12
CA GLN D 173 -8.00 11.16 -20.85
C GLN D 173 -9.05 10.09 -20.60
N ALA D 174 -9.00 9.47 -19.41
CA ALA D 174 -9.94 8.42 -19.09
C ALA D 174 -11.36 8.98 -19.03
N CYS D 175 -12.30 8.24 -19.62
CA CYS D 175 -13.70 8.62 -19.60
C CYS D 175 -14.19 8.77 -18.17
N PRO D 176 -14.73 9.94 -17.79
CA PRO D 176 -15.11 10.14 -16.38
C PRO D 176 -16.48 9.56 -16.03
N LYS D 177 -16.81 8.39 -16.57
CA LYS D 177 -18.00 7.67 -16.13
C LYS D 177 -17.62 6.26 -15.70
N VAL D 178 -16.57 5.71 -16.32
CA VAL D 178 -16.07 4.40 -15.92
C VAL D 178 -15.39 4.51 -14.56
N SER D 179 -15.52 3.47 -13.75
CA SER D 179 -15.01 3.46 -12.39
C SER D 179 -13.80 2.53 -12.30
N PHE D 180 -12.78 2.96 -11.55
CA PHE D 180 -11.61 2.14 -11.26
C PHE D 180 -11.82 1.26 -10.04
N GLU D 181 -13.05 0.82 -9.80
CA GLU D 181 -13.37 0.01 -8.62
C GLU D 181 -13.19 -1.46 -8.93
N PRO D 182 -12.36 -2.18 -8.18
CA PRO D 182 -12.25 -3.63 -8.39
C PRO D 182 -13.56 -4.35 -8.13
N ILE D 183 -14.19 -4.84 -9.19
CA ILE D 183 -15.42 -5.62 -9.08
C ILE D 183 -15.04 -7.09 -9.08
N PRO D 184 -15.64 -7.91 -8.20
CA PRO D 184 -15.32 -9.35 -8.20
C PRO D 184 -15.53 -10.00 -9.56
N ILE D 185 -14.46 -10.56 -10.11
CA ILE D 185 -14.47 -11.24 -11.40
C ILE D 185 -14.38 -12.74 -11.15
N HIS D 186 -15.18 -13.51 -11.90
CA HIS D 186 -15.16 -14.96 -11.83
C HIS D 186 -14.69 -15.51 -13.17
N TYR D 187 -13.58 -16.24 -13.17
CA TYR D 187 -13.09 -16.90 -14.37
C TYR D 187 -13.68 -18.30 -14.44
N CYS D 188 -14.34 -18.60 -15.56
CA CYS D 188 -14.99 -19.89 -15.76
C CYS D 188 -14.37 -20.60 -16.95
N ALA D 189 -14.32 -21.93 -16.87
CA ALA D 189 -13.84 -22.75 -17.97
C ALA D 189 -15.01 -23.16 -18.87
N PRO D 190 -14.77 -23.32 -20.17
CA PRO D 190 -15.86 -23.71 -21.09
C PRO D 190 -16.35 -25.11 -20.80
N ALA D 191 -17.43 -25.48 -21.48
CA ALA D 191 -17.94 -26.83 -21.38
C ALA D 191 -16.92 -27.83 -21.91
N GLY D 192 -16.79 -28.96 -21.22
CA GLY D 192 -15.77 -29.94 -21.54
C GLY D 192 -14.49 -29.77 -20.77
N PHE D 193 -14.28 -28.63 -20.12
CA PHE D 193 -13.13 -28.38 -19.26
C PHE D 193 -13.61 -28.25 -17.82
N ALA D 194 -12.66 -28.08 -16.90
CA ALA D 194 -12.99 -27.91 -15.50
C ALA D 194 -11.84 -27.21 -14.79
N ILE D 195 -12.15 -26.66 -13.63
CA ILE D 195 -11.16 -26.03 -12.76
C ILE D 195 -11.09 -26.84 -11.47
N LEU D 196 -9.87 -27.00 -10.94
CA LEU D 196 -9.65 -27.76 -9.72
C LEU D 196 -9.14 -26.82 -8.64
N LYS D 197 -9.83 -26.80 -7.50
CA LYS D 197 -9.44 -25.98 -6.36
C LYS D 197 -8.50 -26.79 -5.46
N CYS D 198 -7.98 -26.15 -4.42
CA CYS D 198 -7.09 -26.81 -3.46
C CYS D 198 -7.55 -26.46 -2.05
N LYS D 199 -8.07 -27.45 -1.33
CA LYS D 199 -8.61 -27.27 0.01
C LYS D 199 -7.56 -27.47 1.10
N ASP D 200 -6.29 -27.29 0.80
CA ASP D 200 -5.23 -27.51 1.78
C ASP D 200 -4.95 -26.18 2.47
N LYS D 201 -5.36 -26.07 3.74
CA LYS D 201 -5.22 -24.83 4.49
C LYS D 201 -3.77 -24.38 4.67
N LYS D 202 -2.80 -25.26 4.40
CA LYS D 202 -1.38 -24.93 4.50
C LYS D 202 -0.65 -25.19 3.19
N PHE D 203 -1.39 -25.16 2.08
CA PHE D 203 -0.84 -25.44 0.77
C PHE D 203 0.11 -24.32 0.35
N ASN D 204 1.39 -24.64 0.21
CA ASN D 204 2.32 -23.67 -0.36
C ASN D 204 2.13 -23.68 -1.87
N GLY D 205 3.04 -23.02 -2.60
CA GLY D 205 2.81 -22.76 -4.01
C GLY D 205 2.60 -24.02 -4.83
N THR D 206 3.52 -24.98 -4.70
CA THR D 206 3.55 -26.16 -5.54
C THR D 206 3.29 -27.41 -4.71
N GLY D 207 3.30 -28.56 -5.38
CA GLY D 207 3.17 -29.83 -4.71
C GLY D 207 1.84 -30.51 -4.96
N PRO D 208 1.65 -31.68 -4.36
CA PRO D 208 0.39 -32.42 -4.53
C PRO D 208 -0.66 -32.02 -3.49
N CYS D 209 -1.71 -31.36 -3.94
CA CYS D 209 -2.77 -30.93 -3.03
C CYS D 209 -3.52 -32.15 -2.51
N PRO D 210 -3.55 -32.40 -1.21
CA PRO D 210 -4.22 -33.60 -0.68
C PRO D 210 -5.73 -33.56 -0.88
N SER D 211 -6.37 -32.45 -0.54
CA SER D 211 -7.81 -32.29 -0.66
C SER D 211 -8.11 -31.42 -1.87
N VAL D 212 -8.75 -32.01 -2.88
CA VAL D 212 -9.04 -31.32 -4.14
C VAL D 212 -10.55 -31.35 -4.36
N SER D 213 -11.05 -30.27 -4.97
CA SER D 213 -12.44 -30.19 -5.38
C SER D 213 -12.51 -29.47 -6.72
N THR D 214 -13.54 -29.78 -7.50
CA THR D 214 -13.71 -29.18 -8.82
C THR D 214 -14.75 -28.07 -8.76
N VAL D 215 -14.47 -26.98 -9.50
CA VAL D 215 -15.38 -25.85 -9.61
C VAL D 215 -15.53 -25.52 -11.09
N GLN D 216 -16.61 -24.80 -11.40
CA GLN D 216 -16.80 -24.30 -12.76
C GLN D 216 -16.24 -22.89 -12.92
N CYS D 217 -16.29 -22.09 -11.87
CA CYS D 217 -15.80 -20.72 -11.89
C CYS D 217 -15.00 -20.45 -10.63
N THR D 218 -13.99 -19.58 -10.76
CA THR D 218 -13.22 -19.16 -9.60
C THR D 218 -14.08 -18.27 -8.70
N HIS D 219 -13.57 -18.01 -7.50
CA HIS D 219 -14.29 -17.17 -6.55
C HIS D 219 -14.22 -15.72 -7.00
N GLY D 220 -14.81 -14.84 -6.18
CA GLY D 220 -14.80 -13.42 -6.47
C GLY D 220 -13.43 -12.82 -6.38
N ILE D 221 -12.79 -12.60 -7.52
CA ILE D 221 -11.43 -12.07 -7.59
C ILE D 221 -11.50 -10.61 -7.97
N LYS D 222 -11.00 -9.74 -7.10
CA LYS D 222 -10.98 -8.31 -7.35
C LYS D 222 -9.70 -7.93 -8.07
N PRO D 223 -9.76 -7.48 -9.32
CA PRO D 223 -8.53 -7.14 -10.06
C PRO D 223 -7.85 -5.89 -9.50
N VAL D 224 -7.28 -6.00 -8.31
CA VAL D 224 -6.64 -4.86 -7.66
C VAL D 224 -5.22 -4.71 -8.19
N VAL D 225 -4.96 -3.59 -8.86
CA VAL D 225 -3.62 -3.25 -9.33
C VAL D 225 -2.89 -2.57 -8.18
N SER D 226 -1.95 -3.28 -7.57
CA SER D 226 -1.26 -2.76 -6.39
C SER D 226 0.25 -2.85 -6.54
N THR D 227 0.97 -2.60 -5.45
CA THR D 227 2.43 -2.67 -5.44
C THR D 227 2.89 -2.85 -3.99
N GLN D 228 3.85 -3.76 -3.79
CA GLN D 228 4.46 -4.01 -2.49
C GLN D 228 3.46 -4.58 -1.48
N LEU D 229 2.27 -3.98 -1.38
CA LEU D 229 1.25 -4.39 -0.44
C LEU D 229 0.03 -4.88 -1.23
N LEU D 230 -0.35 -6.13 -1.03
CA LEU D 230 -1.50 -6.71 -1.71
C LEU D 230 -2.77 -6.23 -1.02
N LEU D 231 -3.57 -5.44 -1.74
CA LEU D 231 -4.74 -4.77 -1.18
C LEU D 231 -6.00 -5.57 -1.43
N ASN D 232 -6.90 -5.57 -0.44
CA ASN D 232 -8.25 -6.10 -0.56
C ASN D 232 -8.28 -7.55 -1.06
N GLY D 233 -7.19 -8.29 -0.88
CA GLY D 233 -7.09 -9.64 -1.36
C GLY D 233 -7.68 -10.65 -0.38
N SER D 234 -7.60 -11.91 -0.77
CA SER D 234 -8.10 -12.99 0.06
C SER D 234 -7.06 -13.40 1.10
N LEU D 235 -7.54 -13.77 2.28
CA LEU D 235 -6.67 -14.11 3.39
C LEU D 235 -6.22 -15.57 3.29
N ALA D 236 -5.41 -15.99 4.27
CA ALA D 236 -4.98 -17.36 4.41
C ALA D 236 -5.61 -17.96 5.66
N GLU D 237 -6.15 -19.16 5.54
CA GLU D 237 -6.64 -19.86 6.71
C GLU D 237 -5.48 -20.48 7.48
N GLU D 238 -5.75 -20.84 8.74
CA GLU D 238 -4.74 -21.36 9.67
C GLU D 238 -3.67 -20.29 9.83
N GLU D 239 -2.43 -20.53 9.44
CA GLU D 239 -1.33 -19.59 9.67
C GLU D 239 -1.00 -18.82 8.40
N VAL D 240 -0.19 -17.77 8.57
CA VAL D 240 0.24 -16.95 7.43
C VAL D 240 1.18 -17.76 6.55
N MET D 241 0.91 -17.77 5.25
CA MET D 241 1.69 -18.52 4.29
C MET D 241 2.71 -17.62 3.59
N ILE D 242 3.72 -18.26 3.00
CA ILE D 242 4.77 -17.59 2.25
C ILE D 242 5.14 -18.50 1.09
N ARG D 243 5.22 -17.93 -0.12
CA ARG D 243 5.42 -18.71 -1.33
C ARG D 243 6.51 -18.10 -2.21
N SER D 244 7.17 -18.98 -2.97
CA SER D 244 8.15 -18.61 -3.99
C SER D 244 8.48 -19.87 -4.79
N GLU D 245 8.99 -19.67 -6.00
CA GLU D 245 9.48 -20.79 -6.80
C GLU D 245 10.68 -21.44 -6.11
N ASN D 246 11.77 -20.70 -6.01
CA ASN D 246 12.97 -21.14 -5.32
C ASN D 246 13.36 -20.03 -4.34
N ILE D 247 12.97 -20.20 -3.09
CA ILE D 247 13.23 -19.19 -2.06
C ILE D 247 14.73 -18.92 -1.91
N THR D 248 15.58 -19.85 -2.33
CA THR D 248 17.01 -19.59 -2.38
C THR D 248 17.39 -18.66 -3.53
N ASN D 249 16.56 -18.57 -4.57
CA ASN D 249 16.80 -17.65 -5.67
C ASN D 249 16.29 -16.27 -5.26
N ASN D 250 17.20 -15.32 -5.08
CA ASN D 250 16.82 -13.99 -4.62
C ASN D 250 16.11 -13.19 -5.69
N ALA D 251 16.18 -13.61 -6.96
CA ALA D 251 15.47 -12.93 -8.04
C ALA D 251 14.03 -13.39 -8.16
N LYS D 252 13.51 -14.13 -7.18
CA LYS D 252 12.12 -14.57 -7.16
C LYS D 252 11.39 -13.78 -6.09
N ASN D 253 10.40 -12.99 -6.50
CA ASN D 253 9.60 -12.22 -5.55
C ASN D 253 8.88 -13.16 -4.60
N ILE D 254 9.06 -12.93 -3.30
CA ILE D 254 8.38 -13.71 -2.27
C ILE D 254 6.96 -13.20 -2.13
N LEU D 255 5.99 -14.10 -2.27
CA LEU D 255 4.56 -13.76 -2.20
C LEU D 255 4.03 -14.28 -0.86
N VAL D 256 4.16 -13.46 0.17
CA VAL D 256 3.64 -13.78 1.49
C VAL D 256 2.21 -13.27 1.61
N GLN D 257 1.34 -14.11 2.17
CA GLN D 257 -0.08 -13.82 2.29
C GLN D 257 -0.50 -13.95 3.75
N PHE D 258 -1.05 -12.88 4.31
CA PHE D 258 -1.38 -12.84 5.72
C PHE D 258 -2.57 -13.75 6.03
N ASN D 259 -2.75 -14.03 7.32
CA ASN D 259 -3.94 -14.69 7.82
C ASN D 259 -4.88 -13.75 8.57
N THR D 260 -4.33 -12.69 9.15
CA THR D 260 -5.10 -11.62 9.78
C THR D 260 -4.82 -10.32 9.04
N PRO D 261 -5.86 -9.56 8.66
CA PRO D 261 -5.62 -8.34 7.88
C PRO D 261 -5.21 -7.18 8.78
N VAL D 262 -4.17 -6.46 8.36
CA VAL D 262 -3.79 -5.20 8.99
C VAL D 262 -4.41 -4.08 8.16
N GLN D 263 -5.15 -3.20 8.82
CA GLN D 263 -5.98 -2.21 8.14
C GLN D 263 -5.17 -0.96 7.81
N ILE D 264 -5.39 -0.44 6.60
CA ILE D 264 -4.73 0.78 6.14
C ILE D 264 -5.80 1.76 5.69
N ASN D 265 -5.67 3.02 6.15
CA ASN D 265 -6.56 4.11 5.75
C ASN D 265 -5.75 5.15 4.99
N CYS D 266 -6.18 5.45 3.77
CA CYS D 266 -5.50 6.43 2.93
C CYS D 266 -6.46 7.56 2.59
N THR D 267 -5.91 8.74 2.36
CA THR D 267 -6.73 9.89 2.02
C THR D 267 -5.89 10.98 1.38
N ARG D 268 -6.43 11.59 0.32
CA ARG D 268 -5.97 12.88 -0.14
C ARG D 268 -6.93 13.93 0.39
N PRO D 269 -6.54 14.75 1.37
CA PRO D 269 -7.51 15.60 2.06
C PRO D 269 -7.86 16.88 1.33
N ASN D 270 -7.19 17.20 0.23
CA ASN D 270 -7.49 18.44 -0.50
C ASN D 270 -8.86 18.33 -1.16
N ASN D 271 -9.71 19.32 -0.90
CA ASN D 271 -11.05 19.39 -1.50
C ASN D 271 -10.89 19.97 -2.90
N ASN D 272 -10.64 19.09 -3.86
CA ASN D 272 -10.38 19.51 -5.24
C ASN D 272 -11.68 19.83 -5.97
N THR D 273 -11.52 20.57 -7.08
CA THR D 273 -12.63 20.94 -7.94
C THR D 273 -12.29 20.59 -9.37
N ARG D 274 -13.29 20.12 -10.12
CA ARG D 274 -13.12 19.77 -11.53
C ARG D 274 -13.67 20.90 -12.39
N LYS D 275 -12.94 21.23 -13.45
CA LYS D 275 -13.30 22.31 -14.35
C LYS D 275 -13.34 21.78 -15.77
N SER D 276 -14.52 21.77 -16.38
CA SER D 276 -14.66 21.35 -17.76
C SER D 276 -14.13 22.43 -18.70
N ILE D 277 -13.31 22.03 -19.66
CA ILE D 277 -12.69 22.94 -20.61
C ILE D 277 -13.00 22.43 -22.01
N ARG D 278 -13.88 23.12 -22.73
CA ARG D 278 -14.22 22.75 -24.10
C ARG D 278 -13.00 22.97 -24.99
N ILE D 279 -12.35 21.87 -25.38
CA ILE D 279 -11.18 21.93 -26.26
C ILE D 279 -11.52 21.66 -27.71
N GLY D 280 -12.77 21.31 -28.01
CA GLY D 280 -13.20 21.06 -29.36
C GLY D 280 -14.67 20.71 -29.41
N PRO D 281 -15.24 20.63 -30.62
CA PRO D 281 -16.64 20.23 -30.74
C PRO D 281 -16.91 18.87 -30.12
N GLY D 282 -17.52 18.86 -28.94
CA GLY D 282 -17.75 17.63 -28.21
C GLY D 282 -16.56 17.10 -27.46
N GLN D 283 -15.47 17.86 -27.39
CA GLN D 283 -14.25 17.46 -26.69
C GLN D 283 -14.08 18.34 -25.47
N ALA D 284 -14.06 17.72 -24.29
CA ALA D 284 -13.96 18.43 -23.02
C ALA D 284 -12.80 17.87 -22.22
N PHE D 285 -11.88 18.76 -21.83
CA PHE D 285 -10.77 18.40 -20.95
C PHE D 285 -11.14 18.76 -19.52
N TYR D 286 -11.16 17.76 -18.65
CA TYR D 286 -11.51 17.96 -17.24
C TYR D 286 -10.24 18.30 -16.48
N ALA D 287 -10.18 19.53 -15.96
CA ALA D 287 -9.00 20.07 -15.31
C ALA D 287 -9.28 20.32 -13.84
N THR D 288 -8.19 20.42 -13.07
CA THR D 288 -8.28 20.74 -11.65
C THR D 288 -8.45 22.25 -11.50
N GLY D 289 -9.67 22.68 -11.17
CA GLY D 289 -9.97 24.09 -11.04
C GLY D 289 -9.14 24.79 -9.98
N ASP D 290 -9.46 24.54 -8.72
CA ASP D 290 -8.66 25.06 -7.61
C ASP D 290 -9.02 24.27 -6.36
N ILE D 291 -8.20 24.43 -5.33
CA ILE D 291 -8.41 23.75 -4.06
C ILE D 291 -9.31 24.62 -3.19
N ILE D 292 -10.35 24.02 -2.64
CA ILE D 292 -11.31 24.71 -1.77
C ILE D 292 -10.90 24.40 -0.34
N GLY D 293 -10.24 25.35 0.31
CA GLY D 293 -9.87 25.19 1.70
C GLY D 293 -8.41 24.90 1.92
N ASP D 294 -8.11 24.03 2.89
CA ASP D 294 -6.74 23.75 3.26
C ASP D 294 -6.01 22.98 2.17
N ILE D 295 -4.69 23.20 2.11
CA ILE D 295 -3.80 22.39 1.30
C ILE D 295 -3.02 21.49 2.25
N ARG D 296 -3.23 20.18 2.13
CA ARG D 296 -2.59 19.24 3.04
C ARG D 296 -1.83 18.14 2.29
N GLN D 297 -1.40 17.13 3.02
CA GLN D 297 -0.56 16.06 2.50
C GLN D 297 -1.38 14.78 2.37
N ALA D 298 -1.26 14.11 1.21
CA ALA D 298 -1.87 12.81 1.03
C ALA D 298 -1.02 11.74 1.71
N HIS D 299 -1.66 10.87 2.47
CA HIS D 299 -0.93 9.92 3.30
C HIS D 299 -1.82 8.71 3.59
N CYS D 300 -1.22 7.73 4.26
CA CYS D 300 -1.92 6.53 4.69
C CYS D 300 -1.57 6.23 6.15
N ASN D 301 -2.46 5.53 6.83
CA ASN D 301 -2.26 5.12 8.21
C ASN D 301 -2.43 3.61 8.34
N VAL D 302 -1.52 2.98 9.09
CA VAL D 302 -1.69 1.62 9.57
C VAL D 302 -1.46 1.63 11.07
N SER D 303 -2.08 0.66 11.75
CA SER D 303 -1.88 0.54 13.19
C SER D 303 -0.49 -0.03 13.45
N LYS D 304 0.34 0.73 14.18
CA LYS D 304 1.69 0.27 14.49
C LYS D 304 1.67 -1.01 15.32
N ALA D 305 0.57 -1.30 16.01
CA ALA D 305 0.47 -2.55 16.75
C ALA D 305 0.10 -3.72 15.84
N THR D 306 -0.98 -3.56 15.06
CA THR D 306 -1.40 -4.63 14.16
C THR D 306 -0.40 -4.87 13.04
N TRP D 307 0.42 -3.87 12.69
CA TRP D 307 1.52 -4.08 11.76
C TRP D 307 2.75 -4.70 12.44
N ASN D 308 2.91 -4.49 13.75
CA ASN D 308 4.01 -5.13 14.46
C ASN D 308 3.77 -6.62 14.63
N GLU D 309 2.54 -7.01 14.99
CA GLU D 309 2.25 -8.43 15.13
C GLU D 309 2.17 -9.13 13.78
N THR D 310 1.79 -8.40 12.72
CA THR D 310 1.76 -8.99 11.40
C THR D 310 3.17 -9.19 10.85
N LEU D 311 4.07 -8.25 11.13
CA LEU D 311 5.47 -8.47 10.80
C LEU D 311 6.10 -9.55 11.66
N GLY D 312 5.56 -9.77 12.87
CA GLY D 312 6.08 -10.84 13.71
C GLY D 312 5.67 -12.22 13.22
N LYS D 313 4.45 -12.33 12.70
CA LYS D 313 4.01 -13.59 12.11
C LYS D 313 4.78 -13.90 10.83
N VAL D 314 4.97 -12.88 9.99
CA VAL D 314 5.77 -13.06 8.78
C VAL D 314 7.19 -13.47 9.13
N VAL D 315 7.78 -12.82 10.15
CA VAL D 315 9.14 -13.14 10.56
C VAL D 315 9.24 -14.53 11.18
N LYS D 316 8.12 -15.07 11.68
CA LYS D 316 8.13 -16.41 12.25
C LYS D 316 8.27 -17.47 11.17
N GLN D 317 7.51 -17.33 10.08
CA GLN D 317 7.60 -18.27 8.97
C GLN D 317 8.84 -18.07 8.12
N LEU D 318 9.52 -16.94 8.26
CA LEU D 318 10.75 -16.70 7.49
C LEU D 318 11.93 -17.51 8.00
N ARG D 319 11.87 -17.99 9.25
CA ARG D 319 12.98 -18.77 9.80
C ARG D 319 12.90 -20.24 9.42
N LYS D 320 11.73 -20.72 9.01
CA LYS D 320 11.57 -22.15 8.73
C LYS D 320 12.43 -22.62 7.56
N HIS D 321 12.88 -21.70 6.69
CA HIS D 321 13.79 -22.06 5.62
C HIS D 321 15.01 -21.12 5.56
N PHE D 322 15.19 -20.26 6.55
CA PHE D 322 16.38 -19.41 6.61
C PHE D 322 17.23 -19.62 7.85
N GLY D 323 16.69 -20.20 8.91
CA GLY D 323 17.49 -20.48 10.10
C GLY D 323 16.86 -19.87 11.34
N ASN D 324 16.77 -20.68 12.39
CA ASN D 324 16.21 -20.22 13.66
C ASN D 324 17.10 -19.24 14.40
N ASN D 325 18.33 -19.01 13.91
CA ASN D 325 19.27 -18.10 14.56
C ASN D 325 19.61 -16.87 13.74
N THR D 326 19.57 -16.96 12.42
CA THR D 326 19.94 -15.81 11.59
C THR D 326 18.91 -14.68 11.76
N ILE D 327 19.38 -13.46 11.58
CA ILE D 327 18.57 -12.26 11.81
C ILE D 327 17.79 -11.94 10.54
N ILE D 328 16.57 -11.46 10.73
CA ILE D 328 15.70 -11.04 9.62
C ILE D 328 15.53 -9.53 9.73
N ARG D 329 15.96 -8.82 8.70
CA ARG D 329 15.94 -7.36 8.68
C ARG D 329 15.01 -6.87 7.57
N PHE D 330 14.36 -5.74 7.81
CA PHE D 330 13.47 -5.11 6.84
C PHE D 330 13.99 -3.73 6.50
N ALA D 331 14.13 -3.46 5.20
CA ALA D 331 14.55 -2.16 4.69
C ALA D 331 13.60 -1.75 3.58
N ASN D 332 13.78 -0.52 3.09
CA ASN D 332 12.92 0.01 2.04
C ASN D 332 13.51 -0.33 0.67
N SER D 333 12.85 0.16 -0.38
CA SER D 333 13.30 -0.12 -1.74
C SER D 333 14.67 0.48 -2.01
N SER D 334 15.41 -0.11 -2.95
CA SER D 334 16.77 0.29 -3.25
C SER D 334 16.92 0.88 -4.64
N GLY D 335 15.82 1.16 -5.32
CA GLY D 335 15.87 1.74 -6.65
C GLY D 335 14.74 1.24 -7.53
N GLY D 336 14.62 1.88 -8.69
CA GLY D 336 13.61 1.55 -9.66
C GLY D 336 12.81 2.78 -10.06
N ASP D 337 11.56 2.53 -10.44
CA ASP D 337 10.62 3.59 -10.78
C ASP D 337 9.69 3.87 -9.60
N LEU D 338 8.90 4.94 -9.74
CA LEU D 338 7.96 5.31 -8.69
C LEU D 338 6.90 4.24 -8.49
N GLU D 339 6.54 3.52 -9.55
CA GLU D 339 5.51 2.50 -9.45
C GLU D 339 5.93 1.30 -8.60
N VAL D 340 7.22 1.15 -8.29
CA VAL D 340 7.67 -0.02 -7.54
C VAL D 340 8.37 0.41 -6.26
N THR D 341 9.06 1.55 -6.29
CA THR D 341 9.74 2.03 -5.10
C THR D 341 8.77 2.52 -4.04
N THR D 342 7.48 2.63 -4.35
CA THR D 342 6.48 3.10 -3.41
C THR D 342 5.23 2.24 -3.53
N HIS D 343 4.44 2.22 -2.46
CA HIS D 343 3.13 1.58 -2.48
C HIS D 343 2.24 2.28 -3.50
N SER D 344 2.17 1.72 -4.71
CA SER D 344 1.43 2.32 -5.80
C SER D 344 0.08 1.62 -5.93
N PHE D 345 -1.00 2.39 -5.78
CA PHE D 345 -2.35 1.83 -5.83
C PHE D 345 -3.31 2.92 -6.29
N ASN D 346 -4.60 2.64 -6.17
CA ASN D 346 -5.66 3.57 -6.54
C ASN D 346 -6.61 3.73 -5.37
N CYS D 347 -7.06 4.97 -5.14
CA CYS D 347 -7.91 5.30 -4.01
C CYS D 347 -8.95 6.30 -4.48
N GLY D 348 -10.21 5.86 -4.61
CA GLY D 348 -11.30 6.75 -4.97
C GLY D 348 -11.25 7.26 -6.40
N GLY D 349 -10.22 6.85 -7.14
CA GLY D 349 -10.06 7.23 -8.54
C GLY D 349 -8.76 7.95 -8.87
N GLU D 350 -7.95 8.31 -7.87
CA GLU D 350 -6.66 8.94 -8.10
C GLU D 350 -5.54 8.00 -7.69
N PHE D 351 -4.44 8.06 -8.42
CA PHE D 351 -3.35 7.11 -8.28
C PHE D 351 -2.35 7.62 -7.24
N PHE D 352 -2.26 6.92 -6.11
CA PHE D 352 -1.35 7.26 -5.03
C PHE D 352 0.01 6.61 -5.26
N TYR D 353 1.01 7.14 -4.56
CA TYR D 353 2.37 6.58 -4.59
C TYR D 353 2.97 6.83 -3.20
N CYS D 354 2.83 5.84 -2.32
CA CYS D 354 3.08 6.01 -0.90
C CYS D 354 4.46 5.50 -0.51
N ASN D 355 5.23 6.35 0.16
CA ASN D 355 6.52 5.97 0.72
C ASN D 355 6.33 4.92 1.80
N THR D 356 7.09 3.83 1.71
CA THR D 356 6.93 2.69 2.60
C THR D 356 8.12 2.47 3.53
N SER D 357 8.99 3.47 3.68
CA SER D 357 10.13 3.32 4.58
C SER D 357 9.69 3.21 6.04
N GLY D 358 8.50 3.70 6.38
CA GLY D 358 8.00 3.63 7.74
C GLY D 358 7.43 2.29 8.15
N LEU D 359 7.30 1.36 7.21
CA LEU D 359 6.79 0.02 7.48
C LEU D 359 7.87 -1.04 7.53
N PHE D 360 8.86 -0.94 6.64
CA PHE D 360 9.94 -1.91 6.55
C PHE D 360 11.22 -1.25 7.05
N ASN D 361 11.33 -1.15 8.37
CA ASN D 361 12.50 -0.62 9.04
C ASN D 361 12.59 -1.29 10.41
N SER D 362 12.81 -2.61 10.40
CA SER D 362 12.85 -3.39 11.63
C SER D 362 13.80 -4.56 11.43
N THR D 363 14.65 -4.80 12.43
CA THR D 363 15.57 -5.93 12.44
C THR D 363 15.20 -6.84 13.60
N TRP D 364 14.89 -8.09 13.29
CA TRP D 364 14.42 -9.04 14.29
C TRP D 364 15.53 -10.01 14.67
N ILE D 365 15.59 -10.34 15.96
CA ILE D 365 16.65 -11.16 16.50
C ILE D 365 16.15 -12.59 16.62
N SER D 366 17.07 -13.53 16.88
CA SER D 366 16.71 -14.94 17.05
C SER D 366 15.61 -15.13 18.06
N ASN D 367 15.57 -14.30 19.11
CA ASN D 367 14.50 -14.36 20.10
C ASN D 367 14.41 -13.05 20.87
N ASN D 379 -3.18 4.99 21.43
CA ASN D 379 -3.32 4.62 20.02
C ASN D 379 -1.97 4.70 19.31
N ASP D 380 -1.76 3.80 18.36
CA ASP D 380 -0.54 3.77 17.55
C ASP D 380 -0.90 3.98 16.09
N SER D 381 0.00 4.64 15.36
CA SER D 381 -0.27 4.95 13.95
C SER D 381 1.05 5.23 13.24
N ILE D 382 1.28 4.51 12.14
CA ILE D 382 2.36 4.83 11.21
C ILE D 382 1.77 5.64 10.07
N THR D 383 2.54 6.58 9.54
CA THR D 383 2.08 7.47 8.48
C THR D 383 3.00 7.36 7.28
N LEU D 384 2.41 7.25 6.10
CA LEU D 384 3.14 7.06 4.85
C LEU D 384 2.93 8.26 3.93
N PRO D 385 3.96 9.06 3.65
CA PRO D 385 3.76 10.25 2.80
C PRO D 385 3.55 9.89 1.34
N CYS D 386 2.30 9.94 0.88
CA CYS D 386 1.95 9.58 -0.49
C CYS D 386 1.97 10.81 -1.39
N ARG D 387 2.43 10.61 -2.62
CA ARG D 387 2.31 11.60 -3.68
C ARG D 387 1.25 11.12 -4.66
N ILE D 388 0.72 12.07 -5.45
CA ILE D 388 -0.36 11.79 -6.39
C ILE D 388 0.06 12.21 -7.78
N LYS D 389 -0.23 11.37 -8.76
CA LYS D 389 0.15 11.57 -10.15
C LYS D 389 -1.07 11.34 -11.03
N GLN D 390 -1.17 12.10 -12.12
CA GLN D 390 -2.29 11.96 -13.05
C GLN D 390 -1.88 11.38 -14.40
N ILE D 391 -0.68 11.68 -14.89
CA ILE D 391 -0.18 11.10 -16.13
C ILE D 391 0.49 9.78 -15.78
N ILE D 392 -0.22 8.68 -16.01
CA ILE D 392 0.28 7.35 -15.65
C ILE D 392 0.24 6.45 -16.86
N ASN D 393 1.32 5.70 -17.06
CA ASN D 393 1.32 4.53 -17.94
C ASN D 393 0.93 3.34 -17.07
N MET D 394 -0.26 2.79 -17.30
CA MET D 394 -0.81 1.77 -16.41
C MET D 394 0.17 0.62 -16.21
N TRP D 395 0.65 0.05 -17.31
CA TRP D 395 1.62 -1.02 -17.29
C TRP D 395 2.94 -0.50 -17.88
N GLN D 396 3.76 -1.41 -18.39
CA GLN D 396 4.99 -1.00 -19.07
C GLN D 396 4.72 -0.50 -20.49
N ARG D 397 3.47 -0.15 -20.80
CA ARG D 397 3.10 0.23 -22.17
C ARG D 397 3.98 1.35 -22.69
N ILE D 398 4.52 1.15 -23.89
CA ILE D 398 5.40 2.12 -24.53
C ILE D 398 4.61 2.83 -25.61
N GLY D 399 4.60 4.16 -25.57
CA GLY D 399 3.88 4.96 -26.52
C GLY D 399 2.44 5.26 -26.17
N GLN D 400 1.98 4.87 -24.99
CA GLN D 400 0.62 5.13 -24.55
C GLN D 400 0.61 5.67 -23.14
N ALA D 401 -0.13 6.77 -22.93
CA ALA D 401 -0.26 7.40 -21.64
C ALA D 401 -1.72 7.76 -21.40
N MET D 402 -2.09 7.88 -20.13
CA MET D 402 -3.46 8.17 -19.73
C MET D 402 -3.48 9.28 -18.69
N TYR D 403 -4.37 10.25 -18.89
CA TYR D 403 -4.63 11.30 -17.92
C TYR D 403 -5.86 10.91 -17.10
N ALA D 404 -5.64 10.66 -15.82
CA ALA D 404 -6.76 10.40 -14.92
C ALA D 404 -7.42 11.72 -14.54
N PRO D 405 -8.72 11.90 -14.81
CA PRO D 405 -9.35 13.18 -14.51
C PRO D 405 -9.43 13.41 -13.01
N PRO D 406 -9.42 14.65 -12.56
CA PRO D 406 -9.43 14.91 -11.12
C PRO D 406 -10.77 14.53 -10.49
N ILE D 407 -10.70 14.20 -9.21
CA ILE D 407 -11.87 13.75 -8.45
C ILE D 407 -12.28 14.87 -7.51
N GLN D 408 -13.54 15.30 -7.63
CA GLN D 408 -14.06 16.33 -6.74
C GLN D 408 -14.32 15.76 -5.35
N GLY D 409 -14.19 16.61 -4.34
CA GLY D 409 -14.39 16.21 -2.96
C GLY D 409 -13.09 15.89 -2.25
N VAL D 410 -13.24 15.18 -1.13
CA VAL D 410 -12.12 14.73 -0.32
C VAL D 410 -12.08 13.21 -0.40
N ILE D 411 -11.01 12.69 -0.98
CA ILE D 411 -10.87 11.26 -1.21
C ILE D 411 -10.38 10.58 0.06
N ARG D 412 -11.07 9.51 0.45
CA ARG D 412 -10.55 8.61 1.48
C ARG D 412 -11.13 7.23 1.23
N CYS D 413 -10.27 6.21 1.29
CA CYS D 413 -10.64 4.83 1.03
C CYS D 413 -10.08 3.96 2.14
N VAL D 414 -10.86 2.96 2.54
CA VAL D 414 -10.47 2.02 3.59
C VAL D 414 -10.30 0.65 2.97
N SER D 415 -9.09 0.09 3.08
CA SER D 415 -8.78 -1.19 2.47
C SER D 415 -7.92 -2.01 3.41
N ASN D 416 -7.93 -3.32 3.19
CA ASN D 416 -7.06 -4.24 3.92
C ASN D 416 -5.83 -4.55 3.08
N ILE D 417 -4.66 -4.52 3.70
CA ILE D 417 -3.47 -5.12 3.11
C ILE D 417 -3.42 -6.56 3.60
N THR D 418 -3.63 -7.51 2.69
CA THR D 418 -3.71 -8.92 3.06
C THR D 418 -2.52 -9.73 2.59
N GLY D 419 -1.71 -9.22 1.67
CA GLY D 419 -0.52 -9.89 1.24
C GLY D 419 0.70 -8.99 1.30
N LEU D 420 1.75 -9.35 0.57
CA LEU D 420 3.00 -8.61 0.59
C LEU D 420 3.93 -9.25 -0.45
N ILE D 421 4.74 -8.41 -1.07
CA ILE D 421 5.69 -8.85 -2.10
C ILE D 421 7.07 -8.40 -1.65
N LEU D 422 7.86 -9.34 -1.12
CA LEU D 422 9.19 -9.06 -0.59
C LEU D 422 10.26 -9.45 -1.60
N THR D 423 11.50 -9.05 -1.30
CA THR D 423 12.65 -9.36 -2.15
C THR D 423 13.89 -9.36 -1.27
N ARG D 424 14.36 -10.55 -0.92
CA ARG D 424 15.54 -10.67 -0.06
C ARG D 424 16.79 -10.20 -0.80
N ASP D 425 17.83 -9.90 -0.02
CA ASP D 425 19.06 -9.35 -0.57
C ASP D 425 20.04 -10.44 -0.98
N GLY D 426 20.78 -10.97 -0.02
CA GLY D 426 21.77 -12.00 -0.30
C GLY D 426 23.04 -11.44 -0.93
N THR D 433 21.85 -12.86 8.96
CA THR D 433 22.28 -11.89 7.96
C THR D 433 21.40 -11.97 6.70
N GLU D 434 20.08 -11.88 6.90
CA GLU D 434 19.13 -11.96 5.81
C GLU D 434 18.16 -10.79 5.93
N THR D 435 18.16 -9.91 4.94
CA THR D 435 17.32 -8.72 4.95
C THR D 435 16.33 -8.79 3.80
N PHE D 436 15.12 -8.27 4.03
CA PHE D 436 14.03 -8.35 3.07
C PHE D 436 13.50 -6.96 2.76
N ARG D 437 13.30 -6.67 1.48
CA ARG D 437 12.83 -5.38 1.00
C ARG D 437 11.61 -5.58 0.11
N PRO D 438 10.65 -4.67 0.14
CA PRO D 438 9.45 -4.80 -0.67
C PRO D 438 9.72 -4.47 -2.13
N GLY D 439 8.66 -4.51 -2.93
CA GLY D 439 8.77 -4.25 -4.35
C GLY D 439 7.85 -5.13 -5.15
N GLY D 440 7.88 -4.99 -6.48
CA GLY D 440 7.03 -5.80 -7.34
C GLY D 440 7.05 -5.31 -8.78
N GLY D 441 5.89 -4.94 -9.29
CA GLY D 441 5.81 -4.42 -10.64
C GLY D 441 5.17 -5.37 -11.62
N ASP D 442 5.77 -6.53 -11.82
CA ASP D 442 5.19 -7.56 -12.69
C ASP D 442 3.81 -7.90 -12.18
N MET D 443 2.78 -7.33 -12.81
CA MET D 443 1.43 -7.36 -12.26
C MET D 443 0.85 -8.77 -12.18
N ARG D 444 1.51 -9.77 -12.78
CA ARG D 444 1.03 -11.13 -12.66
C ARG D 444 1.30 -11.74 -11.30
N ASP D 445 2.21 -11.15 -10.51
CA ASP D 445 2.36 -11.56 -9.13
C ASP D 445 1.10 -11.29 -8.32
N ASN D 446 0.38 -10.23 -8.67
CA ASN D 446 -0.87 -9.92 -7.97
C ASN D 446 -1.93 -10.98 -8.27
N TRP D 447 -2.13 -11.30 -9.56
CA TRP D 447 -3.10 -12.32 -9.92
C TRP D 447 -2.67 -13.70 -9.43
N ARG D 448 -1.36 -13.93 -9.34
CA ARG D 448 -0.87 -15.23 -8.89
C ARG D 448 -1.18 -15.47 -7.41
N SER D 449 -1.32 -14.39 -6.64
CA SER D 449 -1.64 -14.51 -5.22
C SER D 449 -3.07 -14.95 -4.97
N GLU D 450 -3.93 -14.89 -5.99
CA GLU D 450 -5.31 -15.37 -5.86
C GLU D 450 -5.64 -16.54 -6.77
N LEU D 451 -4.82 -16.81 -7.78
CA LEU D 451 -5.02 -17.93 -8.68
C LEU D 451 -4.14 -19.13 -8.33
N TYR D 452 -3.50 -19.12 -7.15
CA TYR D 452 -2.71 -20.27 -6.75
C TYR D 452 -3.59 -21.47 -6.42
N LYS D 453 -4.81 -21.23 -5.95
CA LYS D 453 -5.73 -22.30 -5.60
C LYS D 453 -6.30 -23.02 -6.82
N TYR D 454 -6.13 -22.46 -8.02
CA TYR D 454 -6.85 -22.96 -9.18
C TYR D 454 -5.90 -23.55 -10.21
N LYS D 455 -6.48 -24.34 -11.11
CA LYS D 455 -5.76 -25.04 -12.15
C LYS D 455 -6.73 -25.52 -13.23
N VAL D 456 -6.40 -25.33 -14.50
CA VAL D 456 -7.28 -25.70 -15.60
C VAL D 456 -6.95 -27.11 -16.06
N VAL D 457 -7.98 -27.95 -16.19
CA VAL D 457 -7.84 -29.30 -16.71
C VAL D 457 -8.83 -29.49 -17.84
N LYS D 458 -8.55 -30.48 -18.68
CA LYS D 458 -9.38 -30.80 -19.83
C LYS D 458 -9.95 -32.20 -19.66
N ILE D 459 -11.28 -32.30 -19.67
CA ILE D 459 -11.95 -33.59 -19.52
C ILE D 459 -11.83 -34.38 -20.82
N GLU D 460 -11.43 -35.64 -20.71
CA GLU D 460 -11.37 -36.56 -21.86
C GLU D 460 -12.15 -37.81 -21.47
N PRO D 461 -13.44 -37.85 -21.78
CA PRO D 461 -14.32 -38.86 -21.20
C PRO D 461 -14.25 -40.23 -21.86
N LEU D 462 -13.51 -40.40 -22.93
CA LEU D 462 -13.44 -41.69 -23.63
C LEU D 462 -12.40 -42.58 -22.97
N GLY D 463 -12.84 -43.72 -22.47
CA GLY D 463 -11.94 -44.68 -21.86
C GLY D 463 -12.11 -46.08 -22.41
N VAL D 464 -11.00 -46.73 -22.75
CA VAL D 464 -11.00 -48.10 -23.25
C VAL D 464 -10.42 -49.00 -22.17
N ALA D 465 -11.14 -50.08 -21.85
CA ALA D 465 -10.74 -51.02 -20.81
C ALA D 465 -11.38 -52.36 -21.12
N PRO D 466 -10.73 -53.46 -20.74
CA PRO D 466 -11.24 -54.78 -21.11
C PRO D 466 -12.13 -55.42 -20.07
N THR D 467 -13.07 -56.22 -20.56
CA THR D 467 -13.86 -57.13 -19.73
C THR D 467 -14.23 -58.33 -20.60
N ARG D 468 -14.92 -59.30 -19.98
CA ARG D 468 -15.31 -60.51 -20.67
C ARG D 468 -16.65 -60.31 -21.40
N CYS D 469 -16.67 -59.30 -22.26
CA CYS D 469 -17.88 -58.88 -22.95
C CYS D 469 -17.62 -58.81 -24.45
N LYS D 470 -18.55 -59.36 -25.24
CA LYS D 470 -18.47 -59.32 -26.68
C LYS D 470 -19.88 -59.18 -27.25
N ARG D 471 -19.98 -58.54 -28.41
CA ARG D 471 -21.27 -58.28 -29.02
C ARG D 471 -21.68 -59.44 -29.94
N ARG D 472 -22.98 -59.52 -30.20
CA ARG D 472 -23.59 -60.67 -30.88
C ARG D 472 -23.34 -60.59 -32.38
N VAL D 473 -23.98 -61.49 -33.13
CA VAL D 473 -23.84 -61.54 -34.57
C VAL D 473 -25.17 -61.22 -35.25
N GLN E 1 -0.84 42.87 37.37
CA GLN E 1 -0.53 42.15 36.15
C GLN E 1 0.60 42.83 35.38
N VAL E 2 0.40 42.99 34.07
CA VAL E 2 1.39 43.54 33.17
C VAL E 2 0.84 44.82 32.55
N GLN E 3 1.59 45.91 32.70
CA GLN E 3 1.25 47.19 32.08
C GLN E 3 2.50 47.80 31.49
N LEU E 4 2.32 48.61 30.45
CA LEU E 4 3.44 49.22 29.74
C LEU E 4 3.24 50.72 29.68
N GLN E 5 4.34 51.44 29.52
CA GLN E 5 4.32 52.90 29.38
C GLN E 5 5.44 53.31 28.44
N GLU E 6 5.08 54.00 27.37
CA GLU E 6 6.07 54.48 26.41
C GLU E 6 6.58 55.86 26.82
N SER E 7 7.59 56.32 26.10
CA SER E 7 8.19 57.64 26.29
C SER E 7 9.17 57.89 25.15
N GLY E 8 9.28 59.15 24.74
CA GLY E 8 10.15 59.50 23.65
C GLY E 8 10.23 61.00 23.40
N PRO E 9 10.98 61.37 22.35
CA PRO E 9 11.12 62.80 22.02
C PRO E 9 9.80 63.53 21.87
N GLY E 10 8.83 62.94 21.17
CA GLY E 10 7.58 63.62 20.89
C GLY E 10 7.68 64.50 19.65
N LEU E 11 8.88 65.02 19.40
CA LEU E 11 9.17 65.82 18.21
C LEU E 11 10.53 65.41 17.68
N VAL E 12 10.58 64.98 16.43
CA VAL E 12 11.82 64.60 15.77
C VAL E 12 11.86 65.29 14.41
N LYS E 13 12.98 65.95 14.11
CA LYS E 13 13.13 66.63 12.84
C LYS E 13 13.12 65.62 11.69
N PRO E 14 12.64 66.03 10.51
CA PRO E 14 12.69 65.14 9.35
C PRO E 14 14.11 64.74 9.01
N SER E 15 14.26 63.53 8.48
CA SER E 15 15.56 62.94 8.16
C SER E 15 16.44 62.88 9.42
N GLU E 16 16.08 61.94 10.29
CA GLU E 16 16.75 61.79 11.58
C GLU E 16 16.41 60.39 12.10
N THR E 17 16.72 60.14 13.38
CA THR E 17 16.46 58.86 14.02
C THR E 17 15.38 59.06 15.07
N LEU E 18 14.22 58.42 14.86
CA LEU E 18 13.10 58.50 15.80
C LEU E 18 13.33 57.45 16.88
N SER E 19 13.94 57.87 17.98
CA SER E 19 14.13 56.99 19.12
C SER E 19 12.84 56.86 19.91
N LEU E 20 12.67 55.68 20.53
CA LEU E 20 11.49 55.42 21.35
C LEU E 20 11.82 54.30 22.33
N THR E 21 11.14 54.33 23.48
CA THR E 21 11.33 53.33 24.52
C THR E 21 9.98 52.97 25.11
N CYS E 22 9.94 51.83 25.81
CA CYS E 22 8.72 51.35 26.44
C CYS E 22 9.10 50.44 27.61
N THR E 23 8.79 50.88 28.82
CA THR E 23 9.08 50.10 30.02
C THR E 23 7.83 49.36 30.47
N VAL E 24 7.94 48.05 30.63
CA VAL E 24 6.82 47.21 31.04
C VAL E 24 6.92 46.99 32.54
N SER E 25 5.76 46.80 33.18
CA SER E 25 5.67 46.71 34.63
C SER E 25 4.88 45.47 35.02
N GLY E 26 5.47 44.63 35.88
CA GLY E 26 4.80 43.46 36.38
C GLY E 26 5.01 42.19 35.60
N GLY E 27 6.10 42.10 34.83
CA GLY E 27 6.36 40.90 34.07
C GLY E 27 7.79 40.89 33.56
N SER E 28 8.28 39.68 33.30
CA SER E 28 9.63 39.53 32.77
C SER E 28 9.65 39.83 31.28
N ILE E 29 10.69 40.54 30.85
CA ILE E 29 10.77 41.01 29.47
C ILE E 29 11.20 39.89 28.52
N SER E 30 11.86 38.85 29.00
CA SER E 30 12.50 37.86 28.15
C SER E 30 11.70 36.56 28.03
N ASN E 31 10.38 36.62 28.25
CA ASN E 31 9.54 35.45 28.01
C ASN E 31 8.19 35.83 27.41
N TYR E 32 8.15 36.94 26.65
CA TYR E 32 6.97 37.35 25.93
C TYR E 32 7.38 38.05 24.64
N TYR E 33 6.57 37.88 23.60
CA TYR E 33 6.80 38.58 22.35
C TYR E 33 6.28 40.01 22.46
N TRP E 34 7.00 40.95 21.87
CA TRP E 34 6.67 42.37 21.94
C TRP E 34 6.50 42.94 20.54
N SER E 35 5.51 43.82 20.39
CA SER E 35 5.15 44.34 19.08
C SER E 35 4.94 45.84 19.15
N TRP E 36 5.35 46.53 18.08
CA TRP E 36 5.16 47.97 17.94
C TRP E 36 4.08 48.24 16.89
N ILE E 37 3.12 49.09 17.23
CA ILE E 37 2.01 49.45 16.35
C ILE E 37 1.84 50.95 16.39
N ARG E 38 1.76 51.57 15.21
CA ARG E 38 1.49 53.00 15.10
C ARG E 38 0.19 53.22 14.34
N GLN E 39 -0.43 54.37 14.59
CA GLN E 39 -1.73 54.71 13.97
C GLN E 39 -1.68 56.18 13.58
N SER E 40 -1.45 56.44 12.30
CA SER E 40 -1.41 57.79 11.77
C SER E 40 -2.82 58.35 11.62
N PRO E 41 -2.96 59.68 11.67
CA PRO E 41 -4.29 60.28 11.45
C PRO E 41 -4.76 60.03 10.03
N GLY E 42 -5.95 59.46 9.91
CA GLY E 42 -6.54 59.10 8.63
C GLY E 42 -6.23 57.69 8.18
N LYS E 43 -4.98 57.27 8.36
CA LYS E 43 -4.58 55.92 8.00
C LYS E 43 -5.05 54.94 9.07
N GLY E 44 -4.74 53.65 8.87
CA GLY E 44 -5.12 52.61 9.79
C GLY E 44 -3.97 52.18 10.69
N LEU E 45 -4.27 51.21 11.55
CA LEU E 45 -3.27 50.63 12.44
C LEU E 45 -2.21 49.92 11.60
N GLU E 46 -0.97 50.41 11.67
CA GLU E 46 0.14 49.85 10.92
C GLU E 46 1.07 49.11 11.87
N TRP E 47 1.37 47.86 11.55
CA TRP E 47 2.24 47.02 12.39
C TRP E 47 3.69 47.31 12.02
N ILE E 48 4.46 47.81 12.98
CA ILE E 48 5.86 48.14 12.73
C ILE E 48 6.70 46.88 12.65
N GLY E 49 6.69 46.09 13.72
CA GLY E 49 7.48 44.88 13.79
C GLY E 49 7.30 44.26 15.16
N TYR E 50 8.04 43.18 15.39
CA TYR E 50 7.92 42.48 16.66
C TYR E 50 9.20 41.75 16.99
N ILE E 51 9.46 41.62 18.29
CA ILE E 51 10.61 40.89 18.83
C ILE E 51 10.08 39.76 19.70
N SER E 52 10.77 38.62 19.68
CA SER E 52 10.34 37.42 20.36
C SER E 52 10.95 37.33 21.76
N ASP E 53 10.54 36.29 22.50
CA ASP E 53 11.21 35.96 23.75
C ASP E 53 12.61 35.40 23.52
N SER E 54 12.93 35.02 22.29
CA SER E 54 14.28 34.65 21.90
C SER E 54 15.04 35.82 21.27
N GLU E 55 14.45 37.00 21.27
CA GLU E 55 15.07 38.22 20.75
C GLU E 55 15.41 38.07 19.26
N SER E 56 14.38 37.79 18.47
CA SER E 56 14.50 37.61 17.03
C SER E 56 13.86 38.79 16.31
N THR E 57 14.50 39.24 15.23
CA THR E 57 14.03 40.39 14.47
C THR E 57 13.14 39.95 13.32
N ASN E 58 12.04 40.68 13.13
CA ASN E 58 11.15 40.47 11.99
C ASN E 58 10.27 41.70 11.86
N TYR E 59 10.42 42.44 10.77
CA TYR E 59 9.75 43.72 10.59
C TYR E 59 8.79 43.67 9.42
N ASN E 60 7.84 44.60 9.42
CA ASN E 60 6.96 44.78 8.28
C ASN E 60 7.79 45.23 7.08
N PRO E 61 7.66 44.56 5.92
CA PRO E 61 8.44 44.99 4.74
C PRO E 61 8.10 46.38 4.25
N SER E 62 6.95 46.93 4.66
CA SER E 62 6.66 48.33 4.34
C SER E 62 7.70 49.27 4.93
N LEU E 63 8.27 48.91 6.08
CA LEU E 63 9.32 49.69 6.69
C LEU E 63 10.59 48.86 6.62
N LYS E 64 10.94 48.09 7.65
CA LYS E 64 12.08 47.18 7.65
C LYS E 64 13.40 47.90 7.34
N SER E 65 13.48 48.54 6.17
CA SER E 65 14.67 49.24 5.73
C SER E 65 14.95 50.48 6.58
N ARG E 66 14.12 50.69 7.60
CA ARG E 66 14.35 51.80 8.53
C ARG E 66 14.17 51.40 10.00
N VAL E 67 13.68 50.21 10.31
CA VAL E 67 13.36 49.82 11.68
C VAL E 67 14.47 48.94 12.23
N ILE E 68 14.71 49.06 13.53
CA ILE E 68 15.62 48.16 14.24
C ILE E 68 15.17 48.10 15.69
N ILE E 69 14.35 47.10 16.02
CA ILE E 69 13.78 46.99 17.36
C ILE E 69 14.78 46.29 18.26
N SER E 70 15.20 46.96 19.32
CA SER E 70 16.14 46.43 20.29
C SER E 70 15.43 46.10 21.59
N VAL E 71 16.20 45.59 22.56
CA VAL E 71 15.67 45.22 23.87
C VAL E 71 16.81 45.00 24.85
N ASP E 72 16.71 45.62 26.02
CA ASP E 72 17.68 45.45 27.10
C ASP E 72 16.99 44.77 28.26
N THR E 73 17.48 43.59 28.62
CA THR E 73 16.87 42.81 29.70
C THR E 73 17.34 43.22 31.09
N SER E 74 18.34 44.08 31.20
CA SER E 74 18.72 44.61 32.50
C SER E 74 17.57 45.35 33.15
N LYS E 75 16.78 46.05 32.35
CA LYS E 75 15.49 46.60 32.77
C LYS E 75 14.38 45.85 32.06
N ASN E 76 13.16 46.30 32.28
CA ASN E 76 11.98 45.80 31.56
C ASN E 76 11.64 46.71 30.39
N GLN E 77 12.65 47.04 29.59
CA GLN E 77 12.57 48.11 28.60
C GLN E 77 13.11 47.63 27.26
N LEU E 78 12.38 47.97 26.20
CA LEU E 78 12.80 47.71 24.83
C LEU E 78 12.54 48.95 24.00
N SER E 79 13.33 49.11 22.93
CA SER E 79 13.33 50.35 22.17
C SER E 79 12.75 50.13 20.78
N LEU E 80 12.91 51.15 19.93
CA LEU E 80 12.43 51.18 18.56
C LEU E 80 13.05 52.38 17.84
N LYS E 81 13.88 52.13 16.84
CA LYS E 81 14.68 53.18 16.21
C LYS E 81 14.33 53.28 14.73
N LEU E 82 13.24 54.00 14.45
CA LEU E 82 12.89 54.34 13.07
C LEU E 82 13.76 55.51 12.63
N ASN E 83 14.51 55.34 11.55
CA ASN E 83 15.39 56.38 11.04
C ASN E 83 14.92 56.85 9.66
N SER E 84 15.59 57.89 9.17
CA SER E 84 15.22 58.54 7.90
C SER E 84 13.74 58.90 7.88
N VAL E 85 13.29 59.54 8.96
CA VAL E 85 11.88 59.83 9.11
C VAL E 85 11.45 60.89 8.11
N THR E 86 10.17 60.83 7.71
CA THR E 86 9.59 61.83 6.82
C THR E 86 8.30 62.37 7.43
N ALA E 87 7.54 63.15 6.65
CA ALA E 87 6.35 63.79 7.19
C ALA E 87 5.28 62.75 7.57
N ALA E 88 5.16 61.69 6.78
CA ALA E 88 4.11 60.69 7.00
C ALA E 88 4.34 59.83 8.24
N ASP E 89 5.45 60.01 8.95
CA ASP E 89 5.75 59.18 10.12
C ASP E 89 5.06 59.66 11.39
N SER E 90 4.39 60.80 11.36
CA SER E 90 3.67 61.28 12.54
C SER E 90 2.51 60.34 12.85
N ALA E 91 2.50 59.79 14.06
CA ALA E 91 1.46 58.85 14.48
C ALA E 91 1.55 58.67 15.98
N ILE E 92 0.54 58.01 16.53
CA ILE E 92 0.55 57.59 17.93
C ILE E 92 1.11 56.17 17.97
N TYR E 93 2.25 56.00 18.64
CA TYR E 93 2.96 54.73 18.68
C TYR E 93 2.57 53.97 19.94
N TYR E 94 2.20 52.71 19.77
CA TYR E 94 1.69 51.89 20.86
C TYR E 94 2.61 50.72 21.14
N CYS E 95 2.66 50.31 22.41
CA CYS E 95 3.53 49.25 22.89
C CYS E 95 2.65 48.11 23.39
N ALA E 96 2.62 47.01 22.65
CA ALA E 96 1.72 45.90 22.95
C ALA E 96 2.50 44.60 23.07
N ARG E 97 2.03 43.73 23.97
CA ARG E 97 2.63 42.42 24.17
C ARG E 97 1.92 41.42 23.28
N ALA E 98 2.66 40.85 22.33
CA ALA E 98 2.12 39.83 21.43
C ALA E 98 2.32 38.46 22.04
N GLN E 99 1.28 37.63 21.98
CA GLN E 99 1.37 36.23 22.38
C GLN E 99 1.23 35.35 21.15
N GLN E 100 1.95 34.23 21.16
CA GLN E 100 2.03 33.36 20.00
C GLN E 100 0.98 32.26 20.08
N GLY E 101 0.25 32.08 18.99
CA GLY E 101 -0.69 30.98 18.85
C GLY E 101 -0.30 30.11 17.68
N LYS E 102 -0.35 28.81 17.87
CA LYS E 102 0.02 27.83 16.85
C LYS E 102 -1.26 27.19 16.33
N ARG E 103 -1.72 27.66 15.17
CA ARG E 103 -2.98 27.21 14.58
C ARG E 103 -2.71 25.93 13.78
N ILE E 104 -3.06 24.80 14.36
CA ILE E 104 -2.88 23.50 13.70
C ILE E 104 -4.18 23.13 13.00
N TYR E 105 -4.07 22.83 11.71
CA TYR E 105 -5.22 22.41 10.91
C TYR E 105 -5.11 21.00 10.37
N GLY E 106 -3.90 20.52 10.08
CA GLY E 106 -3.72 19.17 9.59
C GLY E 106 -2.86 18.33 10.51
N MET E 107 -1.67 17.96 10.04
CA MET E 107 -0.73 17.15 10.82
C MET E 107 0.44 18.00 11.26
N VAL E 108 0.73 18.00 12.57
CA VAL E 108 1.87 18.72 13.09
C VAL E 108 3.18 18.15 12.55
N SER E 109 3.18 16.87 12.16
CA SER E 109 4.39 16.21 11.70
C SER E 109 4.81 16.69 10.31
N PHE E 110 3.86 16.86 9.39
CA PHE E 110 4.15 17.37 8.06
C PHE E 110 4.35 18.88 8.05
N GLY E 111 4.08 19.57 9.15
CA GLY E 111 4.15 21.02 9.17
C GLY E 111 2.88 21.72 8.77
N GLU E 112 1.73 21.10 9.00
CA GLU E 112 0.44 21.66 8.56
C GLU E 112 -0.14 22.57 9.66
N PHE E 113 0.63 23.59 10.00
CA PHE E 113 0.17 24.62 10.92
C PHE E 113 0.78 25.96 10.50
N PHE E 114 0.33 27.03 11.15
CA PHE E 114 0.88 28.35 10.92
C PHE E 114 0.74 29.16 12.20
N TYR E 115 1.70 30.07 12.39
CA TYR E 115 1.77 30.86 13.62
C TYR E 115 1.05 32.19 13.45
N TYR E 116 0.18 32.51 14.39
CA TYR E 116 -0.52 33.79 14.44
C TYR E 116 -0.20 34.49 15.75
N TYR E 117 -0.09 35.82 15.70
CA TYR E 117 0.28 36.62 16.86
C TYR E 117 -0.85 37.57 17.20
N TYR E 118 -1.19 37.65 18.49
CA TYR E 118 -2.24 38.53 18.99
C TYR E 118 -1.71 39.34 20.16
N MET E 119 -1.97 40.64 20.14
CA MET E 119 -1.59 41.53 21.22
C MET E 119 -2.76 41.71 22.18
N ASP E 120 -2.52 41.44 23.46
CA ASP E 120 -3.57 41.49 24.48
C ASP E 120 -3.49 42.69 25.39
N VAL E 121 -2.30 43.09 25.83
CA VAL E 121 -2.11 44.27 26.66
C VAL E 121 -1.34 45.31 25.86
N TRP E 122 -1.70 46.58 26.03
CA TRP E 122 -1.19 47.66 25.20
C TRP E 122 -0.61 48.78 26.06
N GLY E 123 0.30 49.53 25.44
CA GLY E 123 0.75 50.77 26.04
C GLY E 123 -0.20 51.92 25.74
N LYS E 124 -0.15 52.93 26.61
CA LYS E 124 -1.11 54.03 26.50
C LYS E 124 -0.89 54.86 25.25
N GLY E 125 0.37 55.02 24.82
CA GLY E 125 0.63 55.75 23.59
C GLY E 125 1.60 56.91 23.77
N THR E 126 2.32 57.25 22.72
CA THR E 126 3.24 58.38 22.72
C THR E 126 3.13 59.11 21.40
N THR E 127 2.68 60.36 21.45
CA THR E 127 2.50 61.15 20.24
C THR E 127 3.85 61.62 19.71
N VAL E 128 4.10 61.37 18.43
CA VAL E 128 5.33 61.78 17.77
C VAL E 128 4.96 62.66 16.59
N THR E 129 5.59 63.84 16.51
CA THR E 129 5.37 64.77 15.42
C THR E 129 6.70 65.05 14.72
N VAL E 130 6.67 65.08 13.39
CA VAL E 130 7.85 65.35 12.59
C VAL E 130 7.65 66.70 11.91
N SER E 131 8.60 67.61 12.14
CA SER E 131 8.52 68.96 11.58
C SER E 131 9.85 69.66 11.81
N SER E 132 10.29 70.43 10.81
CA SER E 132 11.51 71.22 10.96
C SER E 132 11.35 72.35 11.96
N ALA E 133 10.13 72.67 12.38
CA ALA E 133 9.91 73.72 13.34
C ALA E 133 10.46 73.32 14.71
N SER E 134 11.06 74.29 15.40
CA SER E 134 11.59 74.04 16.72
C SER E 134 10.44 73.86 17.73
N THR E 135 10.79 73.41 18.92
CA THR E 135 9.80 73.29 19.98
C THR E 135 9.49 74.66 20.56
N LYS E 136 8.44 74.72 21.38
CA LYS E 136 8.08 75.95 22.06
C LYS E 136 7.17 75.63 23.24
N GLY E 137 7.52 76.13 24.41
CA GLY E 137 6.69 76.01 25.57
C GLY E 137 5.48 76.91 25.49
N PRO E 138 4.42 76.57 26.20
CA PRO E 138 3.20 77.40 26.15
C PRO E 138 3.27 78.62 27.04
N SER E 139 2.12 79.02 27.58
CA SER E 139 2.02 80.10 28.54
C SER E 139 0.61 80.09 29.13
N VAL E 140 0.47 79.69 30.38
CA VAL E 140 -0.84 79.52 30.99
C VAL E 140 -1.43 80.87 31.36
N PHE E 141 -2.66 81.11 30.92
CA PHE E 141 -3.41 82.30 31.28
C PHE E 141 -4.65 81.89 32.05
N PRO E 142 -4.92 82.50 33.20
CA PRO E 142 -6.00 82.02 34.06
C PRO E 142 -7.35 82.58 33.64
N LEU E 143 -8.38 81.73 33.72
CA LEU E 143 -9.75 82.11 33.42
C LEU E 143 -10.52 82.18 34.73
N ALA E 144 -10.87 83.39 35.16
CA ALA E 144 -11.55 83.62 36.43
C ALA E 144 -13.05 83.46 36.28
N PRO E 145 -13.73 82.89 37.28
CA PRO E 145 -15.17 82.69 37.18
C PRO E 145 -15.97 83.97 37.42
N SER E 146 -17.23 83.82 37.82
CA SER E 146 -18.09 84.96 38.08
C SER E 146 -19.14 84.63 39.14
N GLY E 153 -25.10 79.02 42.84
CA GLY E 153 -25.23 77.58 42.92
C GLY E 153 -24.02 76.84 42.36
N THR E 154 -23.68 77.13 41.11
CA THR E 154 -22.56 76.51 40.43
C THR E 154 -21.79 77.55 39.64
N ALA E 155 -20.49 77.34 39.51
CA ALA E 155 -19.62 78.23 38.75
C ALA E 155 -18.54 77.41 38.06
N ALA E 156 -17.86 78.05 37.10
CA ALA E 156 -16.86 77.37 36.31
C ALA E 156 -15.65 78.26 36.12
N LEU E 157 -14.46 77.65 36.20
CA LEU E 157 -13.19 78.35 36.02
C LEU E 157 -12.21 77.41 35.36
N GLY E 158 -11.23 77.99 34.67
CA GLY E 158 -10.26 77.18 33.96
C GLY E 158 -8.97 77.92 33.67
N CYS E 159 -8.18 77.33 32.78
CA CYS E 159 -6.87 77.87 32.42
C CYS E 159 -6.70 77.82 30.90
N LEU E 160 -6.20 78.92 30.34
CA LEU E 160 -5.93 79.01 28.91
C LEU E 160 -4.46 78.73 28.66
N VAL E 161 -4.17 77.71 27.86
CA VAL E 161 -2.81 77.29 27.56
C VAL E 161 -2.55 77.71 26.11
N LYS E 162 -2.01 78.92 25.95
CA LYS E 162 -1.84 79.50 24.62
C LYS E 162 -0.70 78.85 23.85
N ASP E 163 -0.22 79.55 22.83
CA ASP E 163 0.62 79.03 21.75
C ASP E 163 1.74 78.10 22.23
N TYR E 164 1.64 76.83 21.87
CA TYR E 164 2.69 75.85 22.13
C TYR E 164 2.82 74.91 20.94
N PHE E 165 3.88 74.12 20.94
CA PHE E 165 4.15 73.15 19.88
C PHE E 165 5.21 72.16 20.35
N PRO E 166 5.02 70.85 20.13
CA PRO E 166 3.80 70.27 19.57
C PRO E 166 2.95 69.55 20.61
N GLU E 167 1.96 68.79 20.15
CA GLU E 167 1.10 68.02 21.02
C GLU E 167 1.94 67.01 21.80
N PRO E 168 1.57 66.71 23.07
CA PRO E 168 0.47 67.27 23.84
C PRO E 168 0.89 68.09 25.05
N VAL E 169 -0.10 68.51 25.84
CA VAL E 169 0.13 69.12 27.14
C VAL E 169 -0.79 68.43 28.14
N THR E 170 -0.28 68.19 29.34
CA THR E 170 -1.04 67.57 30.41
C THR E 170 -1.45 68.61 31.44
N VAL E 171 -2.69 68.56 31.88
CA VAL E 171 -3.24 69.53 32.82
C VAL E 171 -3.74 68.79 34.05
N SER E 172 -3.21 69.16 35.21
CA SER E 172 -3.66 68.66 36.49
C SER E 172 -4.09 69.82 37.36
N TRP E 173 -5.12 69.59 38.18
CA TRP E 173 -5.66 70.62 39.06
C TRP E 173 -5.34 70.28 40.51
N ASN E 174 -4.74 71.24 41.22
CA ASN E 174 -4.27 71.04 42.59
C ASN E 174 -3.33 69.84 42.69
N SER E 175 -2.43 69.73 41.71
CA SER E 175 -1.41 68.68 41.66
C SER E 175 -2.00 67.29 41.55
N GLY E 176 -3.32 67.20 41.41
CA GLY E 176 -3.99 65.91 41.30
C GLY E 176 -5.12 65.73 42.29
N ALA E 177 -5.26 66.67 43.22
CA ALA E 177 -6.33 66.58 44.22
C ALA E 177 -7.68 66.86 43.59
N LEU E 178 -7.79 67.96 42.84
CA LEU E 178 -9.04 68.32 42.18
C LEU E 178 -9.18 67.49 40.91
N THR E 179 -10.09 66.51 40.93
CA THR E 179 -10.32 65.64 39.79
C THR E 179 -11.78 65.49 39.40
N SER E 180 -12.72 65.78 40.30
CA SER E 180 -14.14 65.70 39.97
C SER E 180 -14.60 67.01 39.35
N GLY E 181 -15.38 66.93 38.28
CA GLY E 181 -15.83 68.09 37.56
C GLY E 181 -14.81 68.68 36.59
N VAL E 182 -13.59 68.16 36.56
CA VAL E 182 -12.59 68.65 35.62
C VAL E 182 -13.03 68.34 34.20
N HIS E 183 -12.59 69.17 33.25
CA HIS E 183 -12.96 68.98 31.85
C HIS E 183 -11.89 69.66 30.99
N THR E 184 -10.93 68.87 30.50
CA THR E 184 -9.93 69.36 29.57
C THR E 184 -10.41 69.14 28.15
N PHE E 185 -10.24 70.17 27.32
CA PHE E 185 -10.73 70.15 25.96
C PHE E 185 -9.62 69.80 24.97
N PRO E 186 -9.98 69.26 23.80
CA PRO E 186 -8.97 69.02 22.77
C PRO E 186 -8.35 70.34 22.30
N ALA E 187 -7.15 70.22 21.74
CA ALA E 187 -6.38 71.39 21.36
C ALA E 187 -7.00 72.06 20.13
N VAL E 188 -6.39 73.18 19.73
CA VAL E 188 -6.79 73.94 18.55
C VAL E 188 -5.53 74.42 17.85
N LEU E 189 -5.32 73.95 16.62
CA LEU E 189 -4.15 74.33 15.84
C LEU E 189 -4.44 75.65 15.13
N GLN E 190 -3.73 76.70 15.52
CA GLN E 190 -3.91 78.00 14.90
C GLN E 190 -3.18 78.05 13.56
N SER E 191 -3.54 79.06 12.76
CA SER E 191 -2.90 79.24 11.46
C SER E 191 -1.41 79.60 11.60
N SER E 192 -1.00 80.09 12.76
CA SER E 192 0.42 80.33 13.00
C SER E 192 1.19 79.02 13.11
N GLY E 193 0.53 77.94 13.50
CA GLY E 193 1.17 76.65 13.61
C GLY E 193 1.41 76.21 15.03
N LEU E 194 0.55 76.64 15.95
CA LEU E 194 0.70 76.33 17.37
C LEU E 194 -0.64 75.96 17.96
N TYR E 195 -0.65 74.91 18.78
CA TYR E 195 -1.86 74.46 19.44
C TYR E 195 -2.17 75.33 20.65
N SER E 196 -3.46 75.54 20.89
CA SER E 196 -3.92 76.30 22.05
C SER E 196 -5.02 75.48 22.74
N LEU E 197 -4.70 74.95 23.92
CA LEU E 197 -5.60 74.11 24.68
C LEU E 197 -6.13 74.88 25.89
N SER E 198 -7.30 74.45 26.38
CA SER E 198 -7.90 75.09 27.54
C SER E 198 -8.63 74.06 28.38
N SER E 199 -8.34 74.05 29.67
CA SER E 199 -9.05 73.22 30.64
C SER E 199 -10.01 74.07 31.46
N VAL E 200 -10.97 73.41 32.08
CA VAL E 200 -11.97 74.10 32.88
C VAL E 200 -12.52 73.12 33.91
N VAL E 201 -12.78 73.63 35.11
CA VAL E 201 -13.31 72.83 36.22
C VAL E 201 -14.59 73.48 36.72
N THR E 202 -15.68 72.72 36.70
CA THR E 202 -16.92 73.15 37.32
C THR E 202 -16.79 73.04 38.84
N VAL E 203 -17.23 74.08 39.54
CA VAL E 203 -16.94 74.23 40.96
C VAL E 203 -18.17 74.74 41.71
N PRO E 204 -18.46 74.21 42.89
CA PRO E 204 -19.57 74.77 43.68
C PRO E 204 -19.32 76.22 44.06
N SER E 205 -20.38 77.03 44.02
CA SER E 205 -20.23 78.48 44.12
C SER E 205 -19.77 78.94 45.51
N SER E 206 -20.16 78.23 46.56
CA SER E 206 -19.83 78.70 47.92
C SER E 206 -18.32 78.64 48.16
N SER E 207 -17.65 77.65 47.60
CA SER E 207 -16.23 77.43 47.83
C SER E 207 -15.34 78.28 46.93
N LEU E 208 -15.90 79.25 46.21
CA LEU E 208 -15.09 80.04 45.28
C LEU E 208 -14.08 80.91 46.02
N GLY E 209 -14.49 81.52 47.13
CA GLY E 209 -13.63 82.40 47.87
C GLY E 209 -12.77 81.75 48.93
N THR E 210 -13.02 80.48 49.25
CA THR E 210 -12.27 79.80 50.30
C THR E 210 -11.19 78.89 49.73
N GLN E 211 -11.60 77.83 49.04
CA GLN E 211 -10.65 76.86 48.51
C GLN E 211 -9.80 77.49 47.41
N THR E 212 -8.56 77.02 47.30
CA THR E 212 -7.62 77.50 46.29
C THR E 212 -7.52 76.51 45.14
N TYR E 213 -7.39 77.05 43.93
CA TYR E 213 -7.30 76.24 42.72
C TYR E 213 -6.05 76.62 41.95
N ILE E 214 -5.27 75.62 41.57
CA ILE E 214 -4.05 75.81 40.78
C ILE E 214 -4.00 74.73 39.71
N CYS E 215 -3.96 75.14 38.44
CA CYS E 215 -3.86 74.20 37.33
C CYS E 215 -2.39 73.95 37.02
N ASN E 216 -2.03 72.66 36.90
CA ASN E 216 -0.65 72.25 36.67
C ASN E 216 -0.52 71.84 35.20
N VAL E 217 0.07 72.71 34.40
CA VAL E 217 0.26 72.47 32.96
C VAL E 217 1.70 72.04 32.72
N ASN E 218 1.86 70.94 31.99
CA ASN E 218 3.18 70.42 31.65
C ASN E 218 3.25 70.19 30.14
N HIS E 219 4.35 70.64 29.53
CA HIS E 219 4.62 70.43 28.10
C HIS E 219 6.01 69.82 27.99
N LYS E 220 6.04 68.52 27.72
CA LYS E 220 7.25 67.71 27.78
C LYS E 220 8.31 68.07 26.74
N PRO E 221 7.96 68.36 25.48
CA PRO E 221 9.00 68.74 24.52
C PRO E 221 9.77 70.00 24.88
N SER E 222 9.26 70.81 25.81
CA SER E 222 9.93 72.03 26.24
C SER E 222 10.43 71.97 27.67
N ASN E 223 10.26 70.83 28.35
CA ASN E 223 10.69 70.63 29.74
C ASN E 223 10.08 71.66 30.69
N THR E 224 8.95 72.25 30.33
CA THR E 224 8.35 73.34 31.08
C THR E 224 7.27 72.81 32.02
N LYS E 225 7.35 73.22 33.29
CA LYS E 225 6.32 72.97 34.28
C LYS E 225 5.90 74.31 34.85
N VAL E 226 4.64 74.68 34.62
CA VAL E 226 4.13 76.00 35.01
C VAL E 226 2.81 75.83 35.72
N ASP E 227 2.51 76.77 36.61
CA ASP E 227 1.28 76.79 37.39
C ASP E 227 0.71 78.20 37.36
N LYS E 228 -0.55 78.31 37.79
CA LYS E 228 -1.20 79.61 37.88
C LYS E 228 -2.43 79.50 38.77
N LYS E 229 -2.81 80.63 39.36
CA LYS E 229 -3.94 80.72 40.27
C LYS E 229 -5.14 81.35 39.56
N VAL E 230 -6.34 80.99 40.02
CA VAL E 230 -7.58 81.53 39.48
C VAL E 230 -8.40 82.10 40.63
N GLU E 231 -8.82 83.36 40.49
CA GLU E 231 -9.60 84.05 41.52
C GLU E 231 -10.26 85.29 40.93
N PRO E 232 -11.55 85.52 41.22
CA PRO E 232 -12.33 86.65 40.68
C PRO E 232 -11.71 88.01 40.96
N TYR F 5 -8.74 51.87 4.19
CA TYR F 5 -9.87 52.79 4.17
C TYR F 5 -10.94 52.33 5.14
N VAL F 6 -12.08 53.02 5.13
CA VAL F 6 -13.11 52.85 6.16
C VAL F 6 -14.38 52.28 5.52
N ARG F 7 -15.00 51.33 6.23
CA ARG F 7 -16.26 50.74 5.83
C ARG F 7 -17.36 51.21 6.76
N PRO F 8 -18.41 51.87 6.26
CA PRO F 8 -19.45 52.38 7.16
C PRO F 8 -20.43 51.29 7.57
N LEU F 9 -20.86 51.36 8.83
CA LEU F 9 -21.85 50.44 9.38
C LEU F 9 -22.67 51.18 10.43
N SER F 10 -23.98 50.99 10.39
CA SER F 10 -24.90 51.67 11.31
C SER F 10 -25.82 50.64 11.94
N VAL F 11 -25.83 50.60 13.27
CA VAL F 11 -26.77 49.78 14.03
C VAL F 11 -27.55 50.69 14.97
N ALA F 12 -28.62 50.14 15.55
CA ALA F 12 -29.42 50.87 16.51
C ALA F 12 -29.03 50.46 17.92
N LEU F 13 -29.34 51.35 18.87
CA LEU F 13 -29.02 51.10 20.27
C LEU F 13 -29.77 49.88 20.78
N GLY F 14 -29.04 48.94 21.36
CA GLY F 14 -29.63 47.74 21.92
C GLY F 14 -29.98 46.66 20.93
N GLU F 15 -29.45 46.72 19.71
CA GLU F 15 -29.67 45.71 18.69
C GLU F 15 -28.43 44.83 18.56
N THR F 16 -28.37 44.06 17.47
CA THR F 16 -27.25 43.17 17.20
C THR F 16 -26.43 43.71 16.04
N ALA F 17 -25.11 43.71 16.20
CA ALA F 17 -24.20 44.18 15.17
C ALA F 17 -23.55 43.01 14.46
N SER F 18 -23.46 43.10 13.13
CA SER F 18 -22.91 42.03 12.28
C SER F 18 -21.76 42.63 11.47
N ILE F 19 -20.56 42.65 12.06
CA ILE F 19 -19.38 43.20 11.40
C ILE F 19 -18.72 42.06 10.62
N SER F 20 -18.91 42.07 9.30
CA SER F 20 -18.29 41.07 8.44
C SER F 20 -16.83 41.42 8.18
N CYS F 21 -15.99 40.40 8.14
CA CYS F 21 -14.56 40.62 7.94
C CYS F 21 -14.29 41.11 6.52
N GLY F 22 -13.21 41.87 6.36
CA GLY F 22 -12.90 42.45 5.07
C GLY F 22 -12.36 41.43 4.08
N ARG F 23 -11.39 40.63 4.53
CA ARG F 23 -10.76 39.61 3.69
C ARG F 23 -11.21 38.24 4.17
N GLN F 24 -11.98 37.55 3.33
CA GLN F 24 -12.41 36.20 3.68
C GLN F 24 -11.28 35.21 3.46
N ALA F 25 -11.20 34.22 4.34
CA ALA F 25 -10.06 33.32 4.37
C ALA F 25 -10.08 32.35 3.19
N LEU F 26 -8.91 31.80 2.89
CA LEU F 26 -8.75 30.79 1.84
C LEU F 26 -8.68 29.38 2.41
N GLY F 27 -8.16 29.21 3.62
CA GLY F 27 -8.08 27.93 4.29
C GLY F 27 -8.56 28.04 5.72
N SER F 28 -7.97 27.21 6.57
CA SER F 28 -8.25 27.29 8.00
C SER F 28 -7.68 28.60 8.56
N ARG F 29 -8.51 29.32 9.32
CA ARG F 29 -8.21 30.69 9.70
C ARG F 29 -8.08 30.83 11.21
N ALA F 30 -7.34 31.87 11.61
CA ALA F 30 -7.24 32.30 13.00
C ALA F 30 -7.39 33.82 12.99
N VAL F 31 -8.60 34.29 13.26
CA VAL F 31 -8.95 35.70 13.10
C VAL F 31 -8.91 36.39 14.46
N GLN F 32 -8.22 37.53 14.53
CA GLN F 32 -8.20 38.39 15.70
C GLN F 32 -9.04 39.63 15.43
N TRP F 33 -9.88 39.99 16.39
CA TRP F 33 -10.71 41.19 16.32
C TRP F 33 -10.16 42.25 17.28
N TYR F 34 -10.13 43.49 16.82
CA TYR F 34 -9.61 44.61 17.59
C TYR F 34 -10.60 45.76 17.55
N GLN F 35 -10.86 46.36 18.71
CA GLN F 35 -11.63 47.59 18.81
C GLN F 35 -10.69 48.75 19.02
N HIS F 36 -10.85 49.80 18.22
CA HIS F 36 -9.97 50.96 18.28
C HIS F 36 -10.81 52.23 18.23
N ARG F 37 -10.90 52.92 19.35
CA ARG F 37 -11.41 54.29 19.35
C ARG F 37 -10.28 55.23 18.97
N PRO F 38 -10.46 56.10 17.97
CA PRO F 38 -9.34 56.92 17.48
C PRO F 38 -8.77 57.79 18.60
N GLY F 39 -7.44 57.83 18.66
CA GLY F 39 -6.76 58.53 19.73
C GLY F 39 -6.78 57.78 21.05
N GLN F 40 -6.61 56.46 21.00
CA GLN F 40 -6.72 55.63 22.20
C GLN F 40 -6.03 54.30 21.92
N ALA F 41 -5.83 53.53 22.99
CA ALA F 41 -5.19 52.22 22.86
C ALA F 41 -6.19 51.21 22.28
N PRO F 42 -5.79 50.44 21.26
CA PRO F 42 -6.68 49.39 20.75
C PRO F 42 -6.95 48.34 21.81
N ILE F 43 -8.13 47.72 21.72
CA ILE F 43 -8.59 46.74 22.70
C ILE F 43 -8.83 45.43 21.97
N LEU F 44 -8.13 44.39 22.39
CA LEU F 44 -8.34 43.05 21.82
C LEU F 44 -9.67 42.50 22.29
N LEU F 45 -10.51 42.09 21.33
CA LEU F 45 -11.84 41.56 21.63
C LEU F 45 -11.89 40.04 21.52
N ILE F 46 -11.29 39.47 20.48
CA ILE F 46 -11.32 38.04 20.21
C ILE F 46 -10.04 37.67 19.46
N TYR F 47 -9.22 36.79 20.05
CA TYR F 47 -7.94 36.44 19.46
C TYR F 47 -8.01 35.15 18.64
N ASN F 48 -8.37 34.04 19.25
CA ASN F 48 -8.74 32.85 18.50
C ASN F 48 -10.16 33.02 18.00
N ASN F 49 -10.43 32.54 16.78
CA ASN F 49 -11.67 32.74 16.05
C ASN F 49 -12.91 32.92 16.92
N GLN F 50 -12.90 32.32 18.11
CA GLN F 50 -14.00 32.38 19.05
C GLN F 50 -13.58 32.72 20.48
N ASP F 51 -12.29 32.66 20.79
CA ASP F 51 -11.83 32.90 22.16
C ASP F 51 -11.69 34.39 22.43
N ARG F 52 -12.19 34.83 23.59
CA ARG F 52 -12.06 36.22 24.01
C ARG F 52 -11.12 36.31 25.21
N PRO F 53 -10.46 37.44 25.39
CA PRO F 53 -9.58 37.63 26.56
C PRO F 53 -10.40 37.84 27.82
N SER F 54 -9.69 37.99 28.94
CA SER F 54 -10.31 38.24 30.23
C SER F 54 -10.75 39.70 30.30
N GLY F 55 -12.05 39.92 30.44
CA GLY F 55 -12.57 41.27 30.56
C GLY F 55 -13.22 41.81 29.31
N ILE F 56 -13.90 40.94 28.56
CA ILE F 56 -14.65 41.35 27.39
C ILE F 56 -16.08 40.84 27.56
N PRO F 57 -17.09 41.70 27.36
CA PRO F 57 -18.47 41.28 27.60
C PRO F 57 -18.87 40.11 26.70
N GLU F 58 -19.77 39.27 27.23
CA GLU F 58 -20.25 38.11 26.48
C GLU F 58 -20.91 38.53 25.16
N ARG F 59 -21.47 39.74 25.12
CA ARG F 59 -22.14 40.22 23.92
C ARG F 59 -21.21 40.33 22.72
N PHE F 60 -19.89 40.27 22.93
CA PHE F 60 -18.94 40.14 21.84
C PHE F 60 -18.68 38.66 21.57
N SER F 61 -18.83 38.26 20.31
CA SER F 61 -18.68 36.86 19.95
C SER F 61 -18.24 36.74 18.50
N GLY F 62 -17.21 35.93 18.27
CA GLY F 62 -16.70 35.69 16.93
C GLY F 62 -17.03 34.28 16.47
N THR F 63 -17.19 34.12 15.17
CA THR F 63 -17.59 32.84 14.61
C THR F 63 -16.39 31.92 14.48
N PRO F 64 -16.42 30.73 15.09
CA PRO F 64 -15.33 29.77 14.88
C PRO F 64 -15.53 28.98 13.59
N ASP F 65 -14.41 28.50 13.05
CA ASP F 65 -14.43 27.73 11.80
C ASP F 65 -14.41 26.24 12.18
N ILE F 66 -15.60 25.69 12.38
CA ILE F 66 -15.71 24.24 12.55
C ILE F 66 -15.74 23.55 11.19
N ASN F 67 -16.55 24.07 10.28
CA ASN F 67 -16.54 23.68 8.88
C ASN F 67 -16.01 24.83 8.03
N PHE F 68 -15.30 24.49 6.96
CA PHE F 68 -14.80 25.53 6.06
C PHE F 68 -15.94 26.16 5.28
N GLY F 69 -15.76 27.42 4.92
CA GLY F 69 -16.77 28.14 4.17
C GLY F 69 -17.43 29.25 4.96
N THR F 70 -17.74 28.96 6.22
CA THR F 70 -18.34 29.97 7.09
C THR F 70 -17.37 31.12 7.32
N ARG F 71 -17.75 32.31 6.87
CA ARG F 71 -16.86 33.47 6.99
C ARG F 71 -16.86 34.01 8.41
N ALA F 72 -15.76 34.65 8.77
CA ALA F 72 -15.60 35.20 10.12
C ALA F 72 -16.34 36.52 10.23
N THR F 73 -17.24 36.60 11.21
CA THR F 73 -17.99 37.83 11.48
C THR F 73 -17.97 38.12 12.97
N LEU F 74 -17.82 39.38 13.31
CA LEU F 74 -17.89 39.83 14.70
C LEU F 74 -19.33 40.17 15.05
N THR F 75 -19.83 39.60 16.15
CA THR F 75 -21.21 39.76 16.57
C THR F 75 -21.25 40.53 17.87
N ILE F 76 -21.87 41.71 17.84
CA ILE F 76 -22.04 42.56 19.02
C ILE F 76 -23.53 42.66 19.30
N SER F 77 -23.98 42.01 20.36
CA SER F 77 -25.38 42.04 20.76
C SER F 77 -25.60 43.12 21.81
N GLY F 78 -26.79 43.73 21.78
CA GLY F 78 -27.10 44.82 22.69
C GLY F 78 -26.08 45.93 22.61
N VAL F 79 -25.96 46.54 21.42
CA VAL F 79 -24.90 47.51 21.18
C VAL F 79 -25.13 48.76 22.03
N GLU F 80 -24.11 49.15 22.77
CA GLU F 80 -24.14 50.38 23.56
C GLU F 80 -23.65 51.55 22.72
N ALA F 81 -23.80 52.75 23.28
CA ALA F 81 -23.22 53.93 22.64
C ALA F 81 -21.70 53.91 22.70
N GLY F 82 -21.13 53.24 23.71
CA GLY F 82 -19.69 53.17 23.81
C GLY F 82 -19.06 52.25 22.80
N ASP F 83 -19.87 51.45 22.11
CA ASP F 83 -19.33 50.51 21.13
C ASP F 83 -19.19 51.20 19.78
N GLU F 84 -18.95 52.52 19.79
CA GLU F 84 -18.71 53.29 18.58
C GLU F 84 -17.20 53.45 18.42
N ALA F 85 -16.62 52.67 17.51
CA ALA F 85 -15.18 52.71 17.27
C ALA F 85 -14.89 51.99 15.96
N ASP F 86 -13.61 51.91 15.62
CA ASP F 86 -13.16 51.13 14.48
C ASP F 86 -12.90 49.69 14.91
N TYR F 87 -13.38 48.74 14.11
CA TYR F 87 -13.22 47.32 14.39
C TYR F 87 -12.42 46.68 13.27
N TYR F 88 -11.27 46.11 13.61
CA TYR F 88 -10.37 45.51 12.64
C TYR F 88 -10.47 43.99 12.68
N CYS F 89 -10.29 43.37 11.52
CA CYS F 89 -10.30 41.91 11.37
C CYS F 89 -8.91 41.46 10.97
N HIS F 90 -8.15 40.94 11.94
CA HIS F 90 -6.80 40.44 11.68
C HIS F 90 -6.91 38.99 11.21
N MET F 91 -6.74 38.78 9.92
CA MET F 91 -7.02 37.50 9.27
C MET F 91 -5.72 36.78 8.96
N TRP F 92 -5.50 35.64 9.61
CA TRP F 92 -4.46 34.69 9.24
C TRP F 92 -5.11 33.42 8.71
N ASP F 93 -4.48 32.79 7.73
CA ASP F 93 -4.95 31.50 7.23
C ASP F 93 -3.78 30.75 6.62
N SER F 94 -4.03 29.46 6.33
CA SER F 94 -2.97 28.57 5.87
C SER F 94 -2.49 28.88 4.47
N ARG F 95 -3.32 29.53 3.65
CA ARG F 95 -2.96 29.78 2.26
C ARG F 95 -2.20 31.08 2.08
N SER F 96 -2.70 32.18 2.64
CA SER F 96 -1.96 33.43 2.61
C SER F 96 -0.78 33.36 3.58
N GLY F 97 0.24 34.16 3.29
CA GLY F 97 1.47 34.11 4.06
C GLY F 97 1.37 34.72 5.44
N PHE F 98 2.15 35.76 5.69
CA PHE F 98 2.19 36.44 6.99
C PHE F 98 1.42 37.75 6.85
N SER F 99 0.21 37.78 7.40
CA SER F 99 -0.64 38.96 7.30
C SER F 99 -0.11 40.05 8.22
N TRP F 100 0.62 41.00 7.64
CA TRP F 100 1.19 42.09 8.42
C TRP F 100 0.14 43.13 8.78
N SER F 101 -0.66 43.54 7.81
CA SER F 101 -1.63 44.60 8.04
C SER F 101 -2.87 44.06 8.75
N PHE F 102 -3.54 44.95 9.47
CA PHE F 102 -4.82 44.63 10.08
C PHE F 102 -5.91 44.73 9.03
N GLY F 103 -7.16 44.58 9.46
CA GLY F 103 -8.25 44.58 8.51
C GLY F 103 -8.59 45.98 8.03
N GLY F 104 -9.74 46.07 7.38
CA GLY F 104 -10.30 47.36 7.00
C GLY F 104 -11.16 47.91 8.11
N ALA F 105 -10.80 49.09 8.61
CA ALA F 105 -11.46 49.67 9.78
C ALA F 105 -12.95 49.87 9.56
N THR F 106 -13.76 48.96 10.11
CA THR F 106 -15.21 49.12 10.08
C THR F 106 -15.62 50.13 11.15
N ARG F 107 -16.17 51.26 10.72
CA ARG F 107 -16.53 52.35 11.63
C ARG F 107 -17.99 52.18 12.03
N LEU F 108 -18.21 51.54 13.18
CA LEU F 108 -19.56 51.28 13.66
C LEU F 108 -20.11 52.53 14.34
N THR F 109 -21.22 53.05 13.82
CA THR F 109 -21.92 54.19 14.40
C THR F 109 -23.27 53.72 14.91
N VAL F 110 -23.57 54.04 16.16
CA VAL F 110 -24.81 53.61 16.80
C VAL F 110 -25.86 54.70 16.63
N LEU F 111 -27.02 54.33 16.09
CA LEU F 111 -28.11 55.26 15.88
C LEU F 111 -29.08 55.21 17.06
N GLY F 112 -29.88 56.27 17.19
CA GLY F 112 -30.88 56.32 18.24
C GLY F 112 -30.36 56.64 19.61
N GLN F 113 -29.23 57.34 19.71
CA GLN F 113 -28.70 57.75 20.99
C GLN F 113 -29.44 58.98 21.51
N PRO F 114 -29.41 59.22 22.81
CA PRO F 114 -30.10 60.40 23.36
C PRO F 114 -29.53 61.70 22.79
N LYS F 115 -30.43 62.55 22.29
CA LYS F 115 -30.04 63.84 21.75
C LYS F 115 -29.88 64.82 22.91
N ALA F 116 -28.63 65.17 23.21
CA ALA F 116 -28.30 66.10 24.29
C ALA F 116 -27.77 67.40 23.71
N ALA F 117 -28.14 68.51 24.35
CA ALA F 117 -27.84 69.85 23.89
C ALA F 117 -26.54 70.36 24.51
N PRO F 118 -25.86 71.32 23.86
CA PRO F 118 -24.53 71.73 24.32
C PRO F 118 -24.53 72.46 25.65
N SER F 119 -23.32 72.84 26.10
CA SER F 119 -23.13 73.59 27.34
C SER F 119 -22.06 74.64 27.06
N VAL F 120 -22.49 75.84 26.69
CA VAL F 120 -21.58 76.91 26.30
C VAL F 120 -21.05 77.61 27.54
N THR F 121 -19.76 77.92 27.53
CA THR F 121 -19.12 78.67 28.62
C THR F 121 -18.07 79.57 28.01
N LEU F 122 -18.34 80.87 27.97
CA LEU F 122 -17.47 81.85 27.34
C LEU F 122 -16.68 82.60 28.40
N PHE F 123 -15.34 82.63 28.23
CA PHE F 123 -14.47 83.35 29.14
C PHE F 123 -13.90 84.60 28.47
N PRO F 124 -13.73 85.69 29.21
CA PRO F 124 -13.13 86.90 28.63
C PRO F 124 -11.61 86.77 28.60
N PRO F 125 -10.92 87.72 27.96
CA PRO F 125 -9.45 87.70 28.03
C PRO F 125 -8.97 87.88 29.46
N SER F 126 -7.91 87.13 29.80
CA SER F 126 -7.34 87.21 31.14
C SER F 126 -6.55 88.50 31.30
N SER F 127 -6.40 88.92 32.56
CA SER F 127 -5.65 90.14 32.85
C SER F 127 -4.19 90.02 32.47
N GLU F 128 -3.62 88.81 32.57
CA GLU F 128 -2.22 88.62 32.25
C GLU F 128 -1.95 88.78 30.76
N GLU F 129 -2.76 88.13 29.92
CA GLU F 129 -2.58 88.27 28.48
C GLU F 129 -2.98 89.65 27.99
N LEU F 130 -3.99 90.26 28.62
CA LEU F 130 -4.29 91.66 28.32
C LEU F 130 -3.12 92.56 28.67
N GLN F 131 -2.44 92.27 29.77
CA GLN F 131 -1.19 92.94 30.10
C GLN F 131 -0.05 92.50 29.19
N ALA F 132 -0.24 91.43 28.42
CA ALA F 132 0.74 90.97 27.45
C ALA F 132 0.38 91.38 26.01
N ASN F 133 -0.57 92.32 25.86
CA ASN F 133 -0.89 92.92 24.57
C ASN F 133 -1.54 91.92 23.61
N LYS F 134 -2.37 91.01 24.14
CA LYS F 134 -3.07 90.04 23.32
C LYS F 134 -4.32 89.57 24.06
N ALA F 135 -5.46 89.59 23.36
CA ALA F 135 -6.73 89.15 23.92
C ALA F 135 -7.15 87.85 23.27
N THR F 136 -7.94 87.05 23.99
CA THR F 136 -8.40 85.77 23.49
C THR F 136 -9.70 85.40 24.19
N LEU F 137 -10.80 85.37 23.43
CA LEU F 137 -12.04 84.77 23.92
C LEU F 137 -11.98 83.26 23.71
N VAL F 138 -12.46 82.51 24.69
CA VAL F 138 -12.58 81.07 24.59
C VAL F 138 -14.03 80.68 24.88
N CYS F 139 -14.63 79.96 23.94
CA CYS F 139 -16.04 79.56 24.01
C CYS F 139 -16.08 78.04 24.06
N LEU F 140 -16.20 77.50 25.27
CA LEU F 140 -16.10 76.05 25.49
C LEU F 140 -17.48 75.42 25.35
N ILE F 141 -17.59 74.44 24.44
CA ILE F 141 -18.83 73.73 24.16
C ILE F 141 -18.63 72.26 24.52
N SER F 142 -19.63 71.67 25.18
CA SER F 142 -19.46 70.30 25.66
C SER F 142 -20.82 69.66 25.86
N ASP F 143 -20.80 68.32 25.93
CA ASP F 143 -21.97 67.51 26.28
C ASP F 143 -23.11 67.67 25.27
N PHE F 144 -22.78 67.71 23.99
CA PHE F 144 -23.78 67.78 22.94
C PHE F 144 -23.72 66.53 22.07
N TYR F 145 -24.87 66.15 21.52
CA TYR F 145 -25.01 65.01 20.63
C TYR F 145 -26.24 65.24 19.76
N PRO F 146 -26.16 64.97 18.45
CA PRO F 146 -25.00 64.44 17.71
C PRO F 146 -23.85 65.44 17.59
N GLY F 147 -22.63 64.94 17.63
CA GLY F 147 -21.45 65.79 17.68
C GLY F 147 -21.16 66.56 16.40
N ALA F 148 -21.87 67.67 16.22
CA ALA F 148 -21.63 68.55 15.08
C ALA F 148 -22.31 69.88 15.38
N VAL F 149 -21.52 70.92 15.61
CA VAL F 149 -22.03 72.24 15.95
C VAL F 149 -21.42 73.28 15.03
N THR F 150 -22.12 74.40 14.88
CA THR F 150 -21.66 75.55 14.13
C THR F 150 -21.60 76.74 15.07
N VAL F 151 -20.46 77.43 15.10
CA VAL F 151 -20.22 78.53 16.02
C VAL F 151 -20.27 79.84 15.25
N ALA F 152 -20.90 80.85 15.85
CA ALA F 152 -21.01 82.18 15.26
C ALA F 152 -20.64 83.20 16.32
N TRP F 153 -19.62 83.99 16.05
CA TRP F 153 -19.19 85.06 16.93
C TRP F 153 -19.82 86.39 16.50
N LYS F 154 -20.03 87.27 17.47
CA LYS F 154 -20.66 88.56 17.21
C LYS F 154 -20.03 89.62 18.10
N ALA F 155 -19.37 90.60 17.48
CA ALA F 155 -18.96 91.82 18.18
C ALA F 155 -20.17 92.75 18.23
N ASP F 156 -20.70 92.97 19.43
CA ASP F 156 -21.99 93.63 19.61
C ASP F 156 -23.06 92.86 18.84
N SER F 157 -23.48 93.37 17.69
CA SER F 157 -24.45 92.70 16.85
C SER F 157 -23.90 92.29 15.49
N SER F 158 -22.66 92.66 15.19
CA SER F 158 -22.06 92.42 13.88
C SER F 158 -21.32 91.08 13.85
N PRO F 159 -21.35 90.38 12.72
CA PRO F 159 -20.57 89.15 12.60
C PRO F 159 -19.08 89.45 12.53
N VAL F 160 -18.28 88.48 12.97
CA VAL F 160 -16.84 88.65 13.05
C VAL F 160 -16.17 87.90 11.90
N LYS F 161 -16.20 86.57 11.96
CA LYS F 161 -15.73 85.69 10.89
C LYS F 161 -14.23 85.80 10.62
N ALA F 162 -13.56 86.79 11.20
CA ALA F 162 -12.14 87.03 10.95
C ALA F 162 -11.37 86.72 12.23
N GLY F 163 -10.46 85.75 12.15
CA GLY F 163 -9.62 85.40 13.28
C GLY F 163 -10.31 84.52 14.30
N VAL F 164 -10.98 83.48 13.84
CA VAL F 164 -11.66 82.53 14.72
C VAL F 164 -11.19 81.12 14.37
N GLU F 165 -10.93 80.32 15.40
CA GLU F 165 -10.56 78.92 15.24
C GLU F 165 -11.50 78.08 16.10
N THR F 166 -11.85 76.90 15.60
CA THR F 166 -12.83 76.05 16.26
C THR F 166 -12.42 74.59 16.16
N THR F 167 -12.51 73.88 17.27
CA THR F 167 -12.18 72.46 17.29
C THR F 167 -13.20 71.66 16.50
N THR F 168 -12.77 70.51 15.99
CA THR F 168 -13.72 69.55 15.47
C THR F 168 -14.37 68.81 16.64
N PRO F 169 -15.67 68.51 16.56
CA PRO F 169 -16.35 67.86 17.68
C PRO F 169 -15.74 66.52 18.08
N SER F 170 -14.93 66.55 19.14
CA SER F 170 -14.33 65.33 19.67
C SER F 170 -15.25 64.70 20.70
N LYS F 171 -15.12 63.40 20.87
CA LYS F 171 -16.02 62.63 21.73
C LYS F 171 -15.54 62.65 23.18
N GLN F 172 -16.49 62.69 24.10
CA GLN F 172 -16.23 62.67 25.53
C GLN F 172 -16.33 61.25 26.07
N SER F 173 -15.96 61.10 27.34
CA SER F 173 -16.06 59.80 27.99
C SER F 173 -17.52 59.40 28.24
N ASN F 174 -18.41 60.38 28.36
CA ASN F 174 -19.83 60.13 28.52
C ASN F 174 -20.55 59.91 27.19
N ASN F 175 -19.80 59.59 26.13
CA ASN F 175 -20.32 59.29 24.81
C ASN F 175 -21.01 60.48 24.16
N LYS F 176 -20.77 61.69 24.67
CA LYS F 176 -21.19 62.92 24.02
C LYS F 176 -19.96 63.62 23.45
N TYR F 177 -20.18 64.76 22.81
CA TYR F 177 -19.11 65.45 22.10
C TYR F 177 -18.84 66.81 22.70
N ALA F 178 -17.63 67.31 22.47
CA ALA F 178 -17.19 68.60 22.95
C ALA F 178 -16.28 69.25 21.92
N ALA F 179 -16.23 70.58 21.94
CA ALA F 179 -15.40 71.34 21.01
C ALA F 179 -15.16 72.73 21.58
N SER F 180 -13.91 73.19 21.48
CA SER F 180 -13.54 74.53 21.92
C SER F 180 -13.81 75.53 20.80
N SER F 181 -13.56 76.81 21.08
CA SER F 181 -13.73 77.85 20.08
C SER F 181 -13.02 79.10 20.60
N TYR F 182 -11.97 79.52 19.90
CA TYR F 182 -11.16 80.65 20.30
C TYR F 182 -11.28 81.76 19.26
N LEU F 183 -11.53 82.98 19.73
CA LEU F 183 -11.53 84.18 18.90
C LEU F 183 -10.38 85.07 19.38
N SER F 184 -9.36 85.22 18.53
CA SER F 184 -8.24 86.08 18.86
C SER F 184 -8.57 87.54 18.57
N LEU F 185 -8.28 88.42 19.51
CA LEU F 185 -8.55 89.83 19.39
C LEU F 185 -7.34 90.64 19.83
N THR F 186 -7.26 91.87 19.34
CA THR F 186 -6.31 92.82 19.87
C THR F 186 -6.85 93.39 21.18
N PRO F 187 -5.97 93.76 22.12
CA PRO F 187 -6.46 94.30 23.40
C PRO F 187 -7.29 95.56 23.25
N MET F 188 -7.16 96.28 22.14
CA MET F 188 -7.96 97.48 21.91
C MET F 188 -9.26 97.16 21.18
N GLN F 189 -9.27 96.16 20.29
CA GLN F 189 -10.51 95.75 19.66
C GLN F 189 -11.51 95.23 20.68
N TRP F 190 -11.02 94.52 21.71
CA TRP F 190 -11.87 93.98 22.75
C TRP F 190 -12.32 95.05 23.74
N LYS F 191 -11.60 96.16 23.85
CA LYS F 191 -12.00 97.25 24.73
C LYS F 191 -12.93 98.25 24.04
N MET F 192 -12.82 98.41 22.72
CA MET F 192 -13.62 99.38 21.98
C MET F 192 -15.01 98.86 21.63
N HIS F 193 -15.44 97.74 22.20
CA HIS F 193 -16.74 97.15 21.90
C HIS F 193 -17.55 96.97 23.18
N LYS F 194 -18.87 96.99 23.03
CA LYS F 194 -19.75 96.92 24.18
C LYS F 194 -19.93 95.48 24.68
N SER F 195 -20.02 94.52 23.77
CA SER F 195 -20.26 93.13 24.15
C SER F 195 -19.71 92.22 23.07
N TYR F 196 -19.58 90.94 23.44
CA TYR F 196 -19.14 89.89 22.53
C TYR F 196 -19.93 88.62 22.83
N SER F 197 -20.46 87.99 21.79
CA SER F 197 -21.32 86.83 21.92
C SER F 197 -20.68 85.61 21.28
N CYS F 198 -21.27 84.43 21.57
CA CYS F 198 -20.83 83.16 20.98
C CYS F 198 -22.10 82.34 20.67
N GLN F 199 -22.72 82.63 19.53
CA GLN F 199 -23.86 81.86 19.08
C GLN F 199 -23.43 80.45 18.72
N VAL F 200 -23.99 79.45 19.39
CA VAL F 200 -23.65 78.06 19.19
C VAL F 200 -24.91 77.34 18.73
N THR F 201 -25.01 77.07 17.43
CA THR F 201 -26.15 76.39 16.84
C THR F 201 -25.85 74.89 16.81
N HIS F 202 -26.60 74.12 17.59
CA HIS F 202 -26.49 72.66 17.61
C HIS F 202 -27.80 72.07 17.14
N GLU F 203 -27.71 71.08 16.24
CA GLU F 203 -28.88 70.54 15.54
C GLU F 203 -29.65 71.67 14.87
N GLY F 204 -30.81 72.01 15.39
CA GLY F 204 -31.59 73.09 14.81
C GLY F 204 -31.98 74.17 15.79
N SER F 205 -31.03 74.57 16.63
CA SER F 205 -31.30 75.57 17.65
C SER F 205 -29.99 76.19 18.10
N THR F 206 -30.05 77.49 18.42
CA THR F 206 -28.88 78.24 18.82
C THR F 206 -28.87 78.47 20.33
N VAL F 207 -27.67 78.71 20.86
CA VAL F 207 -27.47 79.03 22.27
C VAL F 207 -26.49 80.18 22.35
N GLU F 208 -26.93 81.30 22.92
CA GLU F 208 -26.12 82.50 23.02
C GLU F 208 -25.47 82.61 24.39
N LYS F 209 -24.21 83.06 24.40
CA LYS F 209 -23.49 83.35 25.64
C LYS F 209 -22.65 84.59 25.39
N THR F 210 -22.99 85.69 26.06
CA THR F 210 -22.36 86.98 25.83
C THR F 210 -21.41 87.33 26.97
N VAL F 211 -20.38 88.11 26.65
CA VAL F 211 -19.36 88.54 27.60
C VAL F 211 -18.93 89.96 27.23
N ALA F 212 -18.88 90.84 28.23
CA ALA F 212 -18.58 92.24 28.06
C ALA F 212 -17.33 92.62 28.86
N PRO F 213 -16.63 93.70 28.46
CA PRO F 213 -15.43 94.11 29.21
C PRO F 213 -15.75 95.06 30.36
N THR F 214 -15.93 94.52 31.56
CA THR F 214 -16.14 95.34 32.75
C THR F 214 -15.40 94.76 33.95
N ARG G 1 20.78 -13.43 -31.72
CA ARG G 1 19.95 -12.23 -31.78
C ARG G 1 20.34 -11.23 -30.70
N ALA G 2 20.30 -11.69 -29.44
CA ALA G 2 20.67 -10.83 -28.33
C ALA G 2 22.16 -10.48 -28.38
N HIS G 3 22.47 -9.23 -28.09
CA HIS G 3 23.86 -8.76 -28.16
C HIS G 3 24.02 -7.60 -27.20
N LEU G 4 24.96 -7.73 -26.27
CA LEU G 4 25.25 -6.70 -25.29
C LEU G 4 26.60 -6.07 -25.59
N VAL G 5 26.63 -4.74 -25.70
CA VAL G 5 27.83 -3.99 -26.03
C VAL G 5 28.14 -3.08 -24.86
N GLN G 6 29.24 -3.36 -24.16
CA GLN G 6 29.64 -2.58 -23.00
C GLN G 6 30.54 -1.43 -23.41
N SER G 7 31.04 -0.70 -22.41
CA SER G 7 31.85 0.49 -22.64
C SER G 7 33.34 0.15 -22.58
N GLY G 8 34.18 1.17 -22.73
CA GLY G 8 35.61 0.97 -22.71
C GLY G 8 36.18 0.87 -21.32
N THR G 9 37.44 0.46 -21.24
CA THR G 9 38.12 0.27 -19.98
C THR G 9 38.31 1.60 -19.26
N ALA G 10 38.45 1.54 -17.95
CA ALA G 10 38.52 2.72 -17.10
C ALA G 10 39.79 2.73 -16.27
N MET G 11 40.37 3.91 -16.09
CA MET G 11 41.52 4.13 -15.23
C MET G 11 41.15 5.20 -14.21
N LYS G 12 40.97 4.79 -12.95
CA LYS G 12 40.52 5.69 -11.90
C LYS G 12 41.42 5.56 -10.68
N LYS G 13 41.63 6.68 -10.00
CA LYS G 13 42.35 6.69 -8.74
C LYS G 13 41.45 6.19 -7.62
N PRO G 14 42.03 5.76 -6.49
CA PRO G 14 41.20 5.34 -5.36
C PRO G 14 40.30 6.45 -4.88
N GLY G 15 39.08 6.08 -4.49
CA GLY G 15 38.08 7.03 -4.04
C GLY G 15 37.22 7.62 -5.13
N ALA G 16 37.58 7.43 -6.40
CA ALA G 16 36.82 7.96 -7.51
C ALA G 16 35.63 7.04 -7.83
N SER G 17 34.83 7.45 -8.80
CA SER G 17 33.67 6.68 -9.24
C SER G 17 33.75 6.45 -10.73
N VAL G 18 33.13 5.36 -11.18
CA VAL G 18 33.15 4.93 -12.57
C VAL G 18 31.75 4.56 -13.01
N ARG G 19 31.39 4.92 -14.23
CA ARG G 19 30.11 4.56 -14.84
C ARG G 19 30.34 3.54 -15.94
N VAL G 20 29.61 2.42 -15.88
CA VAL G 20 29.70 1.35 -16.87
C VAL G 20 28.34 1.21 -17.52
N SER G 21 28.29 1.40 -18.84
CA SER G 21 27.07 1.27 -19.61
C SER G 21 27.04 -0.07 -20.34
N CYS G 22 25.82 -0.52 -20.66
CA CYS G 22 25.63 -1.80 -21.35
C CYS G 22 24.53 -1.61 -22.39
N GLN G 23 24.92 -1.35 -23.63
CA GLN G 23 23.97 -1.21 -24.72
C GLN G 23 23.45 -2.57 -25.15
N THR G 24 22.14 -2.68 -25.29
CA THR G 24 21.50 -3.92 -25.72
C THR G 24 20.76 -3.68 -27.04
N SER G 25 20.47 -4.77 -27.73
CA SER G 25 19.76 -4.72 -29.01
C SER G 25 19.42 -6.14 -29.45
N GLY G 26 18.25 -6.30 -30.06
CA GLY G 26 17.86 -7.57 -30.64
C GLY G 26 16.97 -8.46 -29.78
N TYR G 27 16.38 -7.93 -28.72
CA TYR G 27 15.53 -8.71 -27.84
C TYR G 27 14.73 -7.76 -26.95
N THR G 28 13.64 -8.29 -26.40
CA THR G 28 12.80 -7.50 -25.50
C THR G 28 13.56 -7.25 -24.19
N PHE G 29 14.00 -6.00 -24.00
CA PHE G 29 14.82 -5.66 -22.84
C PHE G 29 14.03 -5.78 -21.55
N THR G 30 12.75 -5.37 -21.56
CA THR G 30 11.95 -5.32 -20.34
C THR G 30 11.57 -6.69 -19.81
N ALA G 31 11.73 -7.75 -20.61
CA ALA G 31 11.33 -9.10 -20.20
C ALA G 31 12.51 -10.01 -19.90
N HIS G 32 13.73 -9.47 -19.88
CA HIS G 32 14.93 -10.25 -19.59
C HIS G 32 15.77 -9.51 -18.57
N ILE G 33 16.06 -10.17 -17.44
CA ILE G 33 16.83 -9.56 -16.37
C ILE G 33 18.27 -9.36 -16.82
N LEU G 34 18.88 -8.25 -16.41
CA LEU G 34 20.28 -7.97 -16.68
C LEU G 34 21.06 -8.03 -15.37
N PHE G 35 21.99 -8.98 -15.29
CA PHE G 35 22.84 -9.15 -14.12
C PHE G 35 24.13 -8.34 -14.30
N TRP G 36 24.99 -8.40 -13.29
CA TRP G 36 26.29 -7.75 -13.36
C TRP G 36 27.28 -8.62 -12.59
N PHE G 37 28.26 -9.19 -13.30
CA PHE G 37 29.28 -10.04 -12.72
C PHE G 37 30.65 -9.43 -12.93
N ARG G 38 31.55 -9.67 -11.97
CA ARG G 38 32.92 -9.21 -12.06
C ARG G 38 33.87 -10.36 -11.75
N GLN G 39 35.10 -10.24 -12.24
CA GLN G 39 36.10 -11.30 -12.09
C GLN G 39 37.46 -10.66 -11.91
N ALA G 40 38.02 -10.77 -10.70
CA ALA G 40 39.36 -10.28 -10.45
C ALA G 40 40.38 -11.17 -11.15
N PRO G 41 41.57 -10.62 -11.49
CA PRO G 41 42.59 -11.44 -12.15
C PRO G 41 43.02 -12.62 -11.29
N GLY G 42 42.70 -13.84 -11.72
CA GLY G 42 43.00 -15.05 -11.00
C GLY G 42 41.81 -15.63 -10.25
N ARG G 43 40.91 -14.78 -9.77
CA ARG G 43 39.74 -15.23 -9.04
C ARG G 43 38.63 -15.65 -10.00
N GLY G 44 37.54 -16.19 -9.44
CA GLY G 44 36.39 -16.56 -10.23
C GLY G 44 35.40 -15.43 -10.37
N LEU G 45 34.32 -15.71 -11.10
CA LEU G 45 33.29 -14.71 -11.35
C LEU G 45 32.55 -14.40 -10.04
N GLU G 46 32.35 -13.11 -9.78
CA GLU G 46 31.64 -12.64 -8.61
C GLU G 46 30.45 -11.80 -9.04
N TRP G 47 29.32 -11.99 -8.36
CA TRP G 47 28.08 -11.32 -8.72
C TRP G 47 27.95 -9.99 -7.99
N VAL G 48 27.62 -8.94 -8.74
CA VAL G 48 27.44 -7.60 -8.19
C VAL G 48 25.97 -7.28 -7.95
N GLY G 49 25.13 -7.52 -8.95
CA GLY G 49 23.72 -7.26 -8.82
C GLY G 49 23.02 -7.37 -10.16
N TRP G 50 21.69 -7.41 -10.10
CA TRP G 50 20.85 -7.46 -11.29
C TRP G 50 19.82 -6.33 -11.24
N ILE G 51 19.06 -6.21 -12.32
CA ILE G 51 18.04 -5.18 -12.45
C ILE G 51 17.02 -5.65 -13.48
N LYS G 52 15.75 -5.66 -13.08
CA LYS G 52 14.66 -6.05 -13.97
C LYS G 52 14.20 -4.82 -14.74
N PRO G 53 14.44 -4.74 -16.04
CA PRO G 53 14.25 -3.46 -16.76
C PRO G 53 12.81 -3.01 -16.89
N GLN G 54 11.83 -3.87 -16.65
CA GLN G 54 10.43 -3.46 -16.80
C GLN G 54 10.11 -2.30 -15.87
N TYR G 55 10.54 -2.38 -14.61
CA TYR G 55 10.36 -1.31 -13.65
C TYR G 55 11.65 -0.83 -13.01
N GLY G 56 12.73 -1.61 -13.07
CA GLY G 56 14.01 -1.19 -12.55
C GLY G 56 14.37 -1.68 -11.17
N ALA G 57 13.64 -2.65 -10.63
CA ALA G 57 13.97 -3.18 -9.31
C ALA G 57 15.34 -3.83 -9.33
N VAL G 58 16.09 -3.64 -8.24
CA VAL G 58 17.48 -4.09 -8.16
C VAL G 58 17.68 -4.93 -6.92
N ASN G 59 18.79 -5.68 -6.92
CA ASN G 59 19.22 -6.46 -5.78
C ASN G 59 20.71 -6.77 -5.98
N PHE G 60 21.48 -6.65 -4.91
CA PHE G 60 22.93 -6.69 -4.98
C PHE G 60 23.47 -7.90 -4.22
N GLY G 61 24.77 -8.10 -4.38
CA GLY G 61 25.50 -9.12 -3.63
C GLY G 61 25.97 -8.60 -2.29
N GLY G 62 27.00 -9.25 -1.76
CA GLY G 62 27.54 -8.87 -0.47
C GLY G 62 28.30 -7.56 -0.50
N GLY G 63 27.71 -6.51 0.09
CA GLY G 63 28.37 -5.24 0.25
C GLY G 63 28.16 -4.25 -0.88
N PHE G 64 27.83 -4.73 -2.09
CA PHE G 64 27.67 -3.84 -3.22
C PHE G 64 26.47 -2.91 -3.10
N ARG G 65 25.56 -3.16 -2.16
CA ARG G 65 24.38 -2.32 -2.02
C ARG G 65 24.73 -0.90 -1.58
N ASP G 66 25.77 -0.75 -0.78
CA ASP G 66 26.14 0.58 -0.28
C ASP G 66 26.89 1.41 -1.31
N ARG G 67 27.56 0.76 -2.27
CA ARG G 67 28.43 1.47 -3.20
C ARG G 67 27.98 1.41 -4.66
N VAL G 68 27.17 0.43 -5.04
CA VAL G 68 26.76 0.24 -6.42
C VAL G 68 25.29 0.64 -6.57
N THR G 69 25.00 1.37 -7.65
CA THR G 69 23.63 1.77 -7.99
C THR G 69 23.38 1.36 -9.44
N LEU G 70 22.33 0.57 -9.67
CA LEU G 70 22.01 0.05 -10.98
C LEU G 70 20.76 0.74 -11.51
N THR G 71 20.88 1.37 -12.68
CA THR G 71 19.75 2.01 -13.34
C THR G 71 19.61 1.50 -14.76
N ARG G 72 18.73 2.10 -15.56
CA ARG G 72 18.57 1.71 -16.95
C ARG G 72 17.99 2.89 -17.72
N GLN G 73 17.91 2.72 -19.05
CA GLN G 73 17.34 3.72 -19.94
C GLN G 73 16.53 2.95 -20.99
N LEU G 74 15.22 2.89 -20.79
CA LEU G 74 14.36 2.16 -21.70
C LEU G 74 14.17 2.94 -23.00
N SER G 75 13.83 2.20 -24.05
CA SER G 75 13.51 2.81 -25.33
C SER G 75 12.10 3.39 -25.28
N GLN G 76 11.88 4.44 -26.08
CA GLN G 76 10.57 5.06 -26.20
C GLN G 76 10.10 5.15 -27.64
N ASP G 77 10.85 4.59 -28.58
CA ASP G 77 10.43 4.57 -29.97
C ASP G 77 9.28 3.59 -30.12
N PRO G 78 8.09 4.01 -30.59
CA PRO G 78 6.96 3.08 -30.67
C PRO G 78 7.16 1.91 -31.63
N ASP G 79 8.26 1.89 -32.41
CA ASP G 79 8.55 0.76 -33.29
C ASP G 79 9.76 -0.05 -32.86
N ASP G 80 10.69 0.55 -32.11
CA ASP G 80 11.87 -0.13 -31.57
C ASP G 80 11.82 -0.07 -30.05
N PRO G 81 10.85 -0.74 -29.43
CA PRO G 81 10.76 -0.72 -27.96
C PRO G 81 11.52 -1.85 -27.28
N ASP G 82 12.16 -2.73 -28.06
CA ASP G 82 12.93 -3.83 -27.52
C ASP G 82 14.08 -3.33 -26.66
N TRP G 83 15.14 -2.84 -27.31
CA TRP G 83 16.42 -2.53 -26.68
C TRP G 83 16.34 -1.60 -25.49
N GLY G 84 17.41 -1.58 -24.70
CA GLY G 84 17.60 -0.63 -23.61
C GLY G 84 19.07 -0.44 -23.34
N ILE G 85 19.42 0.21 -22.24
CA ILE G 85 20.82 0.36 -21.87
C ILE G 85 20.94 0.58 -20.37
N ALA G 86 21.42 -0.45 -19.66
CA ALA G 86 21.58 -0.39 -18.23
C ALA G 86 22.86 0.36 -17.85
N TYR G 87 22.96 0.75 -16.58
CA TYR G 87 24.10 1.48 -16.08
C TYR G 87 24.47 0.96 -14.69
N MET G 88 25.77 0.82 -14.45
CA MET G 88 26.30 0.42 -13.15
C MET G 88 27.22 1.52 -12.64
N ASP G 89 26.82 2.15 -11.53
CA ASP G 89 27.59 3.22 -10.92
C ASP G 89 28.18 2.73 -9.61
N ILE G 90 29.51 2.71 -9.53
CA ILE G 90 30.24 2.25 -8.35
C ILE G 90 30.94 3.45 -7.73
N ARG G 91 30.66 3.70 -6.46
CA ARG G 91 31.25 4.81 -5.72
C ARG G 91 32.28 4.28 -4.74
N GLY G 92 33.30 5.11 -4.47
CA GLY G 92 34.36 4.72 -3.56
C GLY G 92 35.17 3.54 -4.07
N LEU G 93 35.85 3.73 -5.20
CA LEU G 93 36.60 2.65 -5.83
C LEU G 93 37.81 2.29 -4.96
N LYS G 94 37.80 1.07 -4.43
CA LYS G 94 38.93 0.52 -3.72
C LYS G 94 39.89 -0.15 -4.69
N PRO G 95 41.17 -0.28 -4.32
CA PRO G 95 42.13 -0.96 -5.22
C PRO G 95 41.74 -2.40 -5.55
N ASP G 96 41.08 -3.11 -4.63
CA ASP G 96 40.67 -4.48 -4.91
C ASP G 96 39.47 -4.56 -5.84
N ASP G 97 38.80 -3.43 -6.13
CA ASP G 97 37.74 -3.41 -7.12
C ASP G 97 38.26 -3.54 -8.54
N THR G 98 39.57 -3.67 -8.72
CA THR G 98 40.16 -3.88 -10.04
C THR G 98 39.80 -5.27 -10.53
N ALA G 99 38.98 -5.34 -11.58
CA ALA G 99 38.51 -6.61 -12.11
C ALA G 99 37.94 -6.36 -13.51
N VAL G 100 37.40 -7.43 -14.11
CA VAL G 100 36.72 -7.36 -15.39
C VAL G 100 35.23 -7.52 -15.12
N TYR G 101 34.48 -6.45 -15.34
CA TYR G 101 33.05 -6.44 -15.05
C TYR G 101 32.27 -6.86 -16.28
N TYR G 102 31.29 -7.75 -16.09
CA TYR G 102 30.52 -8.33 -17.18
C TYR G 102 29.05 -7.93 -17.07
N CYS G 103 28.44 -7.67 -18.22
CA CYS G 103 27.01 -7.39 -18.32
C CYS G 103 26.33 -8.63 -18.89
N ALA G 104 25.44 -9.23 -18.11
CA ALA G 104 24.83 -10.50 -18.46
C ALA G 104 23.33 -10.35 -18.63
N ARG G 105 22.76 -11.20 -19.49
CA ARG G 105 21.33 -11.21 -19.76
C ARG G 105 20.79 -12.63 -19.55
N ASP G 106 19.71 -12.73 -18.78
CA ASP G 106 19.09 -14.04 -18.56
C ASP G 106 18.33 -14.47 -19.80
N ARG G 107 18.36 -15.77 -20.09
CA ARG G 107 17.70 -16.29 -21.27
C ARG G 107 16.18 -16.34 -21.09
N SER G 108 15.71 -16.49 -19.85
CA SER G 108 14.30 -16.72 -19.61
C SER G 108 13.49 -15.46 -19.92
N TYR G 109 12.45 -15.62 -20.74
CA TYR G 109 11.56 -14.52 -21.07
C TYR G 109 10.59 -14.29 -19.91
N GLY G 110 10.69 -13.12 -19.29
CA GLY G 110 9.85 -12.82 -18.13
C GLY G 110 10.32 -13.43 -16.83
N ASP G 111 10.57 -14.74 -16.82
CA ASP G 111 11.06 -15.42 -15.63
C ASP G 111 12.56 -15.21 -15.48
N SER G 112 13.13 -15.78 -14.42
CA SER G 112 14.57 -15.67 -14.15
C SER G 112 15.13 -17.05 -13.88
N SER G 113 16.16 -17.43 -14.64
CA SER G 113 16.82 -18.71 -14.47
C SER G 113 18.31 -18.60 -14.24
N TRP G 114 18.88 -17.39 -14.29
CA TRP G 114 20.30 -17.13 -14.13
C TRP G 114 21.16 -17.79 -15.20
N ALA G 115 20.54 -18.41 -16.20
CA ALA G 115 21.27 -19.01 -17.32
C ALA G 115 21.61 -17.91 -18.30
N LEU G 116 22.82 -17.36 -18.17
CA LEU G 116 23.23 -16.18 -18.91
C LEU G 116 23.66 -16.60 -20.32
N ASP G 117 22.85 -16.25 -21.32
CA ASP G 117 23.08 -16.66 -22.69
C ASP G 117 23.54 -15.52 -23.59
N ALA G 118 23.62 -14.29 -23.07
CA ALA G 118 24.08 -13.14 -23.84
C ALA G 118 24.93 -12.27 -22.94
N TRP G 119 26.22 -12.19 -23.24
CA TRP G 119 27.18 -11.45 -22.43
C TRP G 119 27.76 -10.29 -23.21
N GLY G 120 28.19 -9.26 -22.49
CA GLY G 120 29.00 -8.23 -23.09
C GLY G 120 30.45 -8.64 -23.19
N GLN G 121 31.21 -7.92 -24.03
CA GLN G 121 32.61 -8.27 -24.23
C GLN G 121 33.45 -8.09 -22.98
N GLY G 122 32.99 -7.27 -22.03
CA GLY G 122 33.70 -7.08 -20.79
C GLY G 122 34.29 -5.68 -20.68
N THR G 123 34.43 -5.20 -19.46
CA THR G 123 35.00 -3.90 -19.17
C THR G 123 36.02 -4.06 -18.06
N THR G 124 37.27 -3.69 -18.34
CA THR G 124 38.36 -3.82 -17.38
C THR G 124 38.51 -2.51 -16.61
N VAL G 125 38.18 -2.54 -15.32
CA VAL G 125 38.31 -1.39 -14.45
C VAL G 125 39.50 -1.63 -13.53
N VAL G 126 40.40 -0.64 -13.46
CA VAL G 126 41.58 -0.72 -12.60
C VAL G 126 41.58 0.47 -11.66
N VAL G 127 41.90 0.22 -10.40
CA VAL G 127 41.94 1.25 -9.36
C VAL G 127 43.34 1.22 -8.76
N SER G 128 44.09 2.29 -8.95
CA SER G 128 45.45 2.38 -8.45
C SER G 128 45.84 3.83 -8.15
N HIS H 3 28.60 -22.55 -1.71
CA HIS H 3 29.93 -22.64 -2.31
C HIS H 3 29.93 -23.61 -3.48
N VAL H 4 30.74 -23.31 -4.49
CA VAL H 4 30.85 -24.14 -5.70
C VAL H 4 32.28 -24.63 -5.80
N THR H 5 32.46 -25.95 -5.87
CA THR H 5 33.77 -26.58 -5.94
C THR H 5 33.83 -27.45 -7.18
N GLN H 6 34.84 -27.21 -8.02
CA GLN H 6 35.06 -27.97 -9.24
C GLN H 6 36.32 -28.82 -9.10
N SER H 7 36.25 -30.05 -9.58
CA SER H 7 37.39 -30.97 -9.52
C SER H 7 37.50 -31.67 -10.87
N PRO H 8 38.72 -31.76 -11.44
CA PRO H 8 39.95 -31.20 -10.86
C PRO H 8 40.13 -29.72 -11.19
N SER H 9 40.96 -29.03 -10.41
CA SER H 9 41.23 -27.62 -10.68
C SER H 9 41.95 -27.45 -12.01
N SER H 10 42.96 -28.27 -12.25
CA SER H 10 43.65 -28.33 -13.54
C SER H 10 43.58 -29.76 -14.07
N LEU H 11 43.69 -29.89 -15.39
CA LEU H 11 43.50 -31.17 -16.03
C LEU H 11 44.37 -31.28 -17.27
N SER H 12 45.18 -32.33 -17.34
CA SER H 12 45.96 -32.61 -18.54
C SER H 12 45.10 -33.36 -19.54
N VAL H 13 45.05 -32.87 -20.77
CA VAL H 13 44.13 -33.38 -21.78
C VAL H 13 44.89 -33.63 -23.08
N SER H 14 44.37 -34.57 -23.86
CA SER H 14 44.87 -34.85 -25.21
C SER H 14 43.69 -34.82 -26.18
N ILE H 15 43.99 -34.49 -27.43
CA ILE H 15 42.94 -34.33 -28.43
C ILE H 15 42.30 -35.69 -28.74
N GLY H 16 40.97 -35.73 -28.67
CA GLY H 16 40.23 -36.93 -29.02
C GLY H 16 39.80 -37.81 -27.86
N ASP H 17 40.01 -37.36 -26.62
CA ASP H 17 39.69 -38.18 -25.45
C ASP H 17 38.28 -37.88 -24.95
N ARG H 18 37.80 -38.76 -24.07
CA ARG H 18 36.57 -38.52 -23.33
C ARG H 18 36.92 -37.72 -22.08
N VAL H 19 36.59 -36.43 -22.08
CA VAL H 19 36.99 -35.51 -21.03
C VAL H 19 35.74 -35.04 -20.30
N THR H 20 35.79 -35.07 -18.97
CA THR H 20 34.63 -34.71 -18.16
C THR H 20 35.12 -34.12 -16.83
N ILE H 21 34.33 -33.20 -16.28
CA ILE H 21 34.69 -32.44 -15.09
C ILE H 21 33.50 -32.41 -14.14
N ASN H 22 33.78 -32.58 -12.85
CA ASN H 22 32.76 -32.63 -11.81
C ASN H 22 32.52 -31.24 -11.22
N CYS H 23 31.33 -31.08 -10.65
CA CYS H 23 30.94 -29.85 -9.97
C CYS H 23 30.09 -30.22 -8.75
N GLN H 24 30.50 -29.77 -7.57
CA GLN H 24 29.81 -30.07 -6.33
C GLN H 24 29.23 -28.80 -5.72
N THR H 25 28.25 -28.99 -4.83
CA THR H 25 27.53 -27.90 -4.21
C THR H 25 27.43 -28.13 -2.71
N SER H 26 27.32 -27.04 -1.95
CA SER H 26 27.23 -27.11 -0.50
C SER H 26 25.86 -27.55 -0.01
N GLN H 27 24.85 -27.59 -0.88
CA GLN H 27 23.49 -27.91 -0.46
C GLN H 27 22.73 -28.46 -1.66
N GLY H 28 21.48 -28.81 -1.43
CA GLY H 28 20.63 -29.32 -2.50
C GLY H 28 20.32 -28.23 -3.52
N VAL H 29 20.50 -28.56 -4.80
CA VAL H 29 20.24 -27.63 -5.90
C VAL H 29 19.03 -28.05 -6.72
N GLY H 30 18.91 -29.34 -7.01
CA GLY H 30 17.80 -29.81 -7.83
C GLY H 30 18.23 -30.12 -9.25
N SER H 31 18.10 -29.15 -10.15
CA SER H 31 18.41 -29.40 -11.55
C SER H 31 18.94 -28.16 -12.26
N ASP H 32 18.81 -26.98 -11.65
CA ASP H 32 19.20 -25.74 -12.32
C ASP H 32 20.68 -25.45 -12.06
N LEU H 33 21.51 -26.23 -12.74
CA LEU H 33 22.96 -26.02 -12.78
C LEU H 33 23.36 -25.65 -14.20
N HIS H 34 24.23 -24.66 -14.34
CA HIS H 34 24.61 -24.13 -15.65
C HIS H 34 26.12 -24.28 -15.85
N TRP H 35 26.50 -24.67 -17.06
CA TRP H 35 27.90 -24.85 -17.43
C TRP H 35 28.32 -23.77 -18.41
N TYR H 36 29.52 -23.22 -18.19
CA TYR H 36 30.04 -22.13 -19.00
C TYR H 36 31.46 -22.45 -19.43
N GLN H 37 31.83 -21.96 -20.62
CA GLN H 37 33.19 -22.06 -21.14
C GLN H 37 33.76 -20.65 -21.24
N HIS H 38 34.95 -20.44 -20.66
CA HIS H 38 35.57 -19.13 -20.64
C HIS H 38 37.00 -19.23 -21.14
N LYS H 39 37.32 -18.46 -22.17
CA LYS H 39 38.66 -18.36 -22.73
C LYS H 39 39.26 -17.00 -22.39
N PRO H 40 40.59 -16.92 -22.28
CA PRO H 40 41.21 -15.63 -21.95
C PRO H 40 40.94 -14.58 -23.02
N GLY H 41 40.62 -13.37 -22.55
CA GLY H 41 40.34 -12.26 -23.42
C GLY H 41 38.91 -12.19 -23.94
N ARG H 42 38.20 -13.31 -23.97
CA ARG H 42 36.84 -13.37 -24.49
C ARG H 42 35.84 -13.48 -23.34
N ALA H 43 34.57 -13.39 -23.69
CA ALA H 43 33.48 -13.49 -22.74
C ALA H 43 33.08 -14.95 -22.55
N PRO H 44 32.49 -15.28 -21.39
CA PRO H 44 32.01 -16.65 -21.19
C PRO H 44 30.93 -17.02 -22.20
N LYS H 45 30.72 -18.32 -22.36
CA LYS H 45 29.77 -18.85 -23.33
C LYS H 45 28.94 -19.93 -22.65
N LEU H 46 27.64 -19.70 -22.54
CA LEU H 46 26.73 -20.66 -21.93
C LEU H 46 26.68 -21.94 -22.74
N LEU H 47 27.21 -23.03 -22.19
CA LEU H 47 27.19 -24.32 -22.87
C LEU H 47 25.89 -25.06 -22.58
N ILE H 48 25.62 -25.35 -21.31
CA ILE H 48 24.43 -26.09 -20.90
C ILE H 48 23.77 -25.36 -19.75
N HIS H 49 22.43 -25.39 -19.72
CA HIS H 49 21.65 -24.76 -18.67
C HIS H 49 20.65 -25.77 -18.12
N HIS H 50 20.33 -25.63 -16.84
CA HIS H 50 19.41 -26.53 -16.14
C HIS H 50 19.81 -27.99 -16.36
N THR H 51 20.96 -28.33 -15.76
CA THR H 51 21.58 -29.65 -15.86
C THR H 51 21.89 -30.05 -17.30
N SER H 52 20.92 -30.65 -17.99
CA SER H 52 21.20 -31.39 -19.23
C SER H 52 20.53 -30.77 -20.45
N SER H 53 20.25 -29.48 -20.45
CA SER H 53 19.65 -28.80 -21.60
C SER H 53 20.74 -28.05 -22.35
N VAL H 54 21.27 -28.69 -23.40
CA VAL H 54 22.36 -28.11 -24.17
C VAL H 54 21.85 -26.92 -24.99
N GLU H 55 22.65 -25.86 -25.04
CA GLU H 55 22.28 -24.66 -25.76
C GLU H 55 22.35 -24.89 -27.27
N ASP H 56 21.55 -24.12 -28.01
CA ASP H 56 21.54 -24.22 -29.46
C ASP H 56 22.85 -23.69 -30.04
N GLY H 57 23.31 -24.35 -31.11
CA GLY H 57 24.56 -24.01 -31.74
C GLY H 57 25.79 -24.67 -31.14
N VAL H 58 25.69 -25.16 -29.91
CA VAL H 58 26.81 -25.84 -29.26
C VAL H 58 27.04 -27.18 -29.95
N PRO H 59 28.30 -27.59 -30.17
CA PRO H 59 28.53 -28.92 -30.74
C PRO H 59 27.89 -30.02 -29.91
N SER H 60 27.32 -31.01 -30.61
CA SER H 60 26.58 -32.08 -29.95
C SER H 60 27.46 -32.99 -29.11
N ARG H 61 28.78 -32.81 -29.13
CA ARG H 61 29.66 -33.64 -28.31
C ARG H 61 29.59 -33.29 -26.84
N PHE H 62 29.19 -32.06 -26.51
CA PHE H 62 29.02 -31.69 -25.10
C PHE H 62 27.83 -32.40 -24.50
N SER H 63 27.97 -32.81 -23.24
CA SER H 63 26.91 -33.52 -22.53
C SER H 63 26.88 -33.06 -21.09
N GLY H 64 25.73 -33.25 -20.45
CA GLY H 64 25.56 -32.88 -19.05
C GLY H 64 24.71 -33.86 -18.28
N SER H 65 25.09 -34.15 -17.04
CA SER H 65 24.33 -35.04 -16.19
C SER H 65 24.61 -34.69 -14.74
N GLY H 66 23.75 -35.18 -13.85
CA GLY H 66 23.92 -34.93 -12.43
C GLY H 66 22.64 -34.56 -11.72
N PHE H 67 22.70 -34.51 -10.40
CA PHE H 67 21.54 -34.19 -9.57
C PHE H 67 22.03 -33.91 -8.15
N HIS H 68 21.18 -33.27 -7.36
CA HIS H 68 21.41 -33.03 -5.95
C HIS H 68 22.65 -32.16 -5.72
N THR H 69 23.79 -32.78 -5.41
CA THR H 69 25.01 -32.04 -5.10
C THR H 69 26.19 -32.46 -5.98
N SER H 70 25.96 -33.20 -7.07
CA SER H 70 27.02 -33.64 -7.95
C SER H 70 26.56 -33.49 -9.39
N PHE H 71 27.37 -32.80 -10.20
CA PHE H 71 27.03 -32.54 -11.59
C PHE H 71 28.25 -32.77 -12.46
N ASN H 72 28.00 -33.04 -13.75
CA ASN H 72 29.04 -33.45 -14.69
C ASN H 72 28.97 -32.62 -15.97
N LEU H 73 30.09 -32.60 -16.69
CA LEU H 73 30.20 -31.95 -18.00
C LEU H 73 31.09 -32.85 -18.86
N THR H 74 30.47 -33.74 -19.62
CA THR H 74 31.18 -34.75 -20.39
C THR H 74 31.37 -34.29 -21.83
N ILE H 75 32.59 -34.45 -22.34
CA ILE H 75 32.93 -34.13 -23.72
C ILE H 75 33.47 -35.39 -24.37
N SER H 76 32.75 -35.90 -25.38
CA SER H 76 33.19 -37.05 -26.15
C SER H 76 33.80 -36.57 -27.45
N ASP H 77 34.97 -37.12 -27.79
CA ASP H 77 35.75 -36.71 -28.97
C ASP H 77 36.10 -35.21 -28.88
N LEU H 78 36.99 -34.92 -27.94
CA LEU H 78 37.43 -33.55 -27.71
C LEU H 78 38.28 -33.06 -28.88
N GLN H 79 38.16 -31.76 -29.16
CA GLN H 79 38.87 -31.13 -30.27
C GLN H 79 39.65 -29.92 -29.75
N ALA H 80 40.28 -29.22 -30.67
CA ALA H 80 41.15 -28.09 -30.33
C ALA H 80 40.37 -26.83 -29.96
N ASP H 81 39.05 -26.85 -30.04
CA ASP H 81 38.24 -25.71 -29.63
C ASP H 81 37.80 -25.80 -28.17
N ASP H 82 37.84 -26.99 -27.57
CA ASP H 82 37.39 -27.20 -26.19
C ASP H 82 38.52 -27.04 -25.18
N ILE H 83 39.43 -26.10 -25.38
CA ILE H 83 40.54 -25.85 -24.47
C ILE H 83 40.28 -24.50 -23.81
N ALA H 84 39.81 -24.53 -22.57
CA ALA H 84 39.46 -23.33 -21.82
C ALA H 84 39.11 -23.74 -20.39
N THR H 85 38.86 -22.75 -19.54
CA THR H 85 38.33 -22.99 -18.22
C THR H 85 36.81 -23.18 -18.30
N TYR H 86 36.28 -24.04 -17.45
CA TYR H 86 34.87 -24.41 -17.47
C TYR H 86 34.25 -24.11 -16.11
N TYR H 87 33.37 -23.11 -16.07
CA TYR H 87 32.65 -22.74 -14.86
C TYR H 87 31.32 -23.45 -14.80
N CYS H 88 30.93 -23.87 -13.61
CA CYS H 88 29.58 -24.34 -13.33
C CYS H 88 28.89 -23.35 -12.40
N GLN H 89 27.67 -22.96 -12.75
CA GLN H 89 26.98 -21.85 -12.10
C GLN H 89 25.65 -22.33 -11.52
N VAL H 90 25.48 -22.14 -10.21
CA VAL H 90 24.19 -22.27 -9.55
C VAL H 90 23.80 -20.89 -9.05
N LEU H 91 22.65 -20.41 -9.51
CA LEU H 91 22.19 -19.05 -9.24
C LEU H 91 23.28 -18.05 -9.57
N GLN H 92 23.92 -17.50 -8.53
CA GLN H 92 24.88 -16.43 -8.72
C GLN H 92 26.31 -16.84 -8.40
N PHE H 93 26.53 -18.08 -7.99
CA PHE H 93 27.87 -18.51 -7.56
C PHE H 93 28.52 -19.27 -8.71
N PHE H 94 29.47 -18.62 -9.37
CA PHE H 94 30.25 -19.30 -10.40
C PHE H 94 31.42 -20.05 -9.78
N GLY H 95 31.73 -21.21 -10.32
CA GLY H 95 32.87 -21.98 -9.85
C GLY H 95 34.19 -21.35 -10.27
N ARG H 96 35.27 -21.82 -9.63
CA ARG H 96 36.59 -21.32 -9.97
C ARG H 96 37.02 -21.74 -11.37
N GLY H 97 36.61 -22.92 -11.82
CA GLY H 97 36.88 -23.38 -13.16
C GLY H 97 37.88 -24.53 -13.18
N SER H 98 38.04 -25.09 -14.38
CA SER H 98 38.97 -26.18 -14.62
C SER H 98 39.57 -25.99 -16.01
N ARG H 99 40.84 -25.59 -16.06
CA ARG H 99 41.49 -25.26 -17.32
C ARG H 99 42.07 -26.51 -17.97
N LEU H 100 41.86 -26.63 -19.27
CA LEU H 100 42.43 -27.71 -20.07
C LEU H 100 43.58 -27.17 -20.92
N HIS H 101 44.48 -28.08 -21.30
CA HIS H 101 45.63 -27.71 -22.10
C HIS H 101 46.20 -28.91 -22.85
C1 NAG I . -11.61 -43.86 -1.19
C2 NAG I . -12.93 -44.58 -1.52
C3 NAG I . -13.26 -45.60 -0.43
C4 NAG I . -12.07 -46.52 -0.17
C5 NAG I . -10.81 -45.71 0.08
C6 NAG I . -9.57 -46.57 0.21
C7 NAG I . -14.27 -42.96 -2.80
C8 NAG I . -15.44 -42.03 -2.78
N2 NAG I . -14.03 -43.64 -1.67
O3 NAG I . -14.39 -46.37 -0.83
O4 NAG I . -12.33 -47.30 1.00
O5 NAG I . -10.58 -44.81 -1.01
O6 NAG I . -9.21 -47.13 -1.05
O7 NAG I . -13.56 -43.10 -3.80
C1 NAG I . -12.52 -48.69 0.66
C2 NAG I . -12.34 -49.50 1.96
C3 NAG I . -12.64 -50.99 1.73
C4 NAG I . -13.99 -51.16 1.06
C5 NAG I . -14.04 -50.31 -0.22
C6 NAG I . -15.38 -50.37 -0.91
C7 NAG I . -9.81 -49.58 2.17
C8 NAG I . -9.68 -50.21 0.81
N2 NAG I . -11.05 -49.29 2.63
O3 NAG I . -12.63 -51.67 2.98
O4 NAG I . -14.19 -52.53 0.73
O5 NAG I . -13.81 -48.93 0.10
O6 NAG I . -16.06 -49.13 -0.82
O7 NAG I . -8.82 -49.34 2.85
C1 BMA I . -15.34 -53.03 1.46
C2 BMA I . -15.96 -54.14 0.59
C3 BMA I . -17.01 -54.96 1.37
C4 BMA I . -16.58 -55.26 2.82
C5 BMA I . -16.06 -53.99 3.51
C6 BMA I . -15.58 -54.23 4.93
O2 BMA I . -14.97 -55.06 0.14
O3 BMA I . -17.28 -56.18 0.70
O4 BMA I . -17.69 -55.77 3.56
O5 BMA I . -14.96 -53.50 2.73
O6 BMA I . -16.20 -53.28 5.79
C1 MAN I . -17.01 -53.99 6.76
C2 MAN I . -18.17 -53.06 7.19
C3 MAN I . -17.65 -51.81 7.92
C4 MAN I . -16.50 -52.11 8.92
C5 MAN I . -15.53 -53.22 8.48
C6 MAN I . -14.75 -53.78 9.64
O2 MAN I . -19.03 -53.71 8.13
O3 MAN I . -18.71 -51.17 8.64
O4 MAN I . -15.75 -50.92 9.12
O5 MAN I . -16.24 -54.32 7.88
O6 MAN I . -15.62 -54.64 10.38
C1 MAN I . -19.16 -49.85 8.17
C2 MAN I . -18.66 -49.55 6.66
C3 MAN I . -17.45 -48.58 6.55
C4 MAN I . -17.48 -47.51 7.63
C5 MAN I . -17.47 -48.22 8.97
C6 MAN I . -17.26 -47.28 10.14
O2 MAN I . -19.71 -48.95 5.89
O3 MAN I . -17.38 -47.98 5.26
O4 MAN I . -16.32 -46.70 7.52
O5 MAN I . -18.76 -48.84 9.14
O6 MAN I . -15.87 -47.23 10.42
C1 MAN I . -18.66 -56.25 0.32
C2 MAN I . -18.96 -57.74 0.01
C3 MAN I . -18.22 -58.16 -1.26
C4 MAN I . -18.55 -57.22 -2.42
C5 MAN I . -18.23 -55.77 -2.03
C6 MAN I . -18.65 -54.77 -3.10
O2 MAN I . -20.35 -57.94 -0.28
O3 MAN I . -18.51 -59.51 -1.61
O4 MAN I . -17.80 -57.59 -3.57
O5 MAN I . -18.92 -55.42 -0.81
O6 MAN I . -18.54 -53.46 -2.56
C1 NAG J . 8.25 26.73 -5.80
C2 NAG J . 9.13 27.43 -6.82
C3 NAG J . 10.50 26.75 -6.91
C4 NAG J . 11.13 26.66 -5.51
C5 NAG J . 10.15 25.99 -4.54
C6 NAG J . 10.65 25.97 -3.11
C7 NAG J . 7.87 28.55 -8.60
C8 NAG J . 7.27 28.41 -9.97
N2 NAG J . 8.51 27.47 -8.13
O3 NAG J . 11.33 27.50 -7.78
O4 NAG J . 12.31 25.88 -5.56
O5 NAG J . 8.90 26.70 -4.53
O6 NAG J . 11.26 27.21 -2.76
O7 NAG J . 7.76 29.58 -7.95
C1 NAG J . 13.47 26.71 -5.76
C2 NAG J . 14.67 26.12 -5.01
C3 NAG J . 15.92 26.94 -5.30
C4 NAG J . 16.14 27.07 -6.80
C5 NAG J . 14.90 27.63 -7.47
C6 NAG J . 15.00 27.68 -8.97
C7 NAG J . 14.06 24.95 -2.94
C8 NAG J . 13.84 25.07 -1.46
N2 NAG J . 14.41 26.07 -3.58
O3 NAG J . 17.04 26.31 -4.69
O4 NAG J . 17.24 27.94 -7.05
O5 NAG J . 13.78 26.79 -7.16
O6 NAG J . 14.20 28.73 -9.51
O7 NAG J . 13.93 23.87 -3.53
C1 NAG K . -4.18 29.83 -10.26
C2 NAG K . -5.00 30.33 -9.07
C3 NAG K . -6.19 31.17 -9.54
C4 NAG K . -5.74 32.27 -10.49
C5 NAG K . -4.90 31.68 -11.62
C6 NAG K . -4.30 32.73 -12.53
C7 NAG K . -4.72 28.67 -7.28
C8 NAG K . -5.35 27.53 -6.54
N2 NAG K . -5.45 29.22 -8.25
O3 NAG K . -6.85 31.74 -8.42
O4 NAG K . -6.87 32.91 -11.05
O5 NAG K . -3.79 30.95 -11.07
O6 NAG K . -4.19 32.26 -13.87
O7 NAG K . -3.59 29.08 -7.01
C1 NAG K . -6.87 34.31 -10.66
C2 NAG K . -8.00 35.02 -11.40
C3 NAG K . -8.05 36.49 -10.99
C4 NAG K . -8.11 36.62 -9.47
C5 NAG K . -6.98 35.83 -8.81
C6 NAG K . -7.06 35.80 -7.31
C7 NAG K . -8.68 34.22 -13.62
C8 NAG K . -8.36 34.20 -15.08
N2 NAG K . -7.84 34.90 -12.84
O3 NAG K . -9.19 37.10 -11.57
O4 NAG K . -7.99 37.98 -9.09
O5 NAG K . -7.04 34.46 -9.25
O6 NAG K . -5.99 35.05 -6.75
O7 NAG K . -9.65 33.62 -13.15
C1 BMA K . -9.23 38.45 -8.52
C2 BMA K . -8.92 39.62 -7.58
C3 BMA K . -10.21 40.13 -6.96
C4 BMA K . -11.35 40.34 -8.00
C5 BMA K . -11.45 39.19 -9.02
C6 BMA K . -12.31 39.55 -10.21
O2 BMA K . -8.37 40.70 -8.32
O3 BMA K . -10.00 41.35 -6.25
O4 BMA K . -12.58 40.48 -7.32
O5 BMA K . -10.14 38.86 -9.52
O6 BMA K . -12.32 40.98 -10.32
C1 MAN K . -9.48 41.07 -4.94
C2 MAN K . -10.46 41.71 -3.89
C3 MAN K . -10.23 43.22 -3.75
C4 MAN K . -8.73 43.54 -3.62
C5 MAN K . -7.99 42.98 -4.83
C6 MAN K . -6.51 43.29 -4.83
O2 MAN K . -10.26 41.16 -2.58
O3 MAN K . -10.95 43.77 -2.67
O4 MAN K . -8.53 44.95 -3.55
O5 MAN K . -8.15 41.55 -4.81
O6 MAN K . -5.81 42.14 -4.39
C1 MAN K . -12.02 41.36 -11.69
C2 MAN K . -10.91 42.45 -11.65
C3 MAN K . -11.47 43.79 -11.19
C4 MAN K . -12.73 44.16 -11.98
C5 MAN K . -13.77 43.04 -11.80
C6 MAN K . -15.06 43.30 -12.55
O2 MAN K . -10.36 42.68 -12.95
O3 MAN K . -10.51 44.84 -11.31
O4 MAN K . -13.28 45.37 -11.48
O5 MAN K . -13.20 41.82 -12.33
O6 MAN K . -16.14 42.79 -11.77
C1 NAG L . 11.48 12.87 -22.36
C2 NAG L . 12.65 11.90 -22.61
C3 NAG L . 13.12 11.28 -21.29
C4 NAG L . 13.40 12.36 -20.26
C5 NAG L . 12.21 13.30 -20.12
C6 NAG L . 12.45 14.48 -19.21
C7 NAG L . 12.66 10.87 -24.84
C8 NAG L . 12.18 9.73 -25.67
N2 NAG L . 12.28 10.87 -23.56
O3 NAG L . 14.28 10.50 -21.52
O4 NAG L . 13.65 11.73 -19.00
O5 NAG L . 11.87 13.84 -21.40
O6 NAG L . 12.22 14.14 -17.84
O7 NAG L . 13.36 11.76 -25.30
C1 NAG L . 14.87 12.20 -18.38
C2 NAG L . 15.12 11.35 -17.13
C3 NAG L . 16.40 11.81 -16.43
C4 NAG L . 17.57 11.80 -17.42
C5 NAG L . 17.23 12.61 -18.66
C6 NAG L . 18.30 12.54 -19.73
C7 NAG L . 12.98 10.54 -16.25
C8 NAG L . 11.90 10.76 -15.25
N2 NAG L . 13.99 11.42 -16.23
O3 NAG L . 16.67 10.94 -15.34
O4 NAG L . 18.72 12.37 -16.79
O5 NAG L . 16.02 12.11 -19.26
O6 NAG L . 17.83 11.89 -20.90
O7 NAG L . 12.95 9.61 -17.05
C1 NAG M . -10.93 -1.94 -0.88
C2 NAG M . -10.79 -0.69 -1.76
C3 NAG M . -11.58 0.47 -1.16
C4 NAG M . -13.02 0.07 -0.92
C5 NAG M . -13.08 -1.18 -0.05
C6 NAG M . -14.48 -1.70 0.15
C7 NAG M . -8.74 -0.46 -3.08
C8 NAG M . -7.31 -0.05 -3.08
N2 NAG M . -9.40 -0.33 -1.93
O3 NAG M . -11.52 1.59 -2.05
O4 NAG M . -13.74 1.13 -0.29
O5 NAG M . -12.34 -2.24 -0.68
O6 NAG M . -14.67 -2.94 -0.53
O7 NAG M . -9.29 -0.90 -4.09
C1 NAG M . -14.69 1.68 -1.24
C2 NAG M . -15.95 2.11 -0.50
C3 NAG M . -16.95 2.73 -1.47
C4 NAG M . -16.30 3.85 -2.27
C5 NAG M . -15.02 3.36 -2.93
C6 NAG M . -14.24 4.47 -3.62
C7 NAG M . -16.47 0.85 1.54
C8 NAG M . -17.15 -0.36 2.11
N2 NAG M . -16.55 1.00 0.22
O3 NAG M . -18.07 3.23 -0.75
O4 NAG M . -17.21 4.31 -3.27
O5 NAG M . -14.13 2.80 -1.95
O6 NAG M . -13.17 4.92 -2.82
O7 NAG M . -15.87 1.64 2.25
C1 BMA M . -17.56 5.69 -3.01
C2 BMA M . -17.62 6.42 -4.37
C3 BMA M . -17.93 7.90 -4.12
C4 BMA M . -19.16 8.09 -3.20
C5 BMA M . -19.11 7.17 -1.95
C6 BMA M . -20.42 7.18 -1.18
O2 BMA M . -18.67 5.91 -5.16
O3 BMA M . -18.13 8.59 -5.34
O4 BMA M . -19.23 9.45 -2.78
O5 BMA M . -18.81 5.82 -2.34
O6 BMA M . -20.53 5.98 -0.43
C1 MAN M . -21.38 6.24 0.72
C2 MAN M . -21.17 5.08 1.75
C3 MAN M . -21.88 3.82 1.28
C4 MAN M . -23.34 4.10 0.92
C5 MAN M . -23.39 5.18 -0.17
C6 MAN M . -24.80 5.56 -0.57
O2 MAN M . -21.76 5.41 3.01
O3 MAN M . -21.81 2.78 2.26
O4 MAN M . -23.97 2.92 0.44
O5 MAN M . -22.75 6.37 0.32
O6 MAN M . -25.08 5.01 -1.86
C1 NAG N . 13.74 -25.21 -6.43
C2 NAG N . 15.02 -25.94 -6.01
C3 NAG N . 14.95 -27.41 -6.42
C4 NAG N . 13.67 -28.06 -5.94
C5 NAG N . 12.46 -27.23 -6.36
C6 NAG N . 11.14 -27.74 -5.81
C7 NAG N . 16.98 -24.46 -5.92
C8 NAG N . 18.14 -23.89 -6.69
N2 NAG N . 16.18 -25.29 -6.60
O3 NAG N . 16.07 -28.09 -5.86
O4 NAG N . 13.56 -29.35 -6.52
O5 NAG N . 12.62 -25.88 -5.87
O6 NAG N . 10.89 -27.23 -4.51
O7 NAG N . 16.78 -24.17 -4.74
C1 NAG N . 13.39 -30.37 -5.51
C2 NAG N . 12.69 -31.55 -6.18
C3 NAG N . 12.51 -32.71 -5.19
C4 NAG N . 13.84 -33.07 -4.55
C5 NAG N . 14.49 -31.82 -3.94
C6 NAG N . 15.87 -32.07 -3.37
C7 NAG N . 11.23 -30.69 -7.96
C8 NAG N . 9.83 -30.31 -8.35
N2 NAG N . 11.39 -31.15 -6.71
O3 NAG N . 11.99 -33.84 -5.87
O4 NAG N . 13.65 -34.03 -3.52
O5 NAG N . 14.64 -30.81 -4.96
O6 NAG N . 16.55 -33.07 -4.11
O7 NAG N . 12.17 -30.58 -8.75
C1 NAG O . -9.35 3.33 9.73
C2 NAG O . -8.92 3.29 11.20
C3 NAG O . -9.93 2.52 12.03
C4 NAG O . -11.33 3.08 11.82
C5 NAG O . -11.66 3.12 10.33
C6 NAG O . -12.99 3.77 10.03
C7 NAG O . -6.46 3.41 11.19
C8 NAG O . -5.18 2.65 11.36
N2 NAG O . -7.59 2.71 11.33
O3 NAG O . -9.58 2.60 13.41
O4 NAG O . -12.29 2.27 12.49
O5 NAG O . -10.66 3.88 9.63
O6 NAG O . -12.82 5.09 9.53
O7 NAG O . -6.46 4.61 10.91
C1 NAG O . -12.93 3.03 13.53
C2 NAG O . -14.34 2.47 13.74
C3 NAG O . -15.04 3.21 14.86
C4 NAG O . -14.19 3.21 16.13
C5 NAG O . -12.79 3.74 15.82
C6 NAG O . -11.85 3.67 17.00
C7 NAG O . -15.83 1.54 12.03
C8 NAG O . -16.57 1.80 10.76
N2 NAG O . -15.12 2.56 12.51
O3 NAG O . -16.30 2.60 15.13
O4 NAG O . -14.79 4.02 17.14
O5 NAG O . -12.20 2.98 14.77
O6 NAG O . -11.56 2.32 17.35
O7 NAG O . -15.88 0.45 12.61
C1 NAG P . -15.71 20.79 -0.69
C2 NAG P . -16.70 20.59 0.45
C3 NAG P . -18.13 20.69 -0.07
C4 NAG P . -18.34 21.97 -0.85
C5 NAG P . -17.26 22.13 -1.92
C6 NAG P . -17.31 23.47 -2.62
C7 NAG P . -15.60 19.14 2.10
C8 NAG P . -15.51 17.76 2.68
N2 NAG P . -16.49 19.31 1.11
O3 NAG P . -19.03 20.64 1.04
O4 NAG P . -19.61 21.95 -1.51
O5 NAG P . -15.96 22.04 -1.32
O6 NAG P . -16.23 23.63 -3.53
O7 NAG P . -14.91 20.06 2.53
C1 NAG P . -20.54 22.83 -0.85
C2 NAG P . -21.43 23.48 -1.92
C3 NAG P . -22.46 24.37 -1.26
C4 NAG P . -23.26 23.59 -0.23
C5 NAG P . -22.32 22.94 0.78
C6 NAG P . -23.03 22.04 1.75
C7 NAG P . -20.48 23.86 -4.15
C8 NAG P . -19.63 24.76 -5.01
N2 NAG P . -20.63 24.23 -2.88
O3 NAG P . -23.34 24.90 -2.26
O4 NAG P . -24.15 24.47 0.47
O5 NAG P . -21.36 22.11 0.08
O6 NAG P . -22.33 21.94 2.98
O7 NAG P . -20.99 22.84 -4.59
C1 NAG Q . -3.71 9.32 10.36
C2 NAG Q . -4.99 9.87 10.99
C3 NAG Q . -4.90 11.38 11.12
C4 NAG Q . -3.62 11.78 11.87
C5 NAG Q . -2.39 11.05 11.31
C6 NAG Q . -1.18 11.22 12.18
C7 NAG Q . -6.66 9.64 9.09
C8 NAG Q . -5.79 10.44 8.17
N2 NAG Q . -6.23 9.43 10.35
O3 NAG Q . -6.07 11.84 11.79
O4 NAG Q . -3.37 13.18 11.74
O5 NAG Q . -2.61 9.64 11.17
O6 NAG Q . -0.99 10.10 13.03
O7 NAG Q . -7.74 9.19 8.71
C1 NAG Q . -4.21 13.94 12.64
C2 NAG Q . -3.39 14.99 13.37
C3 NAG Q . -4.30 15.84 14.26
C4 NAG Q . -5.48 16.39 13.46
C5 NAG Q . -6.18 15.27 12.69
C6 NAG Q . -7.25 15.78 11.76
C7 NAG Q . -1.13 14.93 14.33
C8 NAG Q . -0.17 14.15 15.19
N2 NAG Q . -2.34 14.38 14.17
O3 NAG Q . -3.56 16.90 14.83
O4 NAG Q . -6.45 16.96 14.33
O5 NAG Q . -5.23 14.56 11.88
O6 NAG Q . -6.71 16.24 10.53
O7 NAG Q . -0.82 15.99 13.81
C1 BMA Q . -6.29 18.39 14.38
C2 BMA Q . -7.69 19.02 14.37
C3 BMA Q . -7.65 20.51 14.71
C4 BMA Q . -6.64 20.84 15.86
C5 BMA Q . -5.31 20.10 15.66
C6 BMA Q . -4.39 20.25 16.85
O2 BMA Q . -8.51 18.40 15.34
O3 BMA Q . -8.96 20.95 15.07
O4 BMA Q . -6.37 22.23 15.91
O5 BMA Q . -5.58 18.72 15.53
O6 BMA Q . -5.07 19.72 17.98
C1 MAN Q . -9.19 22.34 14.70
C2 MAN Q . -10.63 22.71 15.17
C3 MAN Q . -11.67 22.21 14.17
C4 MAN Q . -11.32 22.69 12.77
C5 MAN Q . -9.98 22.07 12.38
C6 MAN Q . -9.54 22.46 10.98
O2 MAN Q . -10.81 24.12 15.23
O3 MAN Q . -12.99 22.63 14.52
O4 MAN Q . -12.32 22.28 11.84
O5 MAN Q . -8.97 22.56 13.30
O6 MAN Q . -8.76 23.66 11.08
C1 MAN Q . -11.00 24.51 16.61
C2 MAN Q . -12.02 25.67 16.64
C3 MAN Q . -11.40 26.96 16.09
C4 MAN Q . -10.03 27.23 16.75
C5 MAN Q . -9.13 26.02 16.56
C6 MAN Q . -7.75 26.20 17.20
O2 MAN Q . -12.45 25.97 17.96
O3 MAN Q . -12.26 28.08 16.27
O4 MAN Q . -9.43 28.37 16.15
O5 MAN Q . -9.75 24.88 17.18
O6 MAN Q . -7.93 26.32 18.61
C1 MAN Q . -13.67 25.26 18.24
C2 MAN Q . -14.49 26.12 19.22
C3 MAN Q . -13.76 26.18 20.58
C4 MAN Q . -13.37 24.76 21.07
C5 MAN Q . -12.60 24.01 19.98
C6 MAN Q . -12.31 22.57 20.35
O2 MAN Q . -15.76 25.53 19.49
O3 MAN Q . -14.55 26.84 21.56
O4 MAN Q . -12.55 24.88 22.22
O5 MAN Q . -13.39 23.98 18.77
O6 MAN Q . -11.51 21.99 19.32
C1 MAN Q . -4.16 19.59 19.09
C2 MAN Q . -4.87 18.73 20.15
C3 MAN Q . -6.08 19.48 20.73
C4 MAN Q . -5.70 20.91 21.17
C5 MAN Q . -4.95 21.66 20.05
C6 MAN Q . -4.38 22.98 20.52
O2 MAN Q . -4.01 18.47 21.26
O3 MAN Q . -6.63 18.78 21.84
O4 MAN Q . -6.89 21.62 21.48
O5 MAN Q . -3.84 20.87 19.61
O6 MAN Q . -3.37 22.70 21.50
C1 MAN Q . -3.08 23.88 22.27
C2 MAN Q . -1.87 23.55 23.19
C3 MAN Q . -2.33 22.59 24.28
C4 MAN Q . -3.52 23.16 25.05
C5 MAN Q . -4.66 23.41 24.06
C6 MAN Q . -5.87 24.05 24.71
O2 MAN Q . -1.42 24.75 23.85
O3 MAN Q . -1.27 22.23 25.19
O4 MAN Q . -3.94 22.25 26.04
O5 MAN Q . -4.22 24.31 23.01
O6 MAN Q . -6.84 24.30 23.70
C1 MAN Q . 0.03 24.77 23.96
C2 MAN Q . 0.47 26.15 24.57
C3 MAN Q . 0.45 27.25 23.51
C4 MAN Q . 1.23 26.82 22.28
C5 MAN Q . 0.59 25.56 21.70
C6 MAN Q . 1.30 25.04 20.47
O2 MAN Q . 1.80 26.11 25.06
O3 MAN Q . 0.96 28.48 24.02
O4 MAN Q . 1.21 27.85 21.30
O5 MAN Q . 0.65 24.51 22.69
O6 MAN Q . 0.36 24.28 19.72
C1 MAN Q . -7.58 17.78 21.39
C2 MAN Q . -8.81 17.86 22.36
C3 MAN Q . -9.52 16.50 22.60
C4 MAN Q . -8.58 15.27 22.52
C5 MAN Q . -7.13 15.70 22.51
C6 MAN Q . -6.16 14.54 22.40
O2 MAN Q . -9.81 18.74 21.85
O3 MAN Q . -10.63 16.33 21.71
O4 MAN Q . -8.82 14.43 23.64
O5 MAN Q . -6.95 16.52 21.34
O6 MAN Q . -4.84 15.06 22.24
C1 NAG R . 10.75 8.12 2.19
C2 NAG R . 11.55 9.00 1.23
C3 NAG R . 13.00 9.09 1.69
C4 NAG R . 13.10 9.52 3.15
C5 NAG R . 12.22 8.61 4.01
C6 NAG R . 12.15 9.05 5.45
C7 NAG R . 11.54 9.31 -1.21
C8 NAG R . 11.43 8.63 -2.53
N2 NAG R . 11.46 8.51 -0.12
O3 NAG R . 13.68 10.02 0.84
O4 NAG R . 14.44 9.39 3.62
O5 NAG R . 10.87 8.62 3.52
O6 NAG R . 10.95 8.61 6.07
O7 NAG R . 11.69 10.52 -1.10
C1 NAG R . 15.25 10.53 3.33
C2 NAG R . 15.92 11.05 4.61
C3 NAG R . 16.88 12.20 4.28
C4 NAG R . 17.87 11.77 3.21
C5 NAG R . 17.12 11.24 1.99
C6 NAG R . 18.04 10.71 0.92
C7 NAG R . 14.74 10.87 6.75
C8 NAG R . 13.67 11.46 7.63
N2 NAG R . 14.93 11.49 5.58
O3 NAG R . 17.58 12.59 5.46
O4 NAG R . 18.68 12.88 2.82
O5 NAG R . 16.26 10.17 2.38
O6 NAG R . 17.36 10.56 -0.32
O7 NAG R . 15.38 9.89 7.09
C1 NAG S . -11.24 -6.29 5.61
C2 NAG S . -12.40 -6.58 4.68
C3 NAG S . -13.68 -6.69 5.47
C4 NAG S . -13.65 -7.97 6.30
C5 NAG S . -12.25 -8.29 6.84
C6 NAG S . -11.57 -9.45 6.16
C7 NAG S . -12.23 -5.78 2.36
C8 NAG S . -11.76 -7.16 2.02
N2 NAG S . -12.52 -5.56 3.64
O3 NAG S . -14.79 -6.72 4.58
O4 NAG S . -14.55 -7.87 7.39
O5 NAG S . -11.34 -7.16 6.82
O6 NAG S . -10.47 -9.94 6.90
O7 NAG S . -12.33 -4.90 1.51
C1 NAG S . -15.05 -9.20 7.65
C2 NAG S . -16.16 -9.15 8.71
C3 NAG S . -16.75 -10.53 8.94
C4 NAG S . -17.19 -11.15 7.62
C5 NAG S . -16.04 -11.13 6.62
C6 NAG S . -16.43 -11.63 5.25
C7 NAG S . -15.94 -7.35 10.37
C8 NAG S . -15.35 -6.94 11.69
N2 NAG S . -15.67 -8.59 9.96
O3 NAG S . -17.86 -10.43 9.83
O4 NAG S . -17.61 -12.49 7.83
O5 NAG S . -15.57 -9.79 6.45
O6 NAG S . -16.52 -10.56 4.31
O7 NAG S . -16.64 -6.58 9.71
C1 NAG T . -0.79 -57.38 -30.06
C2 NAG T . -1.21 -58.44 -31.10
C3 NAG T . -0.07 -58.69 -32.09
C4 NAG T . 0.43 -57.39 -32.68
C5 NAG T . 0.83 -56.43 -31.56
C6 NAG T . 1.27 -55.08 -32.06
C7 NAG T . -2.89 -60.02 -30.28
C8 NAG T . -3.12 -61.34 -29.60
N2 NAG T . -1.61 -59.68 -30.45
O3 NAG T . -0.54 -59.55 -33.12
O4 NAG T . 1.55 -57.62 -33.53
O5 NAG T . -0.30 -56.22 -30.71
O6 NAG T . 1.21 -54.10 -31.04
O7 NAG T . -3.82 -59.31 -30.64
C1 NAG U . -5.28 -62.96 -14.38
C2 NAG U . -5.61 -64.14 -15.30
C3 NAG U . -4.34 -64.69 -15.94
C4 NAG U . -3.56 -63.59 -16.63
C5 NAG U . -3.31 -62.44 -15.65
C6 NAG U . -2.62 -61.25 -16.30
C7 NAG U . -7.64 -65.30 -14.53
C8 NAG U . -8.19 -66.44 -13.73
N2 NAG U . -6.31 -65.19 -14.56
O3 NAG U . -4.69 -65.70 -16.89
O4 NAG U . -2.32 -64.08 -17.11
O5 NAG U . -4.56 -61.97 -15.13
O6 NAG U . -1.79 -60.57 -15.38
O7 NAG U . -8.37 -64.51 -15.12
C1 NAG V . 5.01 -44.95 -23.96
C2 NAG V . 5.38 -45.94 -22.85
C3 NAG V . 6.51 -45.38 -21.99
C4 NAG V . 7.68 -44.95 -22.85
C5 NAG V . 7.21 -43.98 -23.93
C6 NAG V . 8.30 -43.58 -24.90
C7 NAG V . 4.09 -47.41 -21.37
C8 NAG V . 2.84 -47.58 -20.58
N2 NAG V . 4.22 -46.27 -22.04
O3 NAG V . 6.93 -46.37 -21.06
O4 NAG V . 8.68 -44.32 -22.05
O5 NAG V . 6.17 -44.60 -24.71
O6 NAG V . 9.22 -42.66 -24.29
O7 NAG V . 4.96 -48.28 -21.41
C1 NAG W . -4.02 -46.97 22.32
C2 NAG W . -3.69 -45.50 22.00
C3 NAG W . -4.49 -44.55 22.91
C4 NAG W . -5.96 -44.93 22.95
C5 NAG W . -6.11 -46.41 23.28
C6 NAG W . -7.55 -46.87 23.29
C7 NAG W . -1.64 -44.11 21.92
C8 NAG W . -0.16 -44.09 22.16
N2 NAG W . -2.26 -45.26 22.16
O3 NAG W . -4.38 -43.21 22.41
O4 NAG W . -6.64 -44.16 23.94
O5 NAG W . -5.43 -47.17 22.28
O6 NAG W . -8.32 -46.13 24.24
O7 NAG W . -2.25 -43.12 21.51
C1 NAG X . -0.82 33.15 -25.79
C2 NAG X . 0.35 33.18 -24.80
C3 NAG X . 0.85 34.61 -24.61
C4 NAG X . 1.20 35.23 -25.96
C5 NAG X . -0.01 35.13 -26.91
C6 NAG X . 0.30 35.63 -28.30
C7 NAG X . 0.37 31.42 -23.09
C8 NAG X . -0.13 30.99 -21.74
N2 NAG X . -0.05 32.61 -23.52
O3 NAG X . 2.00 34.60 -23.77
O4 NAG X . 1.55 36.60 -25.79
O5 NAG X . -0.41 33.76 -27.03
O6 NAG X . 1.33 36.60 -28.29
O7 NAG X . 1.12 30.72 -23.76
C1 NAG Y . 5.80 -27.04 -0.61
C2 NAG Y . 7.26 -26.66 -0.82
C3 NAG Y . 7.99 -27.78 -1.57
C4 NAG Y . 7.82 -29.10 -0.82
C5 NAG Y . 6.34 -29.39 -0.58
C6 NAG Y . 6.11 -30.61 0.28
C7 NAG Y . 8.41 -24.57 -1.41
C8 NAG Y . 8.37 -23.32 -2.23
N2 NAG Y . 7.38 -25.41 -1.56
O3 NAG Y . 9.36 -27.45 -1.69
O4 NAG Y . 8.38 -30.16 -1.58
O5 NAG Y . 5.72 -28.28 0.11
O6 NAG Y . 5.70 -30.25 1.59
O7 NAG Y . 9.34 -24.81 -0.64
C1 NAG Z . 15.10 4.43 1.67
C2 NAG Z . 14.79 5.68 0.85
C3 NAG Z . 16.04 6.53 0.71
C4 NAG Z . 16.63 6.84 2.08
C5 NAG Z . 16.85 5.56 2.86
C6 NAG Z . 17.31 5.80 4.29
C7 NAG Z . 12.93 5.24 -0.69
C8 NAG Z . 12.54 4.88 -2.09
N2 NAG Z . 14.24 5.34 -0.45
O3 NAG Z . 15.71 7.75 0.04
O4 NAG Z . 17.87 7.52 1.93
O5 NAG Z . 15.64 4.80 2.95
O6 NAG Z . 16.24 5.68 5.20
O7 NAG Z . 12.09 5.46 0.19
#